data_7MTT
# 
_entry.id   7MTT 
# 
_audit_conform.dict_name       mmcif_pdbx.dic 
_audit_conform.dict_version    5.380 
_audit_conform.dict_location   http://mmcif.pdb.org/dictionaries/ascii/mmcif_pdbx.dic 
# 
loop_
_database_2.database_id 
_database_2.database_code 
_database_2.pdbx_database_accession 
_database_2.pdbx_DOI 
PDB   7MTT         pdb_00007mtt 10.2210/pdb7mtt/pdb 
WWPDB D_1000256868 ?            ?                   
# 
_pdbx_database_status.status_code                     REL 
_pdbx_database_status.status_code_sf                  REL 
_pdbx_database_status.status_code_mr                  ? 
_pdbx_database_status.entry_id                        7MTT 
_pdbx_database_status.recvd_initial_deposition_date   2021-05-13 
_pdbx_database_status.SG_entry                        N 
_pdbx_database_status.deposit_site                    RCSB 
_pdbx_database_status.process_site                    RCSB 
_pdbx_database_status.status_code_cs                  ? 
_pdbx_database_status.status_code_nmr_data            ? 
_pdbx_database_status.methods_development_category    ? 
_pdbx_database_status.pdb_format_compatible           Y 
# 
loop_
_audit_author.name 
_audit_author.pdbx_ordinal 
_audit_author.identifier_ORCID 
'Tripathi, P.' 1 0000-0003-1282-2848 
'Bruner, S.D.' 2 0000-0002-0522-480X 
# 
loop_
_citation.abstract 
_citation.abstract_id_CAS 
_citation.book_id_ISBN 
_citation.book_publisher 
_citation.book_publisher_city 
_citation.book_title 
_citation.coordinate_linkage 
_citation.country 
_citation.database_id_Medline 
_citation.details 
_citation.id 
_citation.journal_abbrev 
_citation.journal_id_ASTM 
_citation.journal_id_CSD 
_citation.journal_id_ISSN 
_citation.journal_full 
_citation.journal_issue 
_citation.journal_volume 
_citation.language 
_citation.page_first 
_citation.page_last 
_citation.title 
_citation.year 
_citation.database_id_CSD 
_citation.pdbx_database_id_DOI 
_citation.pdbx_database_id_PubMed 
_citation.pdbx_database_id_patent 
_citation.unpublished_flag 
? ? ? ? ? ? ? US ? ? primary Biochemistry                           BICHAW 0033 0006-2960 ? ? 60 ? 1619 1625 
'Structural Basis for the Interactions of the Colibactin Resistance Gene Product ClbS with DNA.' 2021 ? 
10.1021/acs.biochem.1c00201 33945270 ? ? 
? ? ? ? ? ? ? US ? ? 1       'Journal of American Chemical Society' JACSAT ?    1520-5126 ? ? ?  ? ?    ?    
'ClbS Is a Cyclopropane Hydrolase That Confers Colibactin Resistance'                            2017 ? 10.1021/jacs.7b09971 
29112397 ? ? 
# 
loop_
_citation_author.citation_id 
_citation_author.name 
_citation_author.ordinal 
_citation_author.identifier_ORCID 
primary 'Tripathi, P.' 1 ? 
primary 'Bruner, S.D.' 2 ? 
1       'Tripathi, P.' 3 ? 
1       'Bruner, S.D.' 4 ? 
# 
_cell.angle_alpha                  90.000 
_cell.angle_alpha_esd              ? 
_cell.angle_beta                   90.000 
_cell.angle_beta_esd               ? 
_cell.angle_gamma                  90.000 
_cell.angle_gamma_esd              ? 
_cell.entry_id                     7MTT 
_cell.details                      ? 
_cell.formula_units_Z              ? 
_cell.length_a                     50.545 
_cell.length_a_esd                 ? 
_cell.length_b                     60.173 
_cell.length_b_esd                 ? 
_cell.length_c                     66.497 
_cell.length_c_esd                 ? 
_cell.volume                       ? 
_cell.volume_esd                   ? 
_cell.Z_PDB                        4 
_cell.reciprocal_angle_alpha       ? 
_cell.reciprocal_angle_beta        ? 
_cell.reciprocal_angle_gamma       ? 
_cell.reciprocal_angle_alpha_esd   ? 
_cell.reciprocal_angle_beta_esd    ? 
_cell.reciprocal_angle_gamma_esd   ? 
_cell.reciprocal_length_a          ? 
_cell.reciprocal_length_b          ? 
_cell.reciprocal_length_c          ? 
_cell.reciprocal_length_a_esd      ? 
_cell.reciprocal_length_b_esd      ? 
_cell.reciprocal_length_c_esd      ? 
_cell.pdbx_unique_axis             ? 
# 
_symmetry.entry_id                         7MTT 
_symmetry.cell_setting                     ? 
_symmetry.Int_Tables_number                19 
_symmetry.space_group_name_Hall            ? 
_symmetry.space_group_name_H-M             'P 21 21 21' 
_symmetry.pdbx_full_space_group_name_H-M   ? 
# 
loop_
_entity.id 
_entity.type 
_entity.src_method 
_entity.pdbx_description 
_entity.formula_weight 
_entity.pdbx_number_of_molecules 
_entity.pdbx_ec 
_entity.pdbx_mutation 
_entity.pdbx_fragment 
_entity.details 
1 polymer     man 'Colibactin self-protection protein ClbS'   20747.664 1  ? ? ? ? 
2 non-polymer syn '2-[N-CYCLOHEXYLAMINO]ETHANE SULFONIC ACID' 207.290   2  ? ? ? ? 
3 water       nat water                                       18.015    50 ? ? ? ? 
# 
_entity_poly.entity_id                      1 
_entity_poly.type                           'polypeptide(L)' 
_entity_poly.nstd_linkage                   no 
_entity_poly.nstd_monomer                   no 
_entity_poly.pdbx_seq_one_letter_code       
;MAVPSSKEELIKAINSNFSLLNKKLESITPQLAFEPLLEGHAKGTTISVANLVSYLIGWGELVLHWHDQEAKGKTIIFPE
EGFKWNELGRLAQKFYRDYEDITEYEVLLARLKENKQQLVALIERFSNDELYGKPWYNKWTRGRMIQFNTASPYKNASGR
LNKLQKCLAELEHHHHHH
;
_entity_poly.pdbx_seq_one_letter_code_can   
;MAVPSSKEELIKAINSNFSLLNKKLESITPQLAFEPLLEGHAKGTTISVANLVSYLIGWGELVLHWHDQEAKGKTIIFPE
EGFKWNELGRLAQKFYRDYEDITEYEVLLARLKENKQQLVALIERFSNDELYGKPWYNKWTRGRMIQFNTASPYKNASGR
LNKLQKCLAELEHHHHHH
;
_entity_poly.pdbx_strand_id                 A 
_entity_poly.pdbx_target_identifier         ? 
# 
loop_
_entity_poly_seq.entity_id 
_entity_poly_seq.num 
_entity_poly_seq.mon_id 
_entity_poly_seq.hetero 
1 1   MET n 
1 2   ALA n 
1 3   VAL n 
1 4   PRO n 
1 5   SER n 
1 6   SER n 
1 7   LYS n 
1 8   GLU n 
1 9   GLU n 
1 10  LEU n 
1 11  ILE n 
1 12  LYS n 
1 13  ALA n 
1 14  ILE n 
1 15  ASN n 
1 16  SER n 
1 17  ASN n 
1 18  PHE n 
1 19  SER n 
1 20  LEU n 
1 21  LEU n 
1 22  ASN n 
1 23  LYS n 
1 24  LYS n 
1 25  LEU n 
1 26  GLU n 
1 27  SER n 
1 28  ILE n 
1 29  THR n 
1 30  PRO n 
1 31  GLN n 
1 32  LEU n 
1 33  ALA n 
1 34  PHE n 
1 35  GLU n 
1 36  PRO n 
1 37  LEU n 
1 38  LEU n 
1 39  GLU n 
1 40  GLY n 
1 41  HIS n 
1 42  ALA n 
1 43  LYS n 
1 44  GLY n 
1 45  THR n 
1 46  THR n 
1 47  ILE n 
1 48  SER n 
1 49  VAL n 
1 50  ALA n 
1 51  ASN n 
1 52  LEU n 
1 53  VAL n 
1 54  SER n 
1 55  TYR n 
1 56  LEU n 
1 57  ILE n 
1 58  GLY n 
1 59  TRP n 
1 60  GLY n 
1 61  GLU n 
1 62  LEU n 
1 63  VAL n 
1 64  LEU n 
1 65  HIS n 
1 66  TRP n 
1 67  HIS n 
1 68  ASP n 
1 69  GLN n 
1 70  GLU n 
1 71  ALA n 
1 72  LYS n 
1 73  GLY n 
1 74  LYS n 
1 75  THR n 
1 76  ILE n 
1 77  ILE n 
1 78  PHE n 
1 79  PRO n 
1 80  GLU n 
1 81  GLU n 
1 82  GLY n 
1 83  PHE n 
1 84  LYS n 
1 85  TRP n 
1 86  ASN n 
1 87  GLU n 
1 88  LEU n 
1 89  GLY n 
1 90  ARG n 
1 91  LEU n 
1 92  ALA n 
1 93  GLN n 
1 94  LYS n 
1 95  PHE n 
1 96  TYR n 
1 97  ARG n 
1 98  ASP n 
1 99  TYR n 
1 100 GLU n 
1 101 ASP n 
1 102 ILE n 
1 103 THR n 
1 104 GLU n 
1 105 TYR n 
1 106 GLU n 
1 107 VAL n 
1 108 LEU n 
1 109 LEU n 
1 110 ALA n 
1 111 ARG n 
1 112 LEU n 
1 113 LYS n 
1 114 GLU n 
1 115 ASN n 
1 116 LYS n 
1 117 GLN n 
1 118 GLN n 
1 119 LEU n 
1 120 VAL n 
1 121 ALA n 
1 122 LEU n 
1 123 ILE n 
1 124 GLU n 
1 125 ARG n 
1 126 PHE n 
1 127 SER n 
1 128 ASN n 
1 129 ASP n 
1 130 GLU n 
1 131 LEU n 
1 132 TYR n 
1 133 GLY n 
1 134 LYS n 
1 135 PRO n 
1 136 TRP n 
1 137 TYR n 
1 138 ASN n 
1 139 LYS n 
1 140 TRP n 
1 141 THR n 
1 142 ARG n 
1 143 GLY n 
1 144 ARG n 
1 145 MET n 
1 146 ILE n 
1 147 GLN n 
1 148 PHE n 
1 149 ASN n 
1 150 THR n 
1 151 ALA n 
1 152 SER n 
1 153 PRO n 
1 154 TYR n 
1 155 LYS n 
1 156 ASN n 
1 157 ALA n 
1 158 SER n 
1 159 GLY n 
1 160 ARG n 
1 161 LEU n 
1 162 ASN n 
1 163 LYS n 
1 164 LEU n 
1 165 GLN n 
1 166 LYS n 
1 167 CYS n 
1 168 LEU n 
1 169 ALA n 
1 170 GLU n 
1 171 LEU n 
1 172 GLU n 
1 173 HIS n 
1 174 HIS n 
1 175 HIS n 
1 176 HIS n 
1 177 HIS n 
1 178 HIS n 
# 
_entity_src_gen.entity_id                          1 
_entity_src_gen.pdbx_src_id                        1 
_entity_src_gen.pdbx_alt_source_flag               sample 
_entity_src_gen.pdbx_seq_type                      'Biological sequence' 
_entity_src_gen.pdbx_beg_seq_num                   1 
_entity_src_gen.pdbx_end_seq_num                   178 
_entity_src_gen.gene_src_common_name               ? 
_entity_src_gen.gene_src_genus                     ? 
_entity_src_gen.pdbx_gene_src_gene                 
;clbS, APU18_08100, AWF59_018730, AZZ83_004503, CT146_21495, CUB99_02165, D3C88_24730, DNR41_00045, DNX30_29170, DS966_21615, DU333_02935, DW236_02620, ELT23_23590, ELT33_24270, EPS70_02685, EPS94_00180, EWK56_23755, FPI65_12320, FQU83_11985, GFU47_04510, GP945_05010, GP946_20500, HHG54_004716, HHJ44_00090, HJL93_000008, HJM41_001166, HJO44_004707, HJS53_002303, HmCmsJML146_00176, HNX34_25610, HV055_09710, HV098_09980, HV348_09415, NCTC9075_02752, NCTC9434_01964
;
_entity_src_gen.gene_src_species                   ? 
_entity_src_gen.gene_src_strain                    ? 
_entity_src_gen.gene_src_tissue                    ? 
_entity_src_gen.gene_src_tissue_fraction           ? 
_entity_src_gen.gene_src_details                   ? 
_entity_src_gen.pdbx_gene_src_fragment             ? 
_entity_src_gen.pdbx_gene_src_scientific_name      'Escherichia coli' 
_entity_src_gen.pdbx_gene_src_ncbi_taxonomy_id     562 
_entity_src_gen.pdbx_gene_src_variant              ? 
_entity_src_gen.pdbx_gene_src_cell_line            ? 
_entity_src_gen.pdbx_gene_src_atcc                 ? 
_entity_src_gen.pdbx_gene_src_organ                ? 
_entity_src_gen.pdbx_gene_src_organelle            ? 
_entity_src_gen.pdbx_gene_src_cell                 ? 
_entity_src_gen.pdbx_gene_src_cellular_location    ? 
_entity_src_gen.host_org_common_name               ? 
_entity_src_gen.pdbx_host_org_scientific_name      'Escherichia coli' 
_entity_src_gen.pdbx_host_org_ncbi_taxonomy_id     562 
_entity_src_gen.host_org_genus                     ? 
_entity_src_gen.pdbx_host_org_gene                 ? 
_entity_src_gen.pdbx_host_org_organ                ? 
_entity_src_gen.host_org_species                   ? 
_entity_src_gen.pdbx_host_org_tissue               ? 
_entity_src_gen.pdbx_host_org_tissue_fraction      ? 
_entity_src_gen.pdbx_host_org_strain               ? 
_entity_src_gen.pdbx_host_org_variant              ? 
_entity_src_gen.pdbx_host_org_cell_line            ? 
_entity_src_gen.pdbx_host_org_atcc                 ? 
_entity_src_gen.pdbx_host_org_culture_collection   ? 
_entity_src_gen.pdbx_host_org_cell                 ? 
_entity_src_gen.pdbx_host_org_organelle            ? 
_entity_src_gen.pdbx_host_org_cellular_location    ? 
_entity_src_gen.pdbx_host_org_vector_type          ? 
_entity_src_gen.pdbx_host_org_vector               ? 
_entity_src_gen.host_org_details                   ? 
_entity_src_gen.expression_system_id               ? 
_entity_src_gen.plasmid_name                       ? 
_entity_src_gen.plasmid_details                    ? 
_entity_src_gen.pdbx_description                   ? 
# 
_struct_ref.id                         1 
_struct_ref.db_name                    UNP 
_struct_ref.db_code                    Q0P7K8_ECOLX 
_struct_ref.pdbx_db_accession          Q0P7K8 
_struct_ref.pdbx_db_isoform            ? 
_struct_ref.entity_id                  1 
_struct_ref.pdbx_seq_one_letter_code   
;MAVPSSKEELIKAINSNFSLLNKKLESITPQLAFEPLLEGHAKGTTISVANLVSYLIGWGELVLHWHDQEAKGKTIIFPE
EGFKWNELGRLAQKFYRDYEDITEYEVLLARLKENKQQLVALIERFSNDELYGKPWYNKWTRGRMIQFNTASPYKNASGR
LNKLQKCLAE
;
_struct_ref.pdbx_align_begin           1 
# 
_struct_ref_seq.align_id                      1 
_struct_ref_seq.ref_id                        1 
_struct_ref_seq.pdbx_PDB_id_code              7MTT 
_struct_ref_seq.pdbx_strand_id                A 
_struct_ref_seq.seq_align_beg                 1 
_struct_ref_seq.pdbx_seq_align_beg_ins_code   ? 
_struct_ref_seq.seq_align_end                 170 
_struct_ref_seq.pdbx_seq_align_end_ins_code   ? 
_struct_ref_seq.pdbx_db_accession             Q0P7K8 
_struct_ref_seq.db_align_beg                  1 
_struct_ref_seq.pdbx_db_align_beg_ins_code    ? 
_struct_ref_seq.db_align_end                  170 
_struct_ref_seq.pdbx_db_align_end_ins_code    ? 
_struct_ref_seq.pdbx_auth_seq_align_beg       1 
_struct_ref_seq.pdbx_auth_seq_align_end       170 
# 
loop_
_struct_ref_seq_dif.align_id 
_struct_ref_seq_dif.pdbx_pdb_id_code 
_struct_ref_seq_dif.mon_id 
_struct_ref_seq_dif.pdbx_pdb_strand_id 
_struct_ref_seq_dif.seq_num 
_struct_ref_seq_dif.pdbx_pdb_ins_code 
_struct_ref_seq_dif.pdbx_seq_db_name 
_struct_ref_seq_dif.pdbx_seq_db_accession_code 
_struct_ref_seq_dif.db_mon_id 
_struct_ref_seq_dif.pdbx_seq_db_seq_num 
_struct_ref_seq_dif.details 
_struct_ref_seq_dif.pdbx_auth_seq_num 
_struct_ref_seq_dif.pdbx_ordinal 
1 7MTT LEU A 171 ? UNP Q0P7K8 ? ? 'expression tag' 171 1 
1 7MTT GLU A 172 ? UNP Q0P7K8 ? ? 'expression tag' 172 2 
1 7MTT HIS A 173 ? UNP Q0P7K8 ? ? 'expression tag' 173 3 
1 7MTT HIS A 174 ? UNP Q0P7K8 ? ? 'expression tag' 174 4 
1 7MTT HIS A 175 ? UNP Q0P7K8 ? ? 'expression tag' 175 5 
1 7MTT HIS A 176 ? UNP Q0P7K8 ? ? 'expression tag' 176 6 
1 7MTT HIS A 177 ? UNP Q0P7K8 ? ? 'expression tag' 177 7 
1 7MTT HIS A 178 ? UNP Q0P7K8 ? ? 'expression tag' 178 8 
# 
loop_
_chem_comp.id 
_chem_comp.type 
_chem_comp.mon_nstd_flag 
_chem_comp.name 
_chem_comp.pdbx_synonyms 
_chem_comp.formula 
_chem_comp.formula_weight 
ALA 'L-peptide linking' y ALANINE                                     ?                           'C3 H7 N O2'     89.093  
ARG 'L-peptide linking' y ARGININE                                    ?                           'C6 H15 N4 O2 1' 175.209 
ASN 'L-peptide linking' y ASPARAGINE                                  ?                           'C4 H8 N2 O3'    132.118 
ASP 'L-peptide linking' y 'ASPARTIC ACID'                             ?                           'C4 H7 N O4'     133.103 
CYS 'L-peptide linking' y CYSTEINE                                    ?                           'C3 H7 N O2 S'   121.158 
GLN 'L-peptide linking' y GLUTAMINE                                   ?                           'C5 H10 N2 O3'   146.144 
GLU 'L-peptide linking' y 'GLUTAMIC ACID'                             ?                           'C5 H9 N O4'     147.129 
GLY 'peptide linking'   y GLYCINE                                     ?                           'C2 H5 N O2'     75.067  
HIS 'L-peptide linking' y HISTIDINE                                   ?                           'C6 H10 N3 O2 1' 156.162 
HOH non-polymer         . WATER                                       ?                           'H2 O'           18.015  
ILE 'L-peptide linking' y ISOLEUCINE                                  ?                           'C6 H13 N O2'    131.173 
LEU 'L-peptide linking' y LEUCINE                                     ?                           'C6 H13 N O2'    131.173 
LYS 'L-peptide linking' y LYSINE                                      ?                           'C6 H15 N2 O2 1' 147.195 
MET 'L-peptide linking' y METHIONINE                                  ?                           'C5 H11 N O2 S'  149.211 
NHE non-polymer         . '2-[N-CYCLOHEXYLAMINO]ETHANE SULFONIC ACID' 'N-CYCLOHEXYLTAURINE; CHES' 'C8 H17 N O3 S'  207.290 
PHE 'L-peptide linking' y PHENYLALANINE                               ?                           'C9 H11 N O2'    165.189 
PRO 'L-peptide linking' y PROLINE                                     ?                           'C5 H9 N O2'     115.130 
SER 'L-peptide linking' y SERINE                                      ?                           'C3 H7 N O3'     105.093 
THR 'L-peptide linking' y THREONINE                                   ?                           'C4 H9 N O3'     119.119 
TRP 'L-peptide linking' y TRYPTOPHAN                                  ?                           'C11 H12 N2 O2'  204.225 
TYR 'L-peptide linking' y TYROSINE                                    ?                           'C9 H11 N O3'    181.189 
VAL 'L-peptide linking' y VALINE                                      ?                           'C5 H11 N O2'    117.146 
# 
_exptl.absorpt_coefficient_mu     ? 
_exptl.absorpt_correction_T_max   ? 
_exptl.absorpt_correction_T_min   ? 
_exptl.absorpt_correction_type    ? 
_exptl.absorpt_process_details    ? 
_exptl.entry_id                   7MTT 
_exptl.crystals_number            1 
_exptl.details                    ? 
_exptl.method                     'X-RAY DIFFRACTION' 
_exptl.method_details             ? 
# 
_exptl_crystal.colour                      ? 
_exptl_crystal.density_diffrn              ? 
_exptl_crystal.density_Matthews            2.57 
_exptl_crystal.density_method              ? 
_exptl_crystal.density_percent_sol         52.13 
_exptl_crystal.description                 ? 
_exptl_crystal.F_000                       ? 
_exptl_crystal.id                          1 
_exptl_crystal.preparation                 ? 
_exptl_crystal.size_max                    ? 
_exptl_crystal.size_mid                    ? 
_exptl_crystal.size_min                    ? 
_exptl_crystal.size_rad                    ? 
_exptl_crystal.colour_lustre               ? 
_exptl_crystal.colour_modifier             ? 
_exptl_crystal.colour_primary              ? 
_exptl_crystal.density_meas                ? 
_exptl_crystal.density_meas_esd            ? 
_exptl_crystal.density_meas_gt             ? 
_exptl_crystal.density_meas_lt             ? 
_exptl_crystal.density_meas_temp           ? 
_exptl_crystal.density_meas_temp_esd       ? 
_exptl_crystal.density_meas_temp_gt        ? 
_exptl_crystal.density_meas_temp_lt        ? 
_exptl_crystal.pdbx_crystal_image_url      ? 
_exptl_crystal.pdbx_crystal_image_format   ? 
_exptl_crystal.pdbx_mosaicity              ? 
_exptl_crystal.pdbx_mosaicity_esd          ? 
# 
_exptl_crystal_grow.apparatus       ? 
_exptl_crystal_grow.atmosphere      ? 
_exptl_crystal_grow.crystal_id      1 
_exptl_crystal_grow.details         ? 
_exptl_crystal_grow.method          'VAPOR DIFFUSION, SITTING DROP' 
_exptl_crystal_grow.method_ref      ? 
_exptl_crystal_grow.pH              ? 
_exptl_crystal_grow.pressure        ? 
_exptl_crystal_grow.pressure_esd    ? 
_exptl_crystal_grow.seeding         ? 
_exptl_crystal_grow.seeding_ref     ? 
_exptl_crystal_grow.temp            277 
_exptl_crystal_grow.temp_details    ? 
_exptl_crystal_grow.temp_esd        ? 
_exptl_crystal_grow.time            ? 
_exptl_crystal_grow.pdbx_details    '0.1 M CHES, pH 9.5, and 20% (w/v) PEG 8000' 
_exptl_crystal_grow.pdbx_pH_range   ? 
# 
_diffrn.ambient_environment              ? 
_diffrn.ambient_temp                     100 
_diffrn.ambient_temp_details             ? 
_diffrn.ambient_temp_esd                 ? 
_diffrn.crystal_id                       1 
_diffrn.crystal_support                  ? 
_diffrn.crystal_treatment                ? 
_diffrn.details                          ? 
_diffrn.id                               1 
_diffrn.ambient_pressure                 ? 
_diffrn.ambient_pressure_esd             ? 
_diffrn.ambient_pressure_gt              ? 
_diffrn.ambient_pressure_lt              ? 
_diffrn.ambient_temp_gt                  ? 
_diffrn.ambient_temp_lt                  ? 
_diffrn.pdbx_serial_crystal_experiment   N 
# 
_diffrn_detector.details                      ? 
_diffrn_detector.detector                     CCD 
_diffrn_detector.diffrn_id                    1 
_diffrn_detector.type                         'MARMOSAIC 300 mm CCD' 
_diffrn_detector.area_resol_mean              ? 
_diffrn_detector.dtime                        ? 
_diffrn_detector.pdbx_frames_total            ? 
_diffrn_detector.pdbx_collection_time_total   ? 
_diffrn_detector.pdbx_collection_date         2019-12-05 
_diffrn_detector.pdbx_frequency               ? 
# 
_diffrn_radiation.collimation                      ? 
_diffrn_radiation.diffrn_id                        1 
_diffrn_radiation.filter_edge                      ? 
_diffrn_radiation.inhomogeneity                    ? 
_diffrn_radiation.monochromator                    ? 
_diffrn_radiation.polarisn_norm                    ? 
_diffrn_radiation.polarisn_ratio                   ? 
_diffrn_radiation.probe                            ? 
_diffrn_radiation.type                             ? 
_diffrn_radiation.xray_symbol                      ? 
_diffrn_radiation.wavelength_id                    1 
_diffrn_radiation.pdbx_monochromatic_or_laue_m_l   M 
_diffrn_radiation.pdbx_wavelength_list             ? 
_diffrn_radiation.pdbx_wavelength                  ? 
_diffrn_radiation.pdbx_diffrn_protocol             'SINGLE WAVELENGTH' 
_diffrn_radiation.pdbx_analyzer                    ? 
_diffrn_radiation.pdbx_scattering_type             x-ray 
# 
_diffrn_radiation_wavelength.id           1 
_diffrn_radiation_wavelength.wavelength   1.033 
_diffrn_radiation_wavelength.wt           1.0 
# 
_diffrn_source.current                     ? 
_diffrn_source.details                     ? 
_diffrn_source.diffrn_id                   1 
_diffrn_source.power                       ? 
_diffrn_source.size                        ? 
_diffrn_source.source                      SYNCHROTRON 
_diffrn_source.target                      ? 
_diffrn_source.type                        'APS BEAMLINE 21-ID-G' 
_diffrn_source.voltage                     ? 
_diffrn_source.take-off_angle              ? 
_diffrn_source.pdbx_wavelength_list        1.033 
_diffrn_source.pdbx_wavelength             ? 
_diffrn_source.pdbx_synchrotron_beamline   21-ID-G 
_diffrn_source.pdbx_synchrotron_site       APS 
# 
_reflns.B_iso_Wilson_estimate                          ? 
_reflns.entry_id                                       7MTT 
_reflns.data_reduction_details                         ? 
_reflns.data_reduction_method                          ? 
_reflns.d_resolution_high                              1.85 
_reflns.d_resolution_low                               44.62 
_reflns.details                                        ? 
_reflns.limit_h_max                                    ? 
_reflns.limit_h_min                                    ? 
_reflns.limit_k_max                                    ? 
_reflns.limit_k_min                                    ? 
_reflns.limit_l_max                                    ? 
_reflns.limit_l_min                                    ? 
_reflns.number_all                                     ? 
_reflns.number_obs                                     17844 
_reflns.observed_criterion                             ? 
_reflns.observed_criterion_F_max                       ? 
_reflns.observed_criterion_F_min                       ? 
_reflns.observed_criterion_I_max                       ? 
_reflns.observed_criterion_I_min                       ? 
_reflns.observed_criterion_sigma_F                     ? 
_reflns.observed_criterion_sigma_I                     ? 
_reflns.percent_possible_obs                           99.58 
_reflns.R_free_details                                 ? 
_reflns.Rmerge_F_all                                   ? 
_reflns.Rmerge_F_obs                                   ? 
_reflns.Friedel_coverage                               ? 
_reflns.number_gt                                      ? 
_reflns.threshold_expression                           ? 
_reflns.pdbx_redundancy                                6.4 
_reflns.pdbx_Rmerge_I_obs                              ? 
_reflns.pdbx_Rmerge_I_all                              ? 
_reflns.pdbx_Rsym_value                                ? 
_reflns.pdbx_netI_over_av_sigmaI                       ? 
_reflns.pdbx_netI_over_sigmaI                          19.40 
_reflns.pdbx_res_netI_over_av_sigmaI_2                 ? 
_reflns.pdbx_res_netI_over_sigmaI_2                    ? 
_reflns.pdbx_chi_squared                               ? 
_reflns.pdbx_scaling_rejects                           ? 
_reflns.pdbx_d_res_high_opt                            ? 
_reflns.pdbx_d_res_low_opt                             ? 
_reflns.pdbx_d_res_opt_method                          ? 
_reflns.phase_calculation_details                      ? 
_reflns.pdbx_Rrim_I_all                                ? 
_reflns.pdbx_Rpim_I_all                                ? 
_reflns.pdbx_d_opt                                     ? 
_reflns.pdbx_number_measured_all                       ? 
_reflns.pdbx_diffrn_id                                 1 
_reflns.pdbx_ordinal                                   1 
_reflns.pdbx_CC_half                                   0.999 
_reflns.pdbx_CC_star                                   ? 
_reflns.pdbx_R_split                                   ? 
_reflns.pdbx_aniso_diffraction_limit_axis_1_ortho[1]   ? 
_reflns.pdbx_aniso_diffraction_limit_axis_1_ortho[2]   ? 
_reflns.pdbx_aniso_diffraction_limit_axis_1_ortho[3]   ? 
_reflns.pdbx_aniso_diffraction_limit_axis_2_ortho[1]   ? 
_reflns.pdbx_aniso_diffraction_limit_axis_2_ortho[2]   ? 
_reflns.pdbx_aniso_diffraction_limit_axis_2_ortho[3]   ? 
_reflns.pdbx_aniso_diffraction_limit_axis_3_ortho[1]   ? 
_reflns.pdbx_aniso_diffraction_limit_axis_3_ortho[2]   ? 
_reflns.pdbx_aniso_diffraction_limit_axis_3_ortho[3]   ? 
_reflns.pdbx_aniso_diffraction_limit_1                 ? 
_reflns.pdbx_aniso_diffraction_limit_2                 ? 
_reflns.pdbx_aniso_diffraction_limit_3                 ? 
_reflns.pdbx_aniso_B_tensor_eigenvector_1_ortho[1]     ? 
_reflns.pdbx_aniso_B_tensor_eigenvector_1_ortho[2]     ? 
_reflns.pdbx_aniso_B_tensor_eigenvector_1_ortho[3]     ? 
_reflns.pdbx_aniso_B_tensor_eigenvector_2_ortho[1]     ? 
_reflns.pdbx_aniso_B_tensor_eigenvector_2_ortho[2]     ? 
_reflns.pdbx_aniso_B_tensor_eigenvector_2_ortho[3]     ? 
_reflns.pdbx_aniso_B_tensor_eigenvector_3_ortho[1]     ? 
_reflns.pdbx_aniso_B_tensor_eigenvector_3_ortho[2]     ? 
_reflns.pdbx_aniso_B_tensor_eigenvector_3_ortho[3]     ? 
_reflns.pdbx_aniso_B_tensor_eigenvalue_1               ? 
_reflns.pdbx_aniso_B_tensor_eigenvalue_2               ? 
_reflns.pdbx_aniso_B_tensor_eigenvalue_3               ? 
_reflns.pdbx_orthogonalization_convention              ? 
_reflns.pdbx_percent_possible_ellipsoidal              ? 
_reflns.pdbx_percent_possible_spherical                ? 
_reflns.pdbx_percent_possible_ellipsoidal_anomalous    ? 
_reflns.pdbx_percent_possible_spherical_anomalous      ? 
_reflns.pdbx_redundancy_anomalous                      ? 
_reflns.pdbx_CC_half_anomalous                         ? 
_reflns.pdbx_absDiff_over_sigma_anomalous              ? 
_reflns.pdbx_percent_possible_anomalous                ? 
_reflns.pdbx_observed_signal_threshold                 ? 
_reflns.pdbx_signal_type                               ? 
_reflns.pdbx_signal_details                            ? 
_reflns.pdbx_signal_software_id                        ? 
# 
_reflns_shell.d_res_high                                    1.85 
_reflns_shell.d_res_low                                     1.915 
_reflns_shell.meanI_over_sigI_all                           ? 
_reflns_shell.meanI_over_sigI_obs                           ? 
_reflns_shell.number_measured_all                           ? 
_reflns_shell.number_measured_obs                           ? 
_reflns_shell.number_possible                               ? 
_reflns_shell.number_unique_all                             ? 
_reflns_shell.number_unique_obs                             1713 
_reflns_shell.percent_possible_all                          ? 
_reflns_shell.percent_possible_obs                          ? 
_reflns_shell.Rmerge_F_all                                  ? 
_reflns_shell.Rmerge_F_obs                                  ? 
_reflns_shell.Rmerge_I_all                                  ? 
_reflns_shell.Rmerge_I_obs                                  ? 
_reflns_shell.meanI_over_sigI_gt                            ? 
_reflns_shell.meanI_over_uI_all                             ? 
_reflns_shell.meanI_over_uI_gt                              ? 
_reflns_shell.number_measured_gt                            ? 
_reflns_shell.number_unique_gt                              ? 
_reflns_shell.percent_possible_gt                           ? 
_reflns_shell.Rmerge_F_gt                                   ? 
_reflns_shell.Rmerge_I_gt                                   ? 
_reflns_shell.pdbx_redundancy                               ? 
_reflns_shell.pdbx_Rsym_value                               ? 
_reflns_shell.pdbx_chi_squared                              ? 
_reflns_shell.pdbx_netI_over_sigmaI_all                     ? 
_reflns_shell.pdbx_netI_over_sigmaI_obs                     ? 
_reflns_shell.pdbx_Rrim_I_all                               ? 
_reflns_shell.pdbx_Rpim_I_all                               ? 
_reflns_shell.pdbx_rejects                                  ? 
_reflns_shell.pdbx_ordinal                                  1 
_reflns_shell.pdbx_diffrn_id                                1 
_reflns_shell.pdbx_CC_half                                  0.961 
_reflns_shell.pdbx_CC_star                                  ? 
_reflns_shell.pdbx_R_split                                  ? 
_reflns_shell.pdbx_percent_possible_ellipsoidal             ? 
_reflns_shell.pdbx_percent_possible_spherical               ? 
_reflns_shell.pdbx_percent_possible_ellipsoidal_anomalous   ? 
_reflns_shell.pdbx_percent_possible_spherical_anomalous     ? 
_reflns_shell.pdbx_redundancy_anomalous                     ? 
_reflns_shell.pdbx_CC_half_anomalous                        ? 
_reflns_shell.pdbx_absDiff_over_sigma_anomalous             ? 
_reflns_shell.pdbx_percent_possible_anomalous               ? 
# 
_refine.aniso_B[1][1]                            1.1000 
_refine.aniso_B[1][2]                            0.0000 
_refine.aniso_B[1][3]                            0.0000 
_refine.aniso_B[2][2]                            -3.0000 
_refine.aniso_B[2][3]                            0.0000 
_refine.aniso_B[3][3]                            1.9100 
_refine.B_iso_max                                93.590 
_refine.B_iso_mean                               36.1320 
_refine.B_iso_min                                19.370 
_refine.correlation_coeff_Fo_to_Fc               0.9600 
_refine.correlation_coeff_Fo_to_Fc_free          0.9410 
_refine.details                                  
'HYDROGENS HAVE BEEN ADDED IN THE RIDING POSITIONS U VALUES      : REFINED INDIVIDUALLY' 
_refine.diff_density_max                         ? 
_refine.diff_density_max_esd                     ? 
_refine.diff_density_min                         ? 
_refine.diff_density_min_esd                     ? 
_refine.diff_density_rms                         ? 
_refine.diff_density_rms_esd                     ? 
_refine.entry_id                                 7MTT 
_refine.pdbx_refine_id                           'X-RAY DIFFRACTION' 
_refine.ls_abs_structure_details                 ? 
_refine.ls_abs_structure_Flack                   ? 
_refine.ls_abs_structure_Flack_esd               ? 
_refine.ls_abs_structure_Rogers                  ? 
_refine.ls_abs_structure_Rogers_esd              ? 
_refine.ls_d_res_high                            1.8500 
_refine.ls_d_res_low                             44.6200 
_refine.ls_extinction_coef                       ? 
_refine.ls_extinction_coef_esd                   ? 
_refine.ls_extinction_expression                 ? 
_refine.ls_extinction_method                     ? 
_refine.ls_goodness_of_fit_all                   ? 
_refine.ls_goodness_of_fit_all_esd               ? 
_refine.ls_goodness_of_fit_obs                   ? 
_refine.ls_goodness_of_fit_obs_esd               ? 
_refine.ls_hydrogen_treatment                    ? 
_refine.ls_matrix_type                           ? 
_refine.ls_number_constraints                    ? 
_refine.ls_number_parameters                     ? 
_refine.ls_number_reflns_all                     ? 
_refine.ls_number_reflns_obs                     16871 
_refine.ls_number_reflns_R_free                  934 
_refine.ls_number_reflns_R_work                  ? 
_refine.ls_number_restraints                     ? 
_refine.ls_percent_reflns_obs                    99.3700 
_refine.ls_percent_reflns_R_free                 5.2000 
_refine.ls_R_factor_all                          ? 
_refine.ls_R_factor_obs                          0.1922 
_refine.ls_R_factor_R_free                       0.2313 
_refine.ls_R_factor_R_free_error                 ? 
_refine.ls_R_factor_R_free_error_details         ? 
_refine.ls_R_factor_R_work                       0.1902 
_refine.ls_R_Fsqd_factor_obs                     ? 
_refine.ls_R_I_factor_obs                        ? 
_refine.ls_redundancy_reflns_all                 ? 
_refine.ls_redundancy_reflns_obs                 ? 
_refine.ls_restrained_S_all                      ? 
_refine.ls_restrained_S_obs                      ? 
_refine.ls_shift_over_esd_max                    ? 
_refine.ls_shift_over_esd_mean                   ? 
_refine.ls_structure_factor_coef                 ? 
_refine.ls_weighting_details                     ? 
_refine.ls_weighting_scheme                      ? 
_refine.ls_wR_factor_all                         ? 
_refine.ls_wR_factor_obs                         ? 
_refine.ls_wR_factor_R_free                      ? 
_refine.ls_wR_factor_R_work                      ? 
_refine.occupancy_max                            ? 
_refine.occupancy_min                            ? 
_refine.solvent_model_details                    MASK 
_refine.solvent_model_param_bsol                 ? 
_refine.solvent_model_param_ksol                 ? 
_refine.pdbx_R_complete                          ? 
_refine.ls_R_factor_gt                           ? 
_refine.ls_goodness_of_fit_gt                    ? 
_refine.ls_goodness_of_fit_ref                   ? 
_refine.ls_shift_over_su_max                     ? 
_refine.ls_shift_over_su_max_lt                  ? 
_refine.ls_shift_over_su_mean                    ? 
_refine.ls_shift_over_su_mean_lt                 ? 
_refine.pdbx_ls_sigma_I                          ? 
_refine.pdbx_ls_sigma_F                          0.000 
_refine.pdbx_ls_sigma_Fsqd                       ? 
_refine.pdbx_data_cutoff_high_absF               ? 
_refine.pdbx_data_cutoff_high_rms_absF           ? 
_refine.pdbx_data_cutoff_low_absF                ? 
_refine.pdbx_isotropic_thermal_model             ? 
_refine.pdbx_ls_cross_valid_method               THROUGHOUT 
_refine.pdbx_method_to_determine_struct          'MOLECULAR REPLACEMENT' 
_refine.pdbx_starting_model                      6ANR 
_refine.pdbx_stereochemistry_target_values       'MAXIMUM LIKELIHOOD' 
_refine.pdbx_R_Free_selection_details            RANDOM 
_refine.pdbx_stereochem_target_val_spec_case     ? 
_refine.pdbx_overall_ESU_R                       0.1310 
_refine.pdbx_overall_ESU_R_Free                  0.1290 
_refine.pdbx_solvent_vdw_probe_radii             1.2000 
_refine.pdbx_solvent_ion_probe_radii             0.8000 
_refine.pdbx_solvent_shrinkage_radii             0.8000 
_refine.pdbx_real_space_R                        ? 
_refine.pdbx_density_correlation                 ? 
_refine.pdbx_pd_number_of_powder_patterns        ? 
_refine.pdbx_pd_number_of_points                 ? 
_refine.pdbx_pd_meas_number_of_points            ? 
_refine.pdbx_pd_proc_ls_prof_R_factor            ? 
_refine.pdbx_pd_proc_ls_prof_wR_factor           ? 
_refine.pdbx_pd_Marquardt_correlation_coeff      ? 
_refine.pdbx_pd_Fsqrd_R_factor                   ? 
_refine.pdbx_pd_ls_matrix_band_width             ? 
_refine.pdbx_overall_phase_error                 ? 
_refine.pdbx_overall_SU_R_free_Cruickshank_DPI   ? 
_refine.pdbx_overall_SU_R_free_Blow_DPI          ? 
_refine.pdbx_overall_SU_R_Blow_DPI               ? 
_refine.pdbx_TLS_residual_ADP_flag               ? 
_refine.pdbx_diffrn_id                           1 
_refine.overall_SU_B                             3.2650 
_refine.overall_SU_ML                            0.0960 
_refine.overall_SU_R_Cruickshank_DPI             ? 
_refine.overall_SU_R_free                        ? 
_refine.overall_FOM_free_R_set                   ? 
_refine.overall_FOM_work_R_set                   ? 
_refine.pdbx_average_fsc_overall                 ? 
_refine.pdbx_average_fsc_work                    ? 
_refine.pdbx_average_fsc_free                    ? 
# 
_refine_hist.pdbx_refine_id                   'X-RAY DIFFRACTION' 
_refine_hist.cycle_id                         final 
_refine_hist.details                          ? 
_refine_hist.d_res_high                       1.8500 
_refine_hist.d_res_low                        44.6200 
_refine_hist.number_atoms_solvent             50 
_refine_hist.number_atoms_total               1457 
_refine_hist.number_reflns_all                ? 
_refine_hist.number_reflns_obs                ? 
_refine_hist.number_reflns_R_free             ? 
_refine_hist.number_reflns_R_work             ? 
_refine_hist.R_factor_all                     ? 
_refine_hist.R_factor_obs                     ? 
_refine_hist.R_factor_R_free                  ? 
_refine_hist.R_factor_R_work                  ? 
_refine_hist.pdbx_number_residues_total       169 
_refine_hist.pdbx_B_iso_mean_ligand           54.31 
_refine_hist.pdbx_B_iso_mean_solvent          33.81 
_refine_hist.pdbx_number_atoms_protein        1381 
_refine_hist.pdbx_number_atoms_nucleic_acid   0 
_refine_hist.pdbx_number_atoms_ligand         26 
_refine_hist.pdbx_number_atoms_lipid          ? 
_refine_hist.pdbx_number_atoms_carb           ? 
_refine_hist.pdbx_pseudo_atom_details         ? 
# 
_refine_ls_shell.pdbx_refine_id                   'X-RAY DIFFRACTION' 
_refine_ls_shell.d_res_high                       1.850 
_refine_ls_shell.d_res_low                        1.8970 
_refine_ls_shell.number_reflns_all                ? 
_refine_ls_shell.number_reflns_obs                ? 
_refine_ls_shell.number_reflns_R_free             66 
_refine_ls_shell.number_reflns_R_work             1198 
_refine_ls_shell.percent_reflns_obs               96.9300 
_refine_ls_shell.percent_reflns_R_free            ? 
_refine_ls_shell.R_factor_all                     ? 
_refine_ls_shell.R_factor_obs                     ? 
_refine_ls_shell.R_factor_R_free                  0.3320 
_refine_ls_shell.R_factor_R_free_error            0.0000 
_refine_ls_shell.R_factor_R_work                  0.2650 
_refine_ls_shell.redundancy_reflns_all            ? 
_refine_ls_shell.redundancy_reflns_obs            ? 
_refine_ls_shell.wR_factor_all                    ? 
_refine_ls_shell.wR_factor_obs                    ? 
_refine_ls_shell.wR_factor_R_free                 ? 
_refine_ls_shell.wR_factor_R_work                 ? 
_refine_ls_shell.pdbx_R_complete                  ? 
_refine_ls_shell.pdbx_total_number_of_bins_used   ? 
_refine_ls_shell.pdbx_phase_error                 ? 
_refine_ls_shell.pdbx_fsc_work                    ? 
_refine_ls_shell.pdbx_fsc_free                    ? 
# 
_struct.entry_id                     7MTT 
_struct.title                        
'Crystal structure of colibactin self-resistance protein ClbS in complex with two molecules of CHES' 
_struct.pdbx_model_details           ? 
_struct.pdbx_formula_weight          ? 
_struct.pdbx_formula_weight_method   ? 
_struct.pdbx_model_type_details      ? 
_struct.pdbx_CASP_flag               N 
# 
_struct_keywords.entry_id        7MTT 
_struct_keywords.text            'hydrolase, DNA repair, DNA BINDING PROTEIN' 
_struct_keywords.pdbx_keywords   'DNA BINDING PROTEIN' 
# 
loop_
_struct_asym.id 
_struct_asym.pdbx_blank_PDB_chainid_flag 
_struct_asym.pdbx_modified 
_struct_asym.entity_id 
_struct_asym.details 
A N N 1 ? 
B N N 2 ? 
C N N 2 ? 
D N N 3 ? 
# 
loop_
_struct_conf.conf_type_id 
_struct_conf.id 
_struct_conf.pdbx_PDB_helix_id 
_struct_conf.beg_label_comp_id 
_struct_conf.beg_label_asym_id 
_struct_conf.beg_label_seq_id 
_struct_conf.pdbx_beg_PDB_ins_code 
_struct_conf.end_label_comp_id 
_struct_conf.end_label_asym_id 
_struct_conf.end_label_seq_id 
_struct_conf.pdbx_end_PDB_ins_code 
_struct_conf.beg_auth_comp_id 
_struct_conf.beg_auth_asym_id 
_struct_conf.beg_auth_seq_id 
_struct_conf.end_auth_comp_id 
_struct_conf.end_auth_asym_id 
_struct_conf.end_auth_seq_id 
_struct_conf.pdbx_PDB_helix_class 
_struct_conf.details 
_struct_conf.pdbx_PDB_helix_length 
HELX_P HELX_P1 AA1 SER A 6   ? SER A 27  ? SER A 6   SER A 27  1 ? 22 
HELX_P HELX_P2 AA2 ILE A 28  ? ALA A 33  ? ILE A 28  ALA A 33  5 ? 6  
HELX_P HELX_P3 AA3 SER A 48  ? LYS A 72  ? SER A 48  LYS A 72  1 ? 25 
HELX_P HELX_P4 AA4 LYS A 84  ? ASN A 86  ? LYS A 84  ASN A 86  5 ? 3  
HELX_P HELX_P5 AA5 GLU A 87  ? TYR A 99  ? GLU A 87  TYR A 99  1 ? 13 
HELX_P HELX_P6 AA6 GLU A 104 ? ARG A 125 ? GLU A 104 ARG A 125 1 ? 22 
HELX_P HELX_P7 AA7 SER A 127 ? GLY A 133 ? SER A 127 GLY A 133 1 ? 7  
HELX_P HELX_P8 AA8 THR A 141 ? ASN A 149 ? THR A 141 ASN A 149 1 ? 9  
HELX_P HELX_P9 AA9 THR A 150 ? LEU A 168 ? THR A 150 LEU A 168 1 ? 19 
# 
_struct_conf_type.id          HELX_P 
_struct_conf_type.criteria    ? 
_struct_conf_type.reference   ? 
# 
_struct_mon_prot_cis.pdbx_id                1 
_struct_mon_prot_cis.label_comp_id          PHE 
_struct_mon_prot_cis.label_seq_id           78 
_struct_mon_prot_cis.label_asym_id          A 
_struct_mon_prot_cis.label_alt_id           . 
_struct_mon_prot_cis.pdbx_PDB_ins_code      ? 
_struct_mon_prot_cis.auth_comp_id           PHE 
_struct_mon_prot_cis.auth_seq_id            78 
_struct_mon_prot_cis.auth_asym_id           A 
_struct_mon_prot_cis.pdbx_label_comp_id_2   PRO 
_struct_mon_prot_cis.pdbx_label_seq_id_2    79 
_struct_mon_prot_cis.pdbx_label_asym_id_2   A 
_struct_mon_prot_cis.pdbx_PDB_ins_code_2    ? 
_struct_mon_prot_cis.pdbx_auth_comp_id_2    PRO 
_struct_mon_prot_cis.pdbx_auth_seq_id_2     79 
_struct_mon_prot_cis.pdbx_auth_asym_id_2    A 
_struct_mon_prot_cis.pdbx_PDB_model_num     1 
_struct_mon_prot_cis.pdbx_omega_angle       -4.56 
# 
_struct_sheet.id               AA1 
_struct_sheet.type             ? 
_struct_sheet.number_strands   2 
_struct_sheet.details          ? 
# 
_struct_sheet_order.sheet_id     AA1 
_struct_sheet_order.range_id_1   1 
_struct_sheet_order.range_id_2   2 
_struct_sheet_order.offset       ? 
_struct_sheet_order.sense        anti-parallel 
# 
loop_
_struct_sheet_range.sheet_id 
_struct_sheet_range.id 
_struct_sheet_range.beg_label_comp_id 
_struct_sheet_range.beg_label_asym_id 
_struct_sheet_range.beg_label_seq_id 
_struct_sheet_range.pdbx_beg_PDB_ins_code 
_struct_sheet_range.end_label_comp_id 
_struct_sheet_range.end_label_asym_id 
_struct_sheet_range.end_label_seq_id 
_struct_sheet_range.pdbx_end_PDB_ins_code 
_struct_sheet_range.beg_auth_comp_id 
_struct_sheet_range.beg_auth_asym_id 
_struct_sheet_range.beg_auth_seq_id 
_struct_sheet_range.end_auth_comp_id 
_struct_sheet_range.end_auth_asym_id 
_struct_sheet_range.end_auth_seq_id 
AA1 1 LEU A 38 ? GLU A 39 ? LEU A 38 GLU A 39 
AA1 2 THR A 46 ? ILE A 47 ? THR A 46 ILE A 47 
# 
_pdbx_struct_sheet_hbond.sheet_id                AA1 
_pdbx_struct_sheet_hbond.range_id_1              1 
_pdbx_struct_sheet_hbond.range_id_2              2 
_pdbx_struct_sheet_hbond.range_1_label_atom_id   N 
_pdbx_struct_sheet_hbond.range_1_label_comp_id   LEU 
_pdbx_struct_sheet_hbond.range_1_label_asym_id   A 
_pdbx_struct_sheet_hbond.range_1_label_seq_id    38 
_pdbx_struct_sheet_hbond.range_1_PDB_ins_code    ? 
_pdbx_struct_sheet_hbond.range_1_auth_atom_id    N 
_pdbx_struct_sheet_hbond.range_1_auth_comp_id    LEU 
_pdbx_struct_sheet_hbond.range_1_auth_asym_id    A 
_pdbx_struct_sheet_hbond.range_1_auth_seq_id     38 
_pdbx_struct_sheet_hbond.range_2_label_atom_id   O 
_pdbx_struct_sheet_hbond.range_2_label_comp_id   ILE 
_pdbx_struct_sheet_hbond.range_2_label_asym_id   A 
_pdbx_struct_sheet_hbond.range_2_label_seq_id    47 
_pdbx_struct_sheet_hbond.range_2_PDB_ins_code    ? 
_pdbx_struct_sheet_hbond.range_2_auth_atom_id    O 
_pdbx_struct_sheet_hbond.range_2_auth_comp_id    ILE 
_pdbx_struct_sheet_hbond.range_2_auth_asym_id    A 
_pdbx_struct_sheet_hbond.range_2_auth_seq_id     47 
# 
loop_
_struct_site.id 
_struct_site.pdbx_evidence_code 
_struct_site.pdbx_auth_asym_id 
_struct_site.pdbx_auth_comp_id 
_struct_site.pdbx_auth_seq_id 
_struct_site.pdbx_auth_ins_code 
_struct_site.pdbx_num_residues 
_struct_site.details 
AC1 Software A NHE 201 ? 8 'binding site for residue NHE A 201' 
AC2 Software A NHE 202 ? 3 'binding site for residue NHE A 202' 
# 
loop_
_struct_site_gen.id 
_struct_site_gen.site_id 
_struct_site_gen.pdbx_num_res 
_struct_site_gen.label_comp_id 
_struct_site_gen.label_asym_id 
_struct_site_gen.label_seq_id 
_struct_site_gen.pdbx_auth_ins_code 
_struct_site_gen.auth_comp_id 
_struct_site_gen.auth_asym_id 
_struct_site_gen.auth_seq_id 
_struct_site_gen.label_atom_id 
_struct_site_gen.label_alt_id 
_struct_site_gen.symmetry 
_struct_site_gen.details 
1  AC1 8 GLU A 35  ? GLU A 35  . ? 4_545 ? 
2  AC1 8 TYR A 55  ? TYR A 55  . ? 1_555 ? 
3  AC1 8 PHE A 148 ? PHE A 148 . ? 1_555 ? 
4  AC1 8 ASN A 149 ? ASN A 149 . ? 1_555 ? 
5  AC1 8 PRO A 153 ? PRO A 153 . ? 1_555 ? 
6  AC1 8 ASN A 156 ? ASN A 156 . ? 1_555 ? 
7  AC1 8 HOH D .   ? HOH A 306 . ? 1_555 ? 
8  AC1 8 HOH D .   ? HOH A 313 . ? 1_555 ? 
9  AC2 3 THR A 29  ? THR A 29  . ? 4_545 ? 
10 AC2 3 TRP A 85  ? TRP A 85  . ? 1_555 ? 
11 AC2 3 PHE A 148 ? PHE A 148 . ? 1_555 ? 
# 
_atom_sites.entry_id                    7MTT 
_atom_sites.Cartn_transf_matrix[1][1]   ? 
_atom_sites.Cartn_transf_matrix[1][2]   ? 
_atom_sites.Cartn_transf_matrix[1][3]   ? 
_atom_sites.Cartn_transf_matrix[2][1]   ? 
_atom_sites.Cartn_transf_matrix[2][2]   ? 
_atom_sites.Cartn_transf_matrix[2][3]   ? 
_atom_sites.Cartn_transf_matrix[3][1]   ? 
_atom_sites.Cartn_transf_matrix[3][2]   ? 
_atom_sites.Cartn_transf_matrix[3][3]   ? 
_atom_sites.Cartn_transf_vector[1]      ? 
_atom_sites.Cartn_transf_vector[2]      ? 
_atom_sites.Cartn_transf_vector[3]      ? 
_atom_sites.fract_transf_matrix[1][1]   -0.01699304 
_atom_sites.fract_transf_matrix[1][2]   0.00774991 
_atom_sites.fract_transf_matrix[1][3]   0.00652552 
_atom_sites.fract_transf_matrix[2][1]   -0.00740760 
_atom_sites.fract_transf_matrix[2][2]   -0.00423409 
_atom_sites.fract_transf_matrix[2][3]   -0.01426153 
_atom_sites.fract_transf_matrix[3][1]   -0.00379144 
_atom_sites.fract_transf_matrix[3][2]   -0.01329517 
_atom_sites.fract_transf_matrix[3][3]   0.00591650 
_atom_sites.fract_transf_vector[1]      -0.024167 
_atom_sites.fract_transf_vector[2]      -0.076339 
_atom_sites.fract_transf_vector[3]      0.031404 
_atom_sites.solution_primary            ? 
_atom_sites.solution_secondary          ? 
_atom_sites.solution_hydrogens          ? 
_atom_sites.special_details             ? 
# 
loop_
_atom_type.symbol 
C 
N 
O 
S 
# 
loop_
_atom_site.group_PDB 
_atom_site.id 
_atom_site.type_symbol 
_atom_site.label_atom_id 
_atom_site.label_alt_id 
_atom_site.label_comp_id 
_atom_site.label_asym_id 
_atom_site.label_entity_id 
_atom_site.label_seq_id 
_atom_site.pdbx_PDB_ins_code 
_atom_site.Cartn_x 
_atom_site.Cartn_y 
_atom_site.Cartn_z 
_atom_site.occupancy 
_atom_site.B_iso_or_equiv 
_atom_site.pdbx_formal_charge 
_atom_site.auth_seq_id 
_atom_site.auth_comp_id 
_atom_site.auth_asym_id 
_atom_site.auth_atom_id 
_atom_site.pdbx_PDB_model_num 
ATOM   1    N N     . ALA A 1 2   ? -15.112 14.269  3.471   1.00 41.45 ? 2   ALA A N     1 
ATOM   2    C CA    . ALA A 1 2   ? -15.450 13.330  2.314   1.00 53.15 ? 2   ALA A CA    1 
ATOM   3    C C     . ALA A 1 2   ? -14.277 12.391  1.909   1.00 47.22 ? 2   ALA A C     1 
ATOM   4    O O     . ALA A 1 2   ? -13.116 12.659  2.168   1.00 47.13 ? 2   ALA A O     1 
ATOM   5    C CB    . ALA A 1 2   ? -15.942 14.116  1.092   1.00 51.51 ? 2   ALA A CB    1 
ATOM   6    N N     . VAL A 1 3   ? -14.600 11.289  1.252   1.00 45.95 ? 3   VAL A N     1 
ATOM   7    C CA    . VAL A 1 3   ? -13.603 10.260  0.878   1.00 39.41 ? 3   VAL A CA    1 
ATOM   8    C C     . VAL A 1 3   ? -14.009 9.894   -0.570  1.00 41.82 ? 3   VAL A C     1 
ATOM   9    O O     . VAL A 1 3   ? -15.137 10.196  -0.937  1.00 36.64 ? 3   VAL A O     1 
ATOM   10   C CB    . VAL A 1 3   ? -13.726 9.093   1.847   1.00 39.08 ? 3   VAL A CB    1 
ATOM   11   C CG1   . VAL A 1 3   ? -13.251 9.512   3.229   1.00 43.14 ? 3   VAL A CG1   1 
ATOM   12   C CG2   . VAL A 1 3   ? -15.131 8.542   1.944   1.00 45.10 ? 3   VAL A CG2   1 
ATOM   13   N N     . PRO A 1 4   ? -13.149 9.252   -1.376  1.00 37.69 ? 4   PRO A N     1 
ATOM   14   C CA    . PRO A 1 4   ? -13.658 8.911   -2.748  1.00 34.08 ? 4   PRO A CA    1 
ATOM   15   C C     . PRO A 1 4   ? -14.913 8.114   -2.691  1.00 32.69 ? 4   PRO A C     1 
ATOM   16   O O     . PRO A 1 4   ? -15.079 7.184   -1.824  1.00 34.91 ? 4   PRO A O     1 
ATOM   17   C CB    . PRO A 1 4   ? -12.491 8.112   -3.392  1.00 32.85 ? 4   PRO A CB    1 
ATOM   18   C CG    . PRO A 1 4   ? -11.298 8.578   -2.591  1.00 36.26 ? 4   PRO A CG    1 
ATOM   19   C CD    . PRO A 1 4   ? -11.740 8.861   -1.208  1.00 35.27 ? 4   PRO A CD    1 
ATOM   20   N N     . SER A 1 5   ? -15.864 8.484   -3.568  1.00 37.09 ? 5   SER A N     1 
ATOM   21   C CA    . SER A 1 5   ? -17.201 7.843   -3.555  1.00 35.34 ? 5   SER A CA    1 
ATOM   22   C C     . SER A 1 5   ? -17.572 7.351   -4.924  1.00 36.35 ? 5   SER A C     1 
ATOM   23   O O     . SER A 1 5   ? -18.728 6.920   -5.124  1.00 36.98 ? 5   SER A O     1 
ATOM   24   C CB    . SER A 1 5   ? -18.299 8.835   -3.067  1.00 39.20 ? 5   SER A CB    1 
ATOM   25   O OG    . SER A 1 5   ? -18.157 10.055  -3.836  1.00 40.67 ? 5   SER A OG    1 
ATOM   26   N N     . SER A 1 6   ? -16.641 7.364   -5.865  1.00 33.26 ? 6   SER A N     1 
ATOM   27   C CA    . SER A 1 6   ? -16.930 6.817   -7.179  1.00 35.94 ? 6   SER A CA    1 
ATOM   28   C C     . SER A 1 6   ? -15.641 6.299   -7.738  1.00 35.40 ? 6   SER A C     1 
ATOM   29   O O     . SER A 1 6   ? -14.571 6.666   -7.262  1.00 34.17 ? 6   SER A O     1 
ATOM   30   C CB    . SER A 1 6   ? -17.443 7.900   -8.123  1.00 34.88 ? 6   SER A CB    1 
ATOM   31   O OG    . SER A 1 6   ? -16.406 8.830   -8.287  1.00 33.63 ? 6   SER A OG    1 
ATOM   32   N N     . LYS A 1 7   ? -15.756 5.447   -8.745  1.00 37.94 ? 7   LYS A N     1 
ATOM   33   C CA    . LYS A 1 7   ? -14.617 4.928   -9.535  1.00 39.00 ? 7   LYS A CA    1 
ATOM   34   C C     . LYS A 1 7   ? -13.673 5.995   -9.975  1.00 39.98 ? 7   LYS A C     1 
ATOM   35   O O     . LYS A 1 7   ? -12.438 5.839   -9.915  1.00 38.39 ? 7   LYS A O     1 
ATOM   36   C CB    . LYS A 1 7   ? -15.155 4.274   -10.808 1.00 38.72 ? 7   LYS A CB    1 
ATOM   37   C CG    . LYS A 1 7   ? -14.113 3.618   -11.676 1.00 38.57 ? 7   LYS A CG    1 
ATOM   38   C CD    . LYS A 1 7   ? -14.716 2.900   -12.865 1.00 39.76 ? 7   LYS A CD    1 
ATOM   39   C CE    . LYS A 1 7   ? -13.630 2.115   -13.574 1.00 36.29 ? 7   LYS A CE    1 
ATOM   40   N NZ    . LYS A 1 7   ? -14.214 1.296   -14.668 1.00 37.23 ? 7   LYS A NZ    1 
ATOM   41   N N     . GLU A 1 8   ? -14.236 7.106   -10.489 1.00 43.99 ? 8   GLU A N     1 
ATOM   42   C CA    . GLU A 1 8   ? -13.381 8.144   -11.041 1.00 38.22 ? 8   GLU A CA    1 
ATOM   43   C C     . GLU A 1 8   ? -12.593 8.869   -9.951  1.00 35.79 ? 8   GLU A C     1 
ATOM   44   O O     . GLU A 1 8   ? -11.409 9.228   -10.143 1.00 36.23 ? 8   GLU A O     1 
ATOM   45   C CB    . GLU A 1 8   ? -14.136 9.154   -11.923 1.00 54.79 ? 8   GLU A CB    1 
ATOM   46   C CG    . GLU A 1 8   ? -13.219 10.338  -12.243 1.00 61.94 ? 8   GLU A CG    1 
ATOM   47   C CD    . GLU A 1 8   ? -13.797 11.353  -13.198 1.00 77.10 ? 8   GLU A CD    1 
ATOM   48   O OE1   . GLU A 1 8   ? -14.967 11.738  -13.002 1.00 71.08 ? 8   GLU A OE1   1 
ATOM   49   O OE2   . GLU A 1 8   ? -13.054 11.785  -14.118 1.00 79.71 ? 8   GLU A OE2   1 
ATOM   50   N N     . GLU A 1 9   ? -13.228 9.054   -8.813  1.00 32.61 ? 9   GLU A N     1 
ATOM   51   C CA    . GLU A 1 9   ? -12.564 9.743   -7.705  1.00 36.65 ? 9   GLU A CA    1 
ATOM   52   C C     . GLU A 1 9   ? -11.502 8.785   -7.082  1.00 34.75 ? 9   GLU A C     1 
ATOM   53   O O     . GLU A 1 9   ? -10.499 9.246   -6.546  1.00 37.92 ? 9   GLU A O     1 
ATOM   54   C CB    . GLU A 1 9   ? -13.574 10.121  -6.625  1.00 38.47 ? 9   GLU A CB    1 
ATOM   55   C CG    . GLU A 1 9   ? -14.493 11.274  -6.983  1.00 40.48 ? 9   GLU A CG    1 
ATOM   56   C CD    . GLU A 1 9   ? -15.531 11.662  -5.934  1.00 45.97 ? 9   GLU A CD    1 
ATOM   57   O OE1   . GLU A 1 9   ? -15.667 11.118  -4.783  1.00 45.10 ? 9   GLU A OE1   1 
ATOM   58   O OE2   . GLU A 1 9   ? -16.271 12.601  -6.297  1.00 56.63 ? 9   GLU A OE2   1 
ATOM   59   N N     . LEU A 1 10  ? -11.771 7.479   -7.130  1.00 34.86 ? 10  LEU A N     1 
ATOM   60   C CA    . LEU A 1 10  ? -10.822 6.480   -6.553  1.00 33.58 ? 10  LEU A CA    1 
ATOM   61   C C     . LEU A 1 10  ? -9.549  6.487   -7.360  1.00 36.33 ? 10  LEU A C     1 
ATOM   62   O O     . LEU A 1 10  ? -8.410  6.562   -6.809  1.00 32.86 ? 10  LEU A O     1 
ATOM   63   C CB    . LEU A 1 10  ? -11.437 5.067   -6.490  1.00 34.62 ? 10  LEU A CB    1 
ATOM   64   C CG    . LEU A 1 10  ? -10.551 3.863   -6.093  1.00 31.68 ? 10  LEU A CG    1 
ATOM   65   C CD1   . LEU A 1 10  ? -9.913  4.141   -4.717  1.00 28.75 ? 10  LEU A CD1   1 
ATOM   66   C CD2   . LEU A 1 10  ? -11.357 2.560   -6.130  1.00 30.34 ? 10  LEU A CD2   1 
ATOM   67   N N     . ILE A 1 11  ? -9.707  6.432   -8.677  1.00 30.86 ? 11  ILE A N     1 
ATOM   68   C CA    . ILE A 1 11  ? -8.550  6.439   -9.558  1.00 32.25 ? 11  ILE A CA    1 
ATOM   69   C C     . ILE A 1 11  ? -7.730  7.741   -9.423  1.00 32.71 ? 11  ILE A C     1 
ATOM   70   O O     . ILE A 1 11  ? -6.485  7.706   -9.416  1.00 36.38 ? 11  ILE A O     1 
ATOM   71   C CB    . ILE A 1 11  ? -8.945  6.183   -11.067 1.00 34.91 ? 11  ILE A CB    1 
ATOM   72   C CG1   . ILE A 1 11  ? -9.420  4.763   -11.248 1.00 34.89 ? 11  ILE A CG1   1 
ATOM   73   C CG2   . ILE A 1 11  ? -7.726  6.351   -11.966 1.00 39.79 ? 11  ILE A CG2   1 
ATOM   74   C CD1   . ILE A 1 11  ? -10.034 4.465   -12.596 1.00 39.87 ? 11  ILE A CD1   1 
ATOM   75   N N     . LYS A 1 12  ? -8.401  8.895   -9.443  1.00 36.20 ? 12  LYS A N     1 
ATOM   76   C CA    . LYS A 1 12  ? -7.758  10.178  -9.205  1.00 37.94 ? 12  LYS A CA    1 
ATOM   77   C C     . LYS A 1 12  ? -6.934  10.163  -7.902  1.00 32.58 ? 12  LYS A C     1 
ATOM   78   O O     . LYS A 1 12  ? -5.783  10.584  -7.908  1.00 37.52 ? 12  LYS A O     1 
ATOM   79   C CB    . LYS A 1 12  ? -8.800  11.306  -9.107  1.00 45.43 ? 12  LYS A CB    1 
ATOM   80   C CG    . LYS A 1 12  ? -9.131  11.945  -10.467 1.00 57.70 ? 12  LYS A CG    1 
ATOM   81   C CD    . LYS A 1 12  ? -10.045 13.174  -10.302 1.00 61.80 ? 12  LYS A CD    1 
ATOM   82   C CE    . LYS A 1 12  ? -10.862 13.507  -11.550 1.00 66.64 ? 12  LYS A CE    1 
ATOM   83   N NZ    . LYS A 1 12  ? -10.001 13.769  -12.738 1.00 79.57 ? 12  LYS A NZ    1 
ATOM   84   N N     . ALA A 1 13  ? -7.539  9.690   -6.835  1.00 33.28 ? 13  ALA A N     1 
ATOM   85   C CA    . ALA A 1 13  ? -6.885  9.697   -5.472  1.00 36.88 ? 13  ALA A CA    1 
ATOM   86   C C     . ALA A 1 13  ? -5.642  8.789   -5.447  1.00 34.07 ? 13  ALA A C     1 
ATOM   87   O O     . ALA A 1 13  ? -4.590  9.142   -4.902  1.00 31.93 ? 13  ALA A O     1 
ATOM   88   C CB    . ALA A 1 13  ? -7.862  9.287   -4.389  1.00 34.79 ? 13  ALA A CB    1 
ATOM   89   N N     . ILE A 1 14  ? -5.725  7.685   -6.149  1.00 32.83 ? 14  ILE A N     1 
ATOM   90   C CA    . ILE A 1 14  ? -4.564  6.744   -6.270  1.00 33.31 ? 14  ILE A CA    1 
ATOM   91   C C     . ILE A 1 14  ? -3.462  7.377   -7.057  1.00 36.32 ? 14  ILE A C     1 
ATOM   92   O O     . ILE A 1 14  ? -2.324  7.405   -6.610  1.00 33.27 ? 14  ILE A O     1 
ATOM   93   C CB    . ILE A 1 14  ? -4.987  5.422   -6.891  1.00 31.27 ? 14  ILE A CB    1 
ATOM   94   C CG1   . ILE A 1 14  ? -5.845  4.640   -5.893  1.00 31.56 ? 14  ILE A CG1   1 
ATOM   95   C CG2   . ILE A 1 14  ? -3.785  4.615   -7.360  1.00 33.33 ? 14  ILE A CG2   1 
ATOM   96   C CD1   . ILE A 1 14  ? -6.428  3.356   -6.482  1.00 35.60 ? 14  ILE A CD1   1 
ATOM   97   N N     . ASN A 1 15  ? -3.786  7.942   -8.221  1.00 37.03 ? 15  ASN A N     1 
ATOM   98   C CA    . ASN A 1 15  ? -2.726  8.480   -9.107  1.00 36.59 ? 15  ASN A CA    1 
ATOM   99   C C     . ASN A 1 15  ? -2.039  9.667   -8.532  1.00 33.60 ? 15  ASN A C     1 
ATOM   100  O O     . ASN A 1 15  ? -0.806  9.793   -8.617  1.00 36.45 ? 15  ASN A O     1 
ATOM   101  C CB    . ASN A 1 15  ? -3.296  8.854   -10.461 1.00 38.74 ? 15  ASN A CB    1 
ATOM   102  C CG    . ASN A 1 15  ? -3.601  7.645   -11.298 1.00 40.31 ? 15  ASN A CG    1 
ATOM   103  O OD1   . ASN A 1 15  ? -2.956  6.595   -11.211 1.00 39.17 ? 15  ASN A OD1   1 
ATOM   104  N ND2   . ASN A 1 15  ? -4.569  7.796   -12.152 1.00 46.06 ? 15  ASN A ND2   1 
ATOM   105  N N     . SER A 1 16  ? -2.846  10.502  -7.912  1.00 34.77 ? 16  SER A N     1 
ATOM   106  C CA    . SER A 1 16  ? -2.387  11.666  -7.283  1.00 37.89 ? 16  SER A CA    1 
ATOM   107  C C     . SER A 1 16  ? -1.475  11.418  -6.054  1.00 37.69 ? 16  SER A C     1 
ATOM   108  O O     . SER A 1 16  ? -0.341  11.946  -5.982  1.00 37.00 ? 16  SER A O     1 
ATOM   109  C CB    . SER A 1 16  ? -3.614  12.423  -6.832  1.00 45.35 ? 16  SER A CB    1 
ATOM   110  O OG    . SER A 1 16  ? -3.173  13.600  -6.258  1.00 52.54 ? 16  SER A OG    1 
ATOM   111  N N     . ASN A 1 17  ? -1.999  10.665  -5.073  1.00 35.52 ? 17  ASN A N     1 
ATOM   112  C CA    . ASN A 1 17  ? -1.209  10.240  -3.875  1.00 33.04 ? 17  ASN A CA    1 
ATOM   113  C C     . ASN A 1 17  ? 0.080   9.500   -4.269  1.00 29.62 ? 17  ASN A C     1 
ATOM   114  O O     . ASN A 1 17  ? 1.153   9.683   -3.669  1.00 34.23 ? 17  ASN A O     1 
ATOM   115  C CB    . ASN A 1 17  ? -2.049  9.343   -3.003  1.00 35.90 ? 17  ASN A CB    1 
ATOM   116  C CG    . ASN A 1 17  ? -3.217  10.070  -2.308  1.00 44.32 ? 17  ASN A CG    1 
ATOM   117  O OD1   . ASN A 1 17  ? -3.520  11.161  -2.610  1.00 40.17 ? 17  ASN A OD1   1 
ATOM   118  N ND2   . ASN A 1 17  ? -3.891  9.401   -1.402  1.00 47.49 ? 17  ASN A ND2   1 
ATOM   119  N N     . PHE A 1 18  ? -0.037  8.617   -5.236  1.00 31.48 ? 18  PHE A N     1 
ATOM   120  C CA    . PHE A 1 18  ? 1.148   7.874   -5.748  1.00 32.45 ? 18  PHE A CA    1 
ATOM   121  C C     . PHE A 1 18  ? 2.190   8.782   -6.427  1.00 36.20 ? 18  PHE A C     1 
ATOM   122  O O     . PHE A 1 18  ? 3.429   8.627   -6.223  1.00 30.78 ? 18  PHE A O     1 
ATOM   123  C CB    . PHE A 1 18  ? 0.786   6.787   -6.720  1.00 29.99 ? 18  PHE A CB    1 
ATOM   124  C CG    . PHE A 1 18  ? 1.968   5.957   -7.097  1.00 33.00 ? 18  PHE A CG    1 
ATOM   125  C CD1   . PHE A 1 18  ? 2.407   4.946   -6.216  1.00 38.80 ? 18  PHE A CD1   1 
ATOM   126  C CD2   . PHE A 1 18  ? 2.691   6.209   -8.241  1.00 35.60 ? 18  PHE A CD2   1 
ATOM   127  C CE1   . PHE A 1 18  ? 3.533   4.206   -6.504  1.00 37.27 ? 18  PHE A CE1   1 
ATOM   128  C CE2   . PHE A 1 18  ? 3.819   5.459   -8.548  1.00 41.00 ? 18  PHE A CE2   1 
ATOM   129  C CZ    . PHE A 1 18  ? 4.221   4.436   -7.685  1.00 43.64 ? 18  PHE A CZ    1 
ATOM   130  N N     . SER A 1 19  ? 1.715   9.759   -7.202  1.00 34.84 ? 19  SER A N     1 
ATOM   131  C CA    . SER A 1 19  ? 2.664   10.615  -7.912  1.00 36.21 ? 19  SER A CA    1 
ATOM   132  C C     . SER A 1 19  ? 3.478   11.446  -6.870  1.00 34.47 ? 19  SER A C     1 
ATOM   133  O O     . SER A 1 19  ? 4.746   11.549  -6.972  1.00 36.55 ? 19  SER A O     1 
ATOM   134  C CB    . SER A 1 19  ? 1.936   11.443  -8.976  1.00 41.28 ? 19  SER A CB    1 
ATOM   135  O OG    . SER A 1 19  ? 2.819   12.458  -9.393  1.00 51.16 ? 19  SER A OG    1 
ATOM   136  N N     . LEU A 1 20  ? 2.800   11.931  -5.823  1.00 33.61 ? 20  LEU A N     1 
ATOM   137  C CA    . LEU A 1 20  ? 3.475   12.723  -4.798  1.00 37.01 ? 20  LEU A CA    1 
ATOM   138  C C     . LEU A 1 20  ? 4.472   11.852  -4.003  1.00 39.38 ? 20  LEU A C     1 
ATOM   139  O O     . LEU A 1 20  ? 5.588   12.272  -3.668  1.00 34.91 ? 20  LEU A O     1 
ATOM   140  C CB    . LEU A 1 20  ? 2.497   13.338  -3.801  1.00 39.46 ? 20  LEU A CB    1 
ATOM   141  C CG    . LEU A 1 20  ? 3.280   14.140  -2.708  1.00 52.95 ? 20  LEU A CG    1 
ATOM   142  C CD1   . LEU A 1 20  ? 4.182   15.227  -3.339  1.00 50.67 ? 20  LEU A CD1   1 
ATOM   143  C CD2   . LEU A 1 20  ? 2.412   14.710  -1.555  1.00 55.64 ? 20  LEU A CD2   1 
ATOM   144  N N     . LEU A 1 21  ? 4.049   10.624  -3.694  1.00 32.83 ? 21  LEU A N     1 
ATOM   145  C CA    . LEU A 1 21  ? 4.904   9.661   -2.977  1.00 29.93 ? 21  LEU A CA    1 
ATOM   146  C C     . LEU A 1 21  ? 6.125   9.308   -3.799  1.00 27.99 ? 21  LEU A C     1 
ATOM   147  O O     . LEU A 1 21  ? 7.259   9.232   -3.280  1.00 33.82 ? 21  LEU A O     1 
ATOM   148  C CB    . LEU A 1 21  ? 4.040   8.405   -2.643  1.00 32.34 ? 21  LEU A CB    1 
ATOM   149  C CG    . LEU A 1 21  ? 4.843   7.159   -2.243  1.00 34.56 ? 21  LEU A CG    1 
ATOM   150  C CD1   . LEU A 1 21  ? 5.371   7.385   -0.868  1.00 33.02 ? 21  LEU A CD1   1 
ATOM   151  C CD2   . LEU A 1 21  ? 4.030   5.880   -2.288  1.00 30.99 ? 21  LEU A CD2   1 
ATOM   152  N N     . ASN A 1 22  ? 5.920   8.952   -5.047  1.00 26.24 ? 22  ASN A N     1 
ATOM   153  C CA    . ASN A 1 22  ? 7.000   8.568   -5.904  1.00 33.66 ? 22  ASN A CA    1 
ATOM   154  C C     . ASN A 1 22  ? 8.097   9.662   -6.060  1.00 39.61 ? 22  ASN A C     1 
ATOM   155  O O     . ASN A 1 22  ? 9.282   9.358   -6.111  1.00 43.24 ? 22  ASN A O     1 
ATOM   156  C CB    . ASN A 1 22  ? 6.450   8.194   -7.262  1.00 40.60 ? 22  ASN A CB    1 
ATOM   157  C CG    . ASN A 1 22  ? 7.464   7.494   -8.089  1.00 46.72 ? 22  ASN A CG    1 
ATOM   158  O OD1   . ASN A 1 22  ? 7.932   8.017   -9.067  1.00 58.55 ? 22  ASN A OD1   1 
ATOM   159  N ND2   . ASN A 1 22  ? 7.898   6.381   -7.626  1.00 46.45 ? 22  ASN A ND2   1 
ATOM   160  N N     . LYS A 1 23  ? 7.681   10.922  -6.105  1.00 41.12 ? 23  LYS A N     1 
ATOM   161  C CA    . LYS A 1 23  ? 8.595   12.058  -6.177  1.00 44.83 ? 23  LYS A CA    1 
ATOM   162  C C     . LYS A 1 23  ? 9.495   12.029  -4.942  1.00 39.44 ? 23  LYS A C     1 
ATOM   163  O O     . LYS A 1 23  ? 10.733  12.016  -5.069  1.00 46.51 ? 23  LYS A O     1 
ATOM   164  C CB    . LYS A 1 23  ? 7.762   13.360  -6.258  1.00 50.99 ? 23  LYS A CB    1 
ATOM   165  C CG    . LYS A 1 23  ? 8.482   14.599  -6.793  1.00 63.15 ? 23  LYS A CG    1 
ATOM   166  C CD    . LYS A 1 23  ? 7.757   15.874  -6.324  1.00 68.99 ? 23  LYS A CD    1 
ATOM   167  C CE    . LYS A 1 23  ? 8.645   17.116  -6.369  1.00 75.24 ? 23  LYS A CE    1 
ATOM   168  N NZ    . LYS A 1 23  ? 9.124   17.398  -7.754  1.00 81.51 ? 23  LYS A NZ    1 
ATOM   169  N N     . LYS A 1 24  ? 8.889   11.953  -3.759  1.00 36.37 ? 24  LYS A N     1 
ATOM   170  C CA    . LYS A 1 24  ? 9.643   11.800  -2.503  1.00 37.36 ? 24  LYS A CA    1 
ATOM   171  C C     . LYS A 1 24  ? 10.568  10.551  -2.494  1.00 38.62 ? 24  LYS A C     1 
ATOM   172  O O     . LYS A 1 24  ? 11.744  10.631  -2.125  1.00 36.38 ? 24  LYS A O     1 
ATOM   173  C CB    . LYS A 1 24  ? 8.724   11.783  -1.306  1.00 38.15 ? 24  LYS A CB    1 
ATOM   174  C CG    . LYS A 1 24  ? 7.846   13.034  -1.137  1.00 38.13 ? 24  LYS A CG    1 
ATOM   175  C CD    . LYS A 1 24  ? 7.201   13.032  0.224   1.00 39.36 ? 24  LYS A CD    1 
ATOM   176  C CE    . LYS A 1 24  ? 6.123   14.079  0.355   1.00 47.11 ? 24  LYS A CE    1 
ATOM   177  N NZ    . LYS A 1 24  ? 6.764   15.362  0.699   1.00 50.43 ? 24  LYS A NZ    1 
ATOM   178  N N     . LEU A 1 25  ? 10.045  9.391   -2.901  1.00 35.11 ? 25  LEU A N     1 
ATOM   179  C CA    . LEU A 1 25  ? 10.894  8.203   -2.926  1.00 34.09 ? 25  LEU A CA    1 
ATOM   180  C C     . LEU A 1 25  ? 12.102  8.342   -3.835  1.00 35.62 ? 25  LEU A C     1 
ATOM   181  O O     . LEU A 1 25  ? 13.208  7.892   -3.496  1.00 37.43 ? 25  LEU A O     1 
ATOM   182  C CB    . LEU A 1 25  ? 10.066  6.961   -3.320  1.00 33.67 ? 25  LEU A CB    1 
ATOM   183  C CG    . LEU A 1 25  ? 9.090   6.488   -2.195  1.00 30.13 ? 25  LEU A CG    1 
ATOM   184  C CD1   . LEU A 1 25  ? 8.230   5.345   -2.753  1.00 31.33 ? 25  LEU A CD1   1 
ATOM   185  C CD2   . LEU A 1 25  ? 9.814   5.945   -0.976  1.00 29.04 ? 25  LEU A CD2   1 
ATOM   186  N N     . GLU A 1 26  ? 11.869  8.885   -5.031  1.00 36.13 ? 26  GLU A N     1 
ATOM   187  C CA    . GLU A 1 26  ? 12.966  9.102   -5.984  1.00 40.11 ? 26  GLU A CA    1 
ATOM   188  C C     . GLU A 1 26  ? 14.072  10.038  -5.442  1.00 36.36 ? 26  GLU A C     1 
ATOM   189  O O     . GLU A 1 26  ? 15.197  9.922   -5.822  1.00 37.86 ? 26  GLU A O     1 
ATOM   190  C CB    . GLU A 1 26  ? 12.419  9.576   -7.332  1.00 38.48 ? 26  GLU A CB    1 
ATOM   191  C CG    . GLU A 1 26  ? 12.024  8.339   -8.096  1.00 46.24 ? 26  GLU A CG    1 
ATOM   192  C CD    . GLU A 1 26  ? 11.421  8.619   -9.433  1.00 56.39 ? 26  GLU A CD    1 
ATOM   193  O OE1   . GLU A 1 26  ? 11.012  9.771   -9.690  1.00 68.71 ? 26  GLU A OE1   1 
ATOM   194  O OE2   . GLU A 1 26  ? 11.341  7.657   -10.213 1.00 61.35 ? 26  GLU A OE2   1 
ATOM   195  N N     . SER A 1 27  ? 13.756  10.879  -4.501  1.00 33.29 ? 27  SER A N     1 
ATOM   196  C CA    . SER A 1 27  ? 14.727  11.830  -3.988  1.00 43.12 ? 27  SER A CA    1 
ATOM   197  C C     . SER A 1 27  ? 15.595  11.252  -2.880  1.00 45.40 ? 27  SER A C     1 
ATOM   198  O O     . SER A 1 27  ? 16.427  11.977  -2.333  1.00 36.93 ? 27  SER A O     1 
ATOM   199  C CB    . SER A 1 27  ? 13.986  13.048  -3.400  1.00 41.75 ? 27  SER A CB    1 
ATOM   200  O OG    . SER A 1 27  ? 13.521  12.771  -2.082  1.00 41.91 ? 27  SER A OG    1 
ATOM   201  N N     . ILE A 1 28  ? 15.381  9.997   -2.475  1.00 35.95 ? 28  ILE A N     1 
ATOM   202  C CA    . ILE A 1 28  ? 16.113  9.462   -1.330  1.00 37.72 ? 28  ILE A CA    1 
ATOM   203  C C     . ILE A 1 28  ? 17.355  8.822   -1.866  1.00 32.26 ? 28  ILE A C     1 
ATOM   204  O O     . ILE A 1 28  ? 17.305  8.027   -2.777  1.00 31.40 ? 28  ILE A O     1 
ATOM   205  C CB    . ILE A 1 28  ? 15.273  8.413   -0.505  1.00 37.64 ? 28  ILE A CB    1 
ATOM   206  C CG1   . ILE A 1 28  ? 14.274  9.138   0.430   1.00 42.68 ? 28  ILE A CG1   1 
ATOM   207  C CG2   . ILE A 1 28  ? 16.177  7.564   0.373   1.00 33.69 ? 28  ILE A CG2   1 
ATOM   208  C CD1   . ILE A 1 28  ? 12.895  9.102   -0.062  1.00 49.14 ? 28  ILE A CD1   1 
ATOM   209  N N     . THR A 1 29  ? 18.486  9.105   -1.247  1.00 31.58 ? 29  THR A N     1 
ATOM   210  C CA    . THR A 1 29  ? 19.746  8.452   -1.652  1.00 33.63 ? 29  THR A CA    1 
ATOM   211  C C     . THR A 1 29  ? 19.616  6.949   -1.413  1.00 30.12 ? 29  THR A C     1 
ATOM   212  O O     . THR A 1 29  ? 19.333  6.553   -0.291  1.00 28.25 ? 29  THR A O     1 
ATOM   213  C CB    . THR A 1 29  ? 20.924  8.925   -0.794  1.00 38.17 ? 29  THR A CB    1 
ATOM   214  O OG1   . THR A 1 29  ? 20.950  10.329  -0.771  1.00 38.39 ? 29  THR A OG1   1 
ATOM   215  C CG2   . THR A 1 29  ? 22.200  8.448   -1.360  1.00 44.12 ? 29  THR A CG2   1 
ATOM   216  N N     . PRO A 1 30  ? 19.899  6.106   -2.430  1.00 28.66 ? 30  PRO A N     1 
ATOM   217  C CA    . PRO A 1 30  ? 19.716  4.644   -2.274  1.00 29.57 ? 30  PRO A CA    1 
ATOM   218  C C     . PRO A 1 30  ? 20.508  4.024   -1.130  1.00 32.16 ? 30  PRO A C     1 
ATOM   219  O O     . PRO A 1 30  ? 20.053  3.083   -0.435  1.00 30.66 ? 30  PRO A O     1 
ATOM   220  C CB    . PRO A 1 30  ? 20.209  4.084   -3.616  1.00 29.22 ? 30  PRO A CB    1 
ATOM   221  C CG    . PRO A 1 30  ? 20.009  5.212   -4.578  1.00 35.15 ? 30  PRO A CG    1 
ATOM   222  C CD    . PRO A 1 30  ? 20.391  6.449   -3.797  1.00 33.40 ? 30  PRO A CD    1 
ATOM   223  N N     . GLN A 1 31  ? 21.716  4.579   -0.885  1.00 30.66 ? 31  GLN A N     1 
ATOM   224  C CA    . GLN A 1 31  ? 22.575  4.058   0.160   1.00 31.57 ? 31  GLN A CA    1 
ATOM   225  C C     . GLN A 1 31  ? 22.052  4.349   1.529   1.00 30.84 ? 31  GLN A C     1 
ATOM   226  O O     . GLN A 1 31  ? 22.600  3.879   2.476   1.00 31.24 ? 31  GLN A O     1 
ATOM   227  C CB    . GLN A 1 31  ? 24.034  4.582   0.016   1.00 31.66 ? 31  GLN A CB    1 
ATOM   228  C CG    . GLN A 1 31  ? 24.716  4.060   -1.267  1.00 32.15 ? 31  GLN A CG    1 
ATOM   229  C CD    . GLN A 1 31  ? 24.300  4.769   -2.560  1.00 33.58 ? 31  GLN A CD    1 
ATOM   230  O OE1   . GLN A 1 31  ? 23.799  5.907   -2.564  1.00 33.45 ? 31  GLN A OE1   1 
ATOM   231  N NE2   . GLN A 1 31  ? 24.523  4.084   -3.696  1.00 33.06 ? 31  GLN A NE2   1 
ATOM   232  N N     . LEU A 1 32  ? 21.031  5.187   1.660   1.00 26.90 ? 32  LEU A N     1 
ATOM   233  C CA    . LEU A 1 32  ? 20.373  5.417   2.945   1.00 29.21 ? 32  LEU A CA    1 
ATOM   234  C C     . LEU A 1 32  ? 19.015  4.693   3.064   1.00 31.10 ? 32  LEU A C     1 
ATOM   235  O O     . LEU A 1 32  ? 18.383  4.790   4.105   1.00 29.28 ? 32  LEU A O     1 
ATOM   236  C CB    . LEU A 1 32  ? 20.014  6.891   3.113   1.00 33.53 ? 32  LEU A CB    1 
ATOM   237  C CG    . LEU A 1 32  ? 21.056  7.697   3.856   1.00 49.32 ? 32  LEU A CG    1 
ATOM   238  C CD1   . LEU A 1 32  ? 22.448  7.638   3.262   1.00 49.53 ? 32  LEU A CD1   1 
ATOM   239  C CD2   . LEU A 1 32  ? 20.526  9.117   3.900   1.00 53.21 ? 32  LEU A CD2   1 
ATOM   240  N N     . ALA A 1 33  ? 18.568  4.046   2.008   1.00 32.16 ? 33  ALA A N     1 
ATOM   241  C CA    . ALA A 1 33  ? 17.191  3.581   1.957   1.00 30.74 ? 33  ALA A CA    1 
ATOM   242  C C     . ALA A 1 33  ? 16.985  2.321   2.784   1.00 31.05 ? 33  ALA A C     1 
ATOM   243  O O     . ALA A 1 33  ? 15.844  1.918   3.015   1.00 31.75 ? 33  ALA A O     1 
ATOM   244  C CB    . ALA A 1 33  ? 16.773  3.384   0.492   1.00 29.95 ? 33  ALA A CB    1 
ATOM   245  N N     . PHE A 1 34  ? 18.074  1.699   3.249   1.00 30.32 ? 34  PHE A N     1 
ATOM   246  C CA    . PHE A 1 34  ? 18.021  0.398   3.887   1.00 28.84 ? 34  PHE A CA    1 
ATOM   247  C C     . PHE A 1 34  ? 18.367  0.482   5.344   1.00 30.53 ? 34  PHE A C     1 
ATOM   248  O O     . PHE A 1 34  ? 18.422  -0.499  6.024   1.00 32.97 ? 34  PHE A O     1 
ATOM   249  C CB    . PHE A 1 34  ? 18.895  -0.606  3.153   1.00 31.34 ? 34  PHE A CB    1 
ATOM   250  C CG    . PHE A 1 34  ? 18.345  -0.950  1.787   1.00 31.60 ? 34  PHE A CG    1 
ATOM   251  C CD1   . PHE A 1 34  ? 17.450  -1.961  1.610   1.00 30.16 ? 34  PHE A CD1   1 
ATOM   252  C CD2   . PHE A 1 34  ? 18.711  -0.177  0.688   1.00 35.59 ? 34  PHE A CD2   1 
ATOM   253  C CE1   . PHE A 1 34  ? 16.913  -2.202  0.379   1.00 34.75 ? 34  PHE A CE1   1 
ATOM   254  C CE2   . PHE A 1 34  ? 18.160  -0.405  -0.538  1.00 38.64 ? 34  PHE A CE2   1 
ATOM   255  C CZ    . PHE A 1 34  ? 17.286  -1.452  -0.704  1.00 37.96 ? 34  PHE A CZ    1 
ATOM   256  N N     . GLU A 1 35  ? 18.627  1.665   5.808   1.00 28.29 ? 35  GLU A N     1 
ATOM   257  C CA    . GLU A 1 35  ? 18.989  1.890   7.209   1.00 29.66 ? 35  GLU A CA    1 
ATOM   258  C C     . GLU A 1 35  ? 17.704  2.159   8.021   1.00 29.89 ? 35  GLU A C     1 
ATOM   259  O O     . GLU A 1 35  ? 16.883  3.004   7.593   1.00 31.64 ? 35  GLU A O     1 
ATOM   260  C CB    . GLU A 1 35  ? 19.851  3.154   7.328   1.00 29.18 ? 35  GLU A CB    1 
ATOM   261  C CG    . GLU A 1 35  ? 20.457  3.427   8.691   1.00 35.13 ? 35  GLU A CG    1 
ATOM   262  C CD    . GLU A 1 35  ? 21.397  2.307   9.153   1.00 35.03 ? 35  GLU A CD    1 
ATOM   263  O OE1   . GLU A 1 35  ? 21.954  1.628   8.289   1.00 37.56 ? 35  GLU A OE1   1 
ATOM   264  O OE2   . GLU A 1 35  ? 21.570  2.068   10.366  1.00 33.99 ? 35  GLU A OE2   1 
ATOM   265  N N     . PRO A 1 36  ? 17.607  1.580   9.236   1.00 32.56 ? 36  PRO A N     1 
ATOM   266  C CA    . PRO A 1 36  ? 16.474  1.946   10.139  1.00 31.89 ? 36  PRO A CA    1 
ATOM   267  C C     . PRO A 1 36  ? 16.450  3.413   10.641  1.00 37.81 ? 36  PRO A C     1 
ATOM   268  O O     . PRO A 1 36  ? 17.216  3.806   11.552  1.00 35.07 ? 36  PRO A O     1 
ATOM   269  C CB    . PRO A 1 36  ? 16.588  0.921   11.286  1.00 34.78 ? 36  PRO A CB    1 
ATOM   270  C CG    . PRO A 1 36  ? 17.337  -0.225  10.686  1.00 40.74 ? 36  PRO A CG    1 
ATOM   271  C CD    . PRO A 1 36  ? 18.363  0.425   9.769   1.00 37.30 ? 36  PRO A CD    1 
ATOM   272  N N     . LEU A 1 37  ? 15.549  4.216   10.062  1.00 32.90 ? 37  LEU A N     1 
ATOM   273  C CA    . LEU A 1 37  ? 15.523  5.648   10.274  1.00 32.22 ? 37  LEU A CA    1 
ATOM   274  C C     . LEU A 1 37  ? 14.141  6.208   10.572  1.00 36.96 ? 37  LEU A C     1 
ATOM   275  O O     . LEU A 1 37  ? 14.050  7.374   10.763  1.00 36.38 ? 37  LEU A O     1 
ATOM   276  C CB    . LEU A 1 37  ? 16.003  6.367   9.028   1.00 33.76 ? 37  LEU A CB    1 
ATOM   277  C CG    . LEU A 1 37  ? 17.517  6.240   8.750   1.00 37.83 ? 37  LEU A CG    1 
ATOM   278  C CD1   . LEU A 1 37  ? 17.808  6.828   7.402   1.00 35.87 ? 37  LEU A CD1   1 
ATOM   279  C CD2   . LEU A 1 37  ? 18.317  6.926   9.864   1.00 39.60 ? 37  LEU A CD2   1 
ATOM   280  N N     . LEU A 1 38  ? 13.058  5.408   10.488  1.00 33.99 ? 38  LEU A N     1 
ATOM   281  C CA    . LEU A 1 38  ? 11.692  5.930   10.592  1.00 34.81 ? 38  LEU A CA    1 
ATOM   282  C C     . LEU A 1 38  ? 10.971  5.173   11.688  1.00 32.11 ? 38  LEU A C     1 
ATOM   283  O O     . LEU A 1 38  ? 11.187  3.974   11.917  1.00 29.79 ? 38  LEU A O     1 
ATOM   284  C CB    . LEU A 1 38  ? 10.904  5.661   9.267   1.00 37.59 ? 38  LEU A CB    1 
ATOM   285  C CG    . LEU A 1 38  ? 11.403  6.108   7.891   1.00 47.37 ? 38  LEU A CG    1 
ATOM   286  C CD1   . LEU A 1 38  ? 10.706  5.457   6.708   1.00 47.41 ? 38  LEU A CD1   1 
ATOM   287  C CD2   . LEU A 1 38  ? 11.096  7.582   7.852   1.00 56.03 ? 38  LEU A CD2   1 
ATOM   288  N N     . GLU A 1 39  ? 10.011  5.823   12.311  1.00 31.24 ? 39  GLU A N     1 
ATOM   289  C CA    . GLU A 1 39  ? 9.109   5.103   13.158  1.00 33.25 ? 39  GLU A CA    1 
ATOM   290  C C     . GLU A 1 39  ? 8.273   4.106   12.306  1.00 30.60 ? 39  GLU A C     1 
ATOM   291  O O     . GLU A 1 39  ? 7.935   4.375   11.188  1.00 26.39 ? 39  GLU A O     1 
ATOM   292  C CB    . GLU A 1 39  ? 8.312   6.091   14.013  1.00 43.90 ? 39  GLU A CB    1 
ATOM   293  C CG    . GLU A 1 39  ? 7.075   6.660   13.442  1.00 54.40 ? 39  GLU A CG    1 
ATOM   294  C CD    . GLU A 1 39  ? 6.149   7.167   14.570  1.00 67.06 ? 39  GLU A CD    1 
ATOM   295  O OE1   . GLU A 1 39  ? 4.937   6.800   14.580  1.00 60.46 ? 39  GLU A OE1   1 
ATOM   296  O OE2   . GLU A 1 39  ? 6.647   7.913   15.467  1.00 67.38 ? 39  GLU A OE2   1 
ATOM   297  N N     . GLY A 1 40  ? 8.005   2.931   12.828  1.00 28.12 ? 40  GLY A N     1 
ATOM   298  C CA    . GLY A 1 40  ? 7.307   1.848   12.060  1.00 25.83 ? 40  GLY A CA    1 
ATOM   299  C C     . GLY A 1 40  ? 5.818   1.893   12.206  1.00 30.01 ? 40  GLY A C     1 
ATOM   300  O O     . GLY A 1 40  ? 5.199   2.982   12.410  1.00 29.83 ? 40  GLY A O     1 
ATOM   301  N N     . HIS A 1 41  ? 5.203   0.740   12.041  1.00 28.19 ? 41  HIS A N     1 
ATOM   302  C CA    . HIS A 1 41  ? 3.696   0.658   11.993  1.00 26.90 ? 41  HIS A CA    1 
ATOM   303  C C     . HIS A 1 41  ? 3.074   0.173   13.255  1.00 30.51 ? 41  HIS A C     1 
ATOM   304  O O     . HIS A 1 41  ? 1.865   -0.054  13.330  1.00 30.43 ? 41  HIS A O     1 
ATOM   305  C CB    . HIS A 1 41  ? 3.244   -0.200  10.770  1.00 25.56 ? 41  HIS A CB    1 
ATOM   306  C CG    . HIS A 1 41  ? 3.600   0.466   9.475   1.00 24.83 ? 41  HIS A CG    1 
ATOM   307  N ND1   . HIS A 1 41  ? 4.765   0.194   8.784   1.00 25.05 ? 41  HIS A ND1   1 
ATOM   308  C CD2   . HIS A 1 41  ? 2.972   1.456   8.780   1.00 26.82 ? 41  HIS A CD2   1 
ATOM   309  C CE1   . HIS A 1 41  ? 4.845   0.955   7.716   1.00 24.39 ? 41  HIS A CE1   1 
ATOM   310  N NE2   . HIS A 1 41  ? 3.764   1.738   7.691   1.00 26.98 ? 41  HIS A NE2   1 
ATOM   311  N N     . ALA A 1 42  ? 3.911   -0.045  14.244  1.00 31.02 ? 42  ALA A N     1 
ATOM   312  C CA    . ALA A 1 42  ? 3.434   -0.401  15.578  1.00 31.92 ? 42  ALA A CA    1 
ATOM   313  C C     . ALA A 1 42  ? 4.450   0.140   16.576  1.00 34.74 ? 42  ALA A C     1 
ATOM   314  O O     . ALA A 1 42  ? 5.540   0.530   16.213  1.00 33.14 ? 42  ALA A O     1 
ATOM   315  C CB    . ALA A 1 42  ? 3.265   -1.895  15.722  1.00 36.94 ? 42  ALA A CB    1 
ATOM   316  N N     . LYS A 1 43  ? 4.059   0.150   17.821  1.00 33.25 ? 43  LYS A N     1 
ATOM   317  C CA    . LYS A 1 43  ? 4.789   0.842   18.882  1.00 34.58 ? 43  LYS A CA    1 
ATOM   318  C C     . LYS A 1 43  ? 6.195   0.226   19.027  1.00 30.60 ? 43  LYS A C     1 
ATOM   319  O O     . LYS A 1 43  ? 6.325   -0.986  19.081  1.00 27.96 ? 43  LYS A O     1 
ATOM   320  C CB    . LYS A 1 43  ? 4.036   0.656   20.210  1.00 39.67 ? 43  LYS A CB    1 
ATOM   321  C CG    . LYS A 1 43  ? 4.703   1.416   21.362  1.00 45.63 ? 43  LYS A CG    1 
ATOM   322  C CD    . LYS A 1 43  ? 4.173   0.957   22.709  1.00 51.19 ? 43  LYS A CD    1 
ATOM   323  C CE    . LYS A 1 43  ? 3.986   2.125   23.674  1.00 62.38 ? 43  LYS A CE    1 
ATOM   324  N NZ    . LYS A 1 43  ? 5.258   2.597   24.255  1.00 63.79 ? 43  LYS A NZ    1 
ATOM   325  N N     . GLY A 1 44  ? 7.188   1.103   19.095  1.00 31.05 ? 44  GLY A N     1 
ATOM   326  C CA    . GLY A 1 44  ? 8.592   0.791   19.436  1.00 32.59 ? 44  GLY A CA    1 
ATOM   327  C C     . GLY A 1 44  ? 9.452   0.311   18.286  1.00 35.02 ? 44  GLY A C     1 
ATOM   328  O O     . GLY A 1 44  ? 10.544  -0.068  18.554  1.00 31.64 ? 44  GLY A O     1 
ATOM   329  N N     . THR A 1 45  ? 8.920   0.181   17.051  1.00 31.57 ? 45  THR A N     1 
ATOM   330  C CA    . THR A 1 45  ? 9.728   -0.273  15.896  1.00 29.76 ? 45  THR A CA    1 
ATOM   331  C C     . THR A 1 45  ? 10.357  0.906   15.149  1.00 26.82 ? 45  THR A C     1 
ATOM   332  O O     . THR A 1 45  ? 9.896   2.015   15.182  1.00 28.29 ? 45  THR A O     1 
ATOM   333  C CB    . THR A 1 45  ? 8.880   -1.079  14.876  1.00 30.37 ? 45  THR A CB    1 
ATOM   334  O OG1   . THR A 1 45  ? 7.857   -0.217  14.353  1.00 32.38 ? 45  THR A OG1   1 
ATOM   335  C CG2   . THR A 1 45  ? 8.244   -2.330  15.541  1.00 32.59 ? 45  THR A CG2   1 
ATOM   336  N N     . THR A 1 46  ? 11.457  0.613   14.460  1.00 26.78 ? 46  THR A N     1 
ATOM   337  C CA    . THR A 1 46  ? 12.177  1.535   13.627  1.00 28.75 ? 46  THR A CA    1 
ATOM   338  C C     . THR A 1 46  ? 12.424  0.815   12.322  1.00 27.02 ? 46  THR A C     1 
ATOM   339  O O     . THR A 1 46  ? 12.846  -0.375  12.348  1.00 27.75 ? 46  THR A O     1 
ATOM   340  C CB    . THR A 1 46  ? 13.546  1.882   14.247  1.00 31.07 ? 46  THR A CB    1 
ATOM   341  O OG1   . THR A 1 46  ? 13.326  2.414   15.546  1.00 34.15 ? 46  THR A OG1   1 
ATOM   342  C CG2   . THR A 1 46  ? 14.210  2.948   13.429  1.00 35.31 ? 46  THR A CG2   1 
ATOM   343  N N     . ILE A 1 47  ? 12.075  1.461   11.204  1.00 25.94 ? 47  ILE A N     1 
ATOM   344  C CA    . ILE A 1 47  ? 12.079  0.818   9.896   1.00 25.48 ? 47  ILE A CA    1 
ATOM   345  C C     . ILE A 1 47  ? 12.809  1.711   8.918   1.00 22.37 ? 47  ILE A C     1 
ATOM   346  O O     . ILE A 1 47  ? 13.063  2.863   9.190   1.00 25.41 ? 47  ILE A O     1 
ATOM   347  C CB    . ILE A 1 47  ? 10.626  0.482   9.376   1.00 25.98 ? 47  ILE A CB    1 
ATOM   348  C CG1   . ILE A 1 47  ? 9.840   1.740   9.091   1.00 25.99 ? 47  ILE A CG1   1 
ATOM   349  C CG2   . ILE A 1 47  ? 9.964   -0.359  10.440  1.00 26.33 ? 47  ILE A CG2   1 
ATOM   350  C CD1   . ILE A 1 47  ? 8.564   1.536   8.313   1.00 25.19 ? 47  ILE A CD1   1 
ATOM   351  N N     . SER A 1 48  ? 13.209  1.110   7.816   1.00 23.16 ? 48  SER A N     1 
ATOM   352  C CA    . SER A 1 48  ? 13.848  1.779   6.701   1.00 25.21 ? 48  SER A CA    1 
ATOM   353  C C     . SER A 1 48  ? 12.822  2.257   5.701   1.00 29.49 ? 48  SER A C     1 
ATOM   354  O O     . SER A 1 48  ? 11.629  1.785   5.669   1.00 27.02 ? 48  SER A O     1 
ATOM   355  C CB    . SER A 1 48  ? 14.782  0.820   6.025   1.00 23.19 ? 48  SER A CB    1 
ATOM   356  O OG    . SER A 1 48  ? 14.083  -0.242  5.369   1.00 23.36 ? 48  SER A OG    1 
ATOM   357  N N     . VAL A 1 49  ? 13.270  3.147   4.828   1.00 24.88 ? 49  VAL A N     1 
ATOM   358  C CA    . VAL A 1 49  ? 12.484  3.502   3.668   1.00 25.13 ? 49  VAL A CA    1 
ATOM   359  C C     . VAL A 1 49  ? 12.140  2.291   2.849   1.00 25.77 ? 49  VAL A C     1 
ATOM   360  O O     . VAL A 1 49  ? 11.012  2.204   2.321   1.00 25.86 ? 49  VAL A O     1 
ATOM   361  C CB    . VAL A 1 49  ? 13.255  4.490   2.769   1.00 25.91 ? 49  VAL A CB    1 
ATOM   362  C CG1   . VAL A 1 49  ? 12.485  4.769   1.463   1.00 28.45 ? 49  VAL A CG1   1 
ATOM   363  C CG2   . VAL A 1 49  ? 13.529  5.742   3.529   1.00 29.00 ? 49  VAL A CG2   1 
ATOM   364  N N     . ALA A 1 50  ? 13.108  1.374   2.636   1.00 26.13 ? 50  ALA A N     1 
ATOM   365  C CA    . ALA A 1 50  ? 12.871  0.155   1.895   1.00 24.67 ? 50  ALA A CA    1 
ATOM   366  C C     . ALA A 1 50  ? 11.736  -0.698  2.559   1.00 24.60 ? 50  ALA A C     1 
ATOM   367  O O     . ALA A 1 50  ? 10.906  -1.267  1.863   1.00 24.06 ? 50  ALA A O     1 
ATOM   368  C CB    . ALA A 1 50  ? 14.135  -0.676  1.819   1.00 28.68 ? 50  ALA A CB    1 
ATOM   369  N N     . ASN A 1 51  ? 11.748  -0.804  3.871   1.00 23.69 ? 51  ASN A N     1 
ATOM   370  C CA    . ASN A 1 51  ? 10.675  -1.440  4.650   1.00 22.38 ? 51  ASN A CA    1 
ATOM   371  C C     . ASN A 1 51  ? 9.297   -0.782  4.376   1.00 24.10 ? 51  ASN A C     1 
ATOM   372  O O     . ASN A 1 51  ? 8.262   -1.467  4.198   1.00 22.89 ? 51  ASN A O     1 
ATOM   373  C CB    . ASN A 1 51  ? 10.926  -1.352  6.141   1.00 22.84 ? 51  ASN A CB    1 
ATOM   374  C CG    . ASN A 1 51  ? 12.065  -2.210  6.689   1.00 27.31 ? 51  ASN A CG    1 
ATOM   375  O OD1   . ASN A 1 51  ? 12.582  -1.874  7.770   1.00 23.32 ? 51  ASN A OD1   1 
ATOM   376  N ND2   . ASN A 1 51  ? 12.410  -3.271  6.059   1.00 25.64 ? 51  ASN A ND2   1 
ATOM   377  N N     . LEU A 1 52  ? 9.270   0.541   4.385   1.00 22.95 ? 52  LEU A N     1 
ATOM   378  C CA    . LEU A 1 52  ? 8.063   1.290   4.077   1.00 23.96 ? 52  LEU A CA    1 
ATOM   379  C C     . LEU A 1 52  ? 7.513   0.967   2.662   1.00 24.63 ? 52  LEU A C     1 
ATOM   380  O O     . LEU A 1 52  ? 6.288   0.714   2.467   1.00 23.39 ? 52  LEU A O     1 
ATOM   381  C CB    . LEU A 1 52  ? 8.303   2.788   4.201   1.00 24.09 ? 52  LEU A CB    1 
ATOM   382  C CG    . LEU A 1 52  ? 7.065   3.699   4.014   1.00 23.59 ? 52  LEU A CG    1 
ATOM   383  C CD1   . LEU A 1 52  ? 5.952   3.363   5.001   1.00 26.93 ? 52  LEU A CD1   1 
ATOM   384  C CD2   . LEU A 1 52  ? 7.453   5.178   4.150   1.00 26.19 ? 52  LEU A CD2   1 
ATOM   385  N N     . VAL A 1 53  ? 8.417   0.907   1.674   1.00 22.80 ? 53  VAL A N     1 
ATOM   386  C CA    . VAL A 1 53  ? 7.987   0.575   0.337   1.00 23.35 ? 53  VAL A CA    1 
ATOM   387  C C     . VAL A 1 53  ? 7.496   -0.870  0.330   1.00 26.43 ? 53  VAL A C     1 
ATOM   388  O O     . VAL A 1 53  ? 6.508   -1.171  -0.310  1.00 23.48 ? 53  VAL A O     1 
ATOM   389  C CB    . VAL A 1 53  ? 9.121   0.785   -0.665  1.00 23.76 ? 53  VAL A CB    1 
ATOM   390  C CG1   . VAL A 1 53  ? 8.736   0.250   -2.003  1.00 24.27 ? 53  VAL A CG1   1 
ATOM   391  C CG2   . VAL A 1 53  ? 9.537   2.256   -0.746  1.00 27.03 ? 53  VAL A CG2   1 
ATOM   392  N N     . SER A 1 54  ? 8.174   -1.769  1.045   1.00 23.89 ? 54  SER A N     1 
ATOM   393  C CA    . SER A 1 54  ? 7.763   -3.187  1.096   1.00 24.84 ? 54  SER A CA    1 
ATOM   394  C C     . SER A 1 54  ? 6.359   -3.302  1.661   1.00 23.77 ? 54  SER A C     1 
ATOM   395  O O     . SER A 1 54  ? 5.604   -4.148  1.251   1.00 23.50 ? 54  SER A O     1 
ATOM   396  C CB    . SER A 1 54  ? 8.735   -3.956  1.995   1.00 25.69 ? 54  SER A CB    1 
ATOM   397  O OG    . SER A 1 54  ? 10.046  -3.877  1.415   1.00 26.74 ? 54  SER A OG    1 
ATOM   398  N N     . TYR A 1 55  ? 6.120   -2.541  2.709   1.00 22.23 ? 55  TYR A N     1 
ATOM   399  C CA    . TYR A 1 55  ? 4.767   -2.456  3.289   1.00 24.19 ? 55  TYR A CA    1 
ATOM   400  C C     . TYR A 1 55  ? 3.692   -2.106  2.240   1.00 23.20 ? 55  TYR A C     1 
ATOM   401  O O     . TYR A 1 55  ? 2.571   -2.728  2.227   1.00 22.07 ? 55  TYR A O     1 
ATOM   402  C CB    . TYR A 1 55  ? 4.829   -1.402  4.361   1.00 21.17 ? 55  TYR A CB    1 
ATOM   403  C CG    . TYR A 1 55  ? 3.510   -1.027  4.993   1.00 23.78 ? 55  TYR A CG    1 
ATOM   404  C CD1   . TYR A 1 55  ? 3.031   -1.777  6.023   1.00 27.16 ? 55  TYR A CD1   1 
ATOM   405  C CD2   . TYR A 1 55  ? 2.772   0.075   4.551   1.00 27.05 ? 55  TYR A CD2   1 
ATOM   406  C CE1   . TYR A 1 55  ? 1.854   -1.472  6.660   1.00 29.48 ? 55  TYR A CE1   1 
ATOM   407  C CE2   . TYR A 1 55  ? 1.553   0.399   5.177   1.00 26.56 ? 55  TYR A CE2   1 
ATOM   408  C CZ    . TYR A 1 55  ? 1.121   -0.365  6.204   1.00 31.42 ? 55  TYR A CZ    1 
ATOM   409  O OH    . TYR A 1 55  ? -0.077  -0.135  6.863   1.00 35.79 ? 55  TYR A OH    1 
ATOM   410  N N     . LEU A 1 56  ? 3.995   -1.092  1.415   1.00 21.06 ? 56  LEU A N     1 
ATOM   411  C CA    . LEU A 1 56  ? 3.049   -0.672  0.381   1.00 24.03 ? 56  LEU A CA    1 
ATOM   412  C C     . LEU A 1 56  ? 2.842   -1.736  -0.655  1.00 23.57 ? 56  LEU A C     1 
ATOM   413  O O     . LEU A 1 56  ? 1.702   -2.017  -1.028  1.00 20.62 ? 56  LEU A O     1 
ATOM   414  C CB    . LEU A 1 56  ? 3.468   0.636   -0.328  1.00 26.86 ? 56  LEU A CB    1 
ATOM   415  C CG    . LEU A 1 56  ? 3.643   1.883   0.541   1.00 25.53 ? 56  LEU A CG    1 
ATOM   416  C CD1   . LEU A 1 56  ? 4.192   3.080   -0.196  1.00 28.57 ? 56  LEU A CD1   1 
ATOM   417  C CD2   . LEU A 1 56  ? 2.370   2.164   1.282   1.00 25.50 ? 56  LEU A CD2   1 
ATOM   418  N N     . ILE A 1 57  ? 3.929   -2.391  -1.100  1.00 22.81 ? 57  ILE A N     1 
ATOM   419  C CA    . ILE A 1 57  ? 3.802   -3.448  -2.075  1.00 23.35 ? 57  ILE A CA    1 
ATOM   420  C C     . ILE A 1 57  ? 3.032   -4.628  -1.445  1.00 21.05 ? 57  ILE A C     1 
ATOM   421  O O     . ILE A 1 57  ? 2.173   -5.281  -2.057  1.00 22.39 ? 57  ILE A O     1 
ATOM   422  C CB    . ILE A 1 57  ? 5.217   -3.984  -2.531  1.00 23.05 ? 57  ILE A CB    1 
ATOM   423  C CG1   . ILE A 1 57  ? 5.940   -2.892  -3.248  1.00 24.00 ? 57  ILE A CG1   1 
ATOM   424  C CG2   . ILE A 1 57  ? 5.049   -5.149  -3.480  1.00 29.20 ? 57  ILE A CG2   1 
ATOM   425  C CD1   . ILE A 1 57  ? 7.411   -3.095  -3.517  1.00 24.40 ? 57  ILE A CD1   1 
ATOM   426  N N     . GLY A 1 58  ? 3.334   -4.939  -0.204  1.00 20.51 ? 58  GLY A N     1 
ATOM   427  C CA    . GLY A 1 58  ? 2.593   -6.020  0.415   1.00 20.77 ? 58  GLY A CA    1 
ATOM   428  C C     . GLY A 1 58  ? 1.104   -5.788  0.516   1.00 20.90 ? 58  GLY A C     1 
ATOM   429  O O     . GLY A 1 58  ? 0.298   -6.671  0.217   1.00 22.22 ? 58  GLY A O     1 
ATOM   430  N N     . TRP A 1 59  ? 0.711   -4.590  0.894   1.00 19.37 ? 59  TRP A N     1 
ATOM   431  C CA    . TRP A 1 59  ? -0.704  -4.266  0.905   1.00 21.99 ? 59  TRP A CA    1 
ATOM   432  C C     . TRP A 1 59  ? -1.311  -4.324  -0.485  1.00 22.57 ? 59  TRP A C     1 
ATOM   433  O O     . TRP A 1 59  ? -2.420  -4.898  -0.670  1.00 20.09 ? 59  TRP A O     1 
ATOM   434  C CB    . TRP A 1 59  ? -1.014  -2.915  1.521   1.00 19.85 ? 59  TRP A CB    1 
ATOM   435  C CG    . TRP A 1 59  ? -1.323  -3.019  2.956   1.00 23.01 ? 59  TRP A CG    1 
ATOM   436  C CD1   . TRP A 1 59  ? -0.572  -2.516  3.994   1.00 25.77 ? 59  TRP A CD1   1 
ATOM   437  C CD2   . TRP A 1 59  ? -2.463  -3.650  3.544   1.00 25.57 ? 59  TRP A CD2   1 
ATOM   438  N NE1   . TRP A 1 59  ? -1.166  -2.845  5.223   1.00 28.86 ? 59  TRP A NE1   1 
ATOM   439  C CE2   . TRP A 1 59  ? -2.307  -3.563  4.966   1.00 25.91 ? 59  TRP A CE2   1 
ATOM   440  C CE3   . TRP A 1 59  ? -3.541  -4.383  3.023   1.00 27.13 ? 59  TRP A CE3   1 
ATOM   441  C CZ2   . TRP A 1 59  ? -3.245  -4.062  5.839   1.00 27.52 ? 59  TRP A CZ2   1 
ATOM   442  C CZ3   . TRP A 1 59  ? -4.473  -4.883  3.901   1.00 27.29 ? 59  TRP A CZ3   1 
ATOM   443  C CH2   . TRP A 1 59  ? -4.325  -4.729  5.301   1.00 25.07 ? 59  TRP A CH2   1 
ATOM   444  N N     . GLY A 1 60  ? -0.595  -3.819  -1.481  1.00 20.63 ? 60  GLY A N     1 
ATOM   445  C CA    . GLY A 1 60  ? -1.131  -3.877  -2.869  1.00 24.82 ? 60  GLY A CA    1 
ATOM   446  C C     . GLY A 1 60  ? -1.229  -5.302  -3.382  1.00 24.46 ? 60  GLY A C     1 
ATOM   447  O O     . GLY A 1 60  ? -2.265  -5.667  -3.990  1.00 22.80 ? 60  GLY A O     1 
ATOM   448  N N     . GLU A 1 61  ? -0.198  -6.130  -3.170  1.00 23.46 ? 61  GLU A N     1 
ATOM   449  C CA    . GLU A 1 61  ? -0.304  -7.542  -3.551  1.00 24.13 ? 61  GLU A CA    1 
ATOM   450  C C     . GLU A 1 61  ? -1.413  -8.256  -2.803  1.00 24.38 ? 61  GLU A C     1 
ATOM   451  O O     . GLU A 1 61  ? -2.076  -9.161  -3.341  1.00 23.48 ? 61  GLU A O     1 
ATOM   452  C CB    . GLU A 1 61  ? 0.989   -8.287  -3.398  1.00 24.82 ? 61  GLU A CB    1 
ATOM   453  C CG    . GLU A 1 61  ? 2.008   -7.559  -4.284  1.00 27.39 ? 61  GLU A CG    1 
ATOM   454  C CD    . GLU A 1 61  ? 3.240   -8.332  -4.686  1.00 38.53 ? 61  GLU A CD    1 
ATOM   455  O OE1   . GLU A 1 61  ? 3.747   -8.081  -5.818  1.00 47.26 ? 61  GLU A OE1   1 
ATOM   456  O OE2   . GLU A 1 61  ? 3.717   -9.157  -3.895  1.00 38.50 ? 61  GLU A OE2   1 
ATOM   457  N N     . LEU A 1 62  ? -1.640  -7.883  -1.550  1.00 20.46 ? 62  LEU A N     1 
ATOM   458  C CA    . LEU A 1 62  ? -2.766  -8.465  -0.839  1.00 21.53 ? 62  LEU A CA    1 
ATOM   459  C C     . LEU A 1 62  ? -4.121  -8.109  -1.396  1.00 22.43 ? 62  LEU A C     1 
ATOM   460  O O     . LEU A 1 62  ? -5.008  -8.993  -1.453  1.00 23.50 ? 62  LEU A O     1 
ATOM   461  C CB    . LEU A 1 62  ? -2.713  -8.132  0.658   1.00 21.39 ? 62  LEU A CB    1 
ATOM   462  C CG    . LEU A 1 62  ? -3.784  -8.704  1.588   1.00 21.96 ? 62  LEU A CG    1 
ATOM   463  C CD1   . LEU A 1 62  ? -3.832  -10.234 1.525   1.00 23.41 ? 62  LEU A CD1   1 
ATOM   464  C CD2   . LEU A 1 62  ? -3.399  -8.369  2.996   1.00 23.66 ? 62  LEU A CD2   1 
ATOM   465  N N     . VAL A 1 63  ? -4.326  -6.878  -1.817  1.00 21.37 ? 63  VAL A N     1 
ATOM   466  C CA    . VAL A 1 63  ? -5.559  -6.521  -2.463  1.00 22.22 ? 63  VAL A CA    1 
ATOM   467  C C     . VAL A 1 63  ? -5.730  -7.309  -3.784  1.00 22.48 ? 63  VAL A C     1 
ATOM   468  O O     . VAL A 1 63  ? -6.801  -7.861  -4.073  1.00 24.06 ? 63  VAL A O     1 
ATOM   469  C CB    . VAL A 1 63  ? -5.629  -5.004  -2.756  1.00 26.51 ? 63  VAL A CB    1 
ATOM   470  C CG1   . VAL A 1 63  ? -6.801  -4.643  -3.634  1.00 23.74 ? 63  VAL A CG1   1 
ATOM   471  C CG2   . VAL A 1 63  ? -5.669  -4.151  -1.478  1.00 24.15 ? 63  VAL A CG2   1 
ATOM   472  N N     . LEU A 1 64  ? -4.642  -7.526  -4.503  1.00 21.23 ? 64  LEU A N     1 
ATOM   473  C CA    . LEU A 1 64  ? -4.749  -8.333  -5.718  1.00 23.54 ? 64  LEU A CA    1 
ATOM   474  C C     . LEU A 1 64  ? -5.081  -9.773  -5.363  1.00 23.76 ? 64  LEU A C     1 
ATOM   475  O O     . LEU A 1 64  ? -5.776  -10.456 -6.083  1.00 21.20 ? 64  LEU A O     1 
ATOM   476  C CB    . LEU A 1 64  ? -3.415  -8.241  -6.501  1.00 21.65 ? 64  LEU A CB    1 
ATOM   477  C CG    . LEU A 1 64  ? -3.084  -6.815  -7.043  1.00 23.74 ? 64  LEU A CG    1 
ATOM   478  C CD1   . LEU A 1 64  ? -1.704  -6.774  -7.591  1.00 25.92 ? 64  LEU A CD1   1 
ATOM   479  C CD2   . LEU A 1 64  ? -4.054  -6.369  -8.102  1.00 27.53 ? 64  LEU A CD2   1 
ATOM   480  N N     . HIS A 1 65  ? -4.489  -10.266 -4.307  1.00 23.59 ? 65  HIS A N     1 
ATOM   481  C CA    . HIS A 1 65  ? -4.732  -11.621 -3.788  1.00 23.41 ? 65  HIS A CA    1 
ATOM   482  C C     . HIS A 1 65  ? -6.169  -11.847 -3.370  1.00 25.60 ? 65  HIS A C     1 
ATOM   483  O O     . HIS A 1 65  ? -6.742  -12.883 -3.782  1.00 23.95 ? 65  HIS A O     1 
ATOM   484  C CB    . HIS A 1 65  ? -3.733  -11.944 -2.652  1.00 27.04 ? 65  HIS A CB    1 
ATOM   485  C CG    . HIS A 1 65  ? -3.916  -13.287 -2.042  1.00 29.81 ? 65  HIS A CG    1 
ATOM   486  N ND1   . HIS A 1 65  ? -3.822  -14.457 -2.777  1.00 28.67 ? 65  HIS A ND1   1 
ATOM   487  C CD2   . HIS A 1 65  ? -4.141  -13.658 -0.761  1.00 30.91 ? 65  HIS A CD2   1 
ATOM   488  C CE1   . HIS A 1 65  ? -4.035  -15.487 -1.975  1.00 33.82 ? 65  HIS A CE1   1 
ATOM   489  N NE2   . HIS A 1 65  ? -4.220  -15.029 -0.744  1.00 33.12 ? 65  HIS A NE2   1 
ATOM   490  N N     . TRP A 1 66  ? -6.782  -10.896 -2.652  1.00 21.28 ? 66  TRP A N     1 
ATOM   491  C CA    . TRP A 1 66  ? -8.191  -10.974 -2.385  1.00 21.84 ? 66  TRP A CA    1 
ATOM   492  C C     . TRP A 1 66  ? -9.029  -11.178 -3.703  1.00 24.88 ? 66  TRP A C     1 
ATOM   493  O O     . TRP A 1 66  ? -9.983  -12.042 -3.738  1.00 24.36 ? 66  TRP A O     1 
ATOM   494  C CB    . TRP A 1 66  ? -8.769  -9.764  -1.703  1.00 21.09 ? 66  TRP A CB    1 
ATOM   495  C CG    . TRP A 1 66  ? -8.241  -9.444  -0.310  1.00 21.64 ? 66  TRP A CG    1 
ATOM   496  C CD1   . TRP A 1 66  ? -7.667  -10.310 0.557   1.00 24.09 ? 66  TRP A CD1   1 
ATOM   497  C CD2   . TRP A 1 66  ? -8.226  -8.161  0.320   1.00 23.92 ? 66  TRP A CD2   1 
ATOM   498  N NE1   . TRP A 1 66  ? -7.265  -9.632  1.712   1.00 25.09 ? 66  TRP A NE1   1 
ATOM   499  C CE2   . TRP A 1 66  ? -7.655  -8.327  1.592   1.00 21.95 ? 66  TRP A CE2   1 
ATOM   500  C CE3   . TRP A 1 66  ? -8.685  -6.895  -0.047  1.00 24.12 ? 66  TRP A CE3   1 
ATOM   501  C CZ2   . TRP A 1 66  ? -7.493  -7.290  2.474   1.00 23.35 ? 66  TRP A CZ2   1 
ATOM   502  C CZ3   . TRP A 1 66  ? -8.540  -5.854  0.864   1.00 25.15 ? 66  TRP A CZ3   1 
ATOM   503  C CH2   . TRP A 1 66  ? -7.920  -6.064  2.123   1.00 24.82 ? 66  TRP A CH2   1 
ATOM   504  N N     . HIS A 1 67  ? -8.708  -10.365 -4.707  1.00 24.31 ? 67  HIS A N     1 
ATOM   505  C CA    . HIS A 1 67  ? -9.388  -10.455 -6.001  1.00 25.67 ? 67  HIS A CA    1 
ATOM   506  C C     . HIS A 1 67  ? -9.127  -11.721 -6.789  1.00 24.96 ? 67  HIS A C     1 
ATOM   507  O O     . HIS A 1 67  ? -10.049 -12.248 -7.496  1.00 25.59 ? 67  HIS A O     1 
ATOM   508  C CB    . HIS A 1 67  ? -9.096  -9.186  -6.819  1.00 25.19 ? 67  HIS A CB    1 
ATOM   509  C CG    . HIS A 1 67  ? -9.832  -8.018  -6.285  1.00 27.09 ? 67  HIS A CG    1 
ATOM   510  N ND1   . HIS A 1 67  ? -9.354  -7.280  -5.222  1.00 27.04 ? 67  HIS A ND1   1 
ATOM   511  C CD2   . HIS A 1 67  ? -11.047 -7.513  -6.581  1.00 26.63 ? 67  HIS A CD2   1 
ATOM   512  C CE1   . HIS A 1 67  ? -10.248 -6.372  -4.878  1.00 29.24 ? 67  HIS A CE1   1 
ATOM   513  N NE2   . HIS A 1 67  ? -11.277 -6.469  -5.704  1.00 29.34 ? 67  HIS A NE2   1 
ATOM   514  N N     . ASP A 1 68  ? -7.931  -12.275 -6.632  1.00 22.92 ? 68  ASP A N     1 
ATOM   515  C CA    . ASP A 1 68  ? -7.596  -13.541 -7.251  1.00 25.88 ? 68  ASP A CA    1 
ATOM   516  C C     . ASP A 1 68  ? -8.415  -14.705 -6.588  1.00 26.67 ? 68  ASP A C     1 
ATOM   517  O O     . ASP A 1 68  ? -8.971  -15.570 -7.267  1.00 24.46 ? 68  ASP A O     1 
ATOM   518  C CB    . ASP A 1 68  ? -6.057  -13.756 -7.206  1.00 24.68 ? 68  ASP A CB    1 
ATOM   519  C CG    . ASP A 1 68  ? -5.655  -15.040 -7.896  1.00 33.87 ? 68  ASP A CG    1 
ATOM   520  O OD1   . ASP A 1 68  ? -5.945  -15.193 -9.066  1.00 31.81 ? 68  ASP A OD1   1 
ATOM   521  O OD2   . ASP A 1 68  ? -5.109  -15.930 -7.255  1.00 29.12 ? 68  ASP A OD2   1 
ATOM   522  N N     . GLN A 1 69  ? -8.474  -14.737 -5.253  1.00 26.65 ? 69  GLN A N     1 
ATOM   523  C CA    . GLN A 1 69  ? -9.252  -15.721 -4.506  1.00 26.43 ? 69  GLN A CA    1 
ATOM   524  C C     . GLN A 1 69  ? -10.712 -15.669 -4.936  1.00 26.85 ? 69  GLN A C     1 
ATOM   525  O O     . GLN A 1 69  ? -11.301 -16.700 -5.222  1.00 28.12 ? 69  GLN A O     1 
ATOM   526  C CB    . GLN A 1 69  ? -9.151  -15.458 -2.990  1.00 25.70 ? 69  GLN A CB    1 
ATOM   527  C CG    . GLN A 1 69  ? -7.763  -15.806 -2.505  1.00 31.28 ? 69  GLN A CG    1 
ATOM   528  C CD    . GLN A 1 69  ? -7.749  -15.626 -1.044  1.00 42.06 ? 69  GLN A CD    1 
ATOM   529  O OE1   . GLN A 1 69  ? -7.446  -14.518 -0.546  1.00 53.86 ? 69  GLN A OE1   1 
ATOM   530  N NE2   . GLN A 1 69  ? -8.016  -16.722 -0.317  1.00 50.17 ? 69  GLN A NE2   1 
ATOM   531  N N     . GLU A 1 70  ? -11.244 -14.461 -5.082  1.00 23.61 ? 70  GLU A N     1 
ATOM   532  C CA    . GLU A 1 70  ? -12.596 -14.253 -5.477  1.00 25.96 ? 70  GLU A CA    1 
ATOM   533  C C     . GLU A 1 70  ? -12.854 -14.766 -6.916  1.00 26.30 ? 70  GLU A C     1 
ATOM   534  O O     . GLU A 1 70  ? -13.840 -15.449 -7.129  1.00 27.75 ? 70  GLU A O     1 
ATOM   535  C CB    . GLU A 1 70  ? -12.930 -12.797 -5.409  1.00 26.56 ? 70  GLU A CB    1 
ATOM   536  C CG    . GLU A 1 70  ? -14.392 -12.443 -5.775  1.00 28.22 ? 70  GLU A CG    1 
ATOM   537  C CD    . GLU A 1 70  ? -14.603 -10.941 -5.766  1.00 28.89 ? 70  GLU A CD    1 
ATOM   538  O OE1   . GLU A 1 70  ? -13.812 -10.197 -6.313  1.00 30.78 ? 70  GLU A OE1   1 
ATOM   539  O OE2   . GLU A 1 70  ? -15.596 -10.448 -5.235  1.00 28.63 ? 70  GLU A OE2   1 
ATOM   540  N N     . ALA A 1 71  ? -11.930 -14.504 -7.829  1.00 26.26 ? 71  ALA A N     1 
ATOM   541  C CA    . ALA A 1 71  ? -12.003 -14.949 -9.237  1.00 24.21 ? 71  ALA A CA    1 
ATOM   542  C C     . ALA A 1 71  ? -12.016 -16.442 -9.342  1.00 24.06 ? 71  ALA A C     1 
ATOM   543  O O     . ALA A 1 71  ? -12.547 -17.031 -10.304 1.00 24.64 ? 71  ALA A O     1 
ATOM   544  C CB    . ALA A 1 71  ? -10.795 -14.395 -10.036 1.00 25.01 ? 71  ALA A CB    1 
ATOM   545  N N     . LYS A 1 72  ? -11.359 -17.093 -8.401  1.00 23.71 ? 72  LYS A N     1 
ATOM   546  C CA    . LYS A 1 72  ? -11.275 -18.553 -8.316  1.00 29.52 ? 72  LYS A CA    1 
ATOM   547  C C     . LYS A 1 72  ? -12.271 -19.207 -7.368  1.00 28.44 ? 72  LYS A C     1 
ATOM   548  O O     . LYS A 1 72  ? -12.249 -20.443 -7.143  1.00 30.24 ? 72  LYS A O     1 
ATOM   549  C CB    . LYS A 1 72  ? -9.843  -18.920 -7.988  1.00 27.45 ? 72  LYS A CB    1 
ATOM   550  C CG    . LYS A 1 72  ? -8.890  -18.457 -9.051  1.00 30.63 ? 72  LYS A CG    1 
ATOM   551  C CD    . LYS A 1 72  ? -7.465  -18.837 -8.648  1.00 32.32 ? 72  LYS A CD    1 
ATOM   552  C CE    . LYS A 1 72  ? -6.531  -18.508 -9.814  1.00 33.98 ? 72  LYS A CE    1 
ATOM   553  N NZ    . LYS A 1 72  ? -5.165  -18.323 -9.192  1.00 45.40 ? 72  LYS A NZ    1 
ATOM   554  N N     . GLY A 1 73  ? -13.168 -18.396 -6.837  1.00 26.01 ? 73  GLY A N     1 
ATOM   555  C CA    . GLY A 1 73  ? -14.258 -18.861 -6.005  1.00 26.07 ? 73  GLY A CA    1 
ATOM   556  C C     . GLY A 1 73  ? -13.878 -19.323 -4.607  1.00 31.45 ? 73  GLY A C     1 
ATOM   557  O O     . GLY A 1 73  ? -14.705 -19.883 -3.888  1.00 27.11 ? 73  GLY A O     1 
ATOM   558  N N     . LYS A 1 74  ? -12.656 -18.992 -4.196  1.00 27.29 ? 74  LYS A N     1 
ATOM   559  C CA    . LYS A 1 74  ? -12.180 -19.274 -2.841  1.00 30.23 ? 74  LYS A CA    1 
ATOM   560  C C     . LYS A 1 74  ? -12.665 -18.236 -1.822  1.00 32.24 ? 74  LYS A C     1 
ATOM   561  O O     . LYS A 1 74  ? -12.778 -17.059 -2.152  1.00 30.79 ? 74  LYS A O     1 
ATOM   562  C CB    . LYS A 1 74  ? -10.691 -19.254 -2.835  1.00 28.87 ? 74  LYS A CB    1 
ATOM   563  C CG    . LYS A 1 74  ? -10.088 -20.284 -3.760  1.00 32.42 ? 74  LYS A CG    1 
ATOM   564  C CD    . LYS A 1 74  ? -8.611  -20.355 -3.444  1.00 39.95 ? 74  LYS A CD    1 
ATOM   565  C CE    . LYS A 1 74  ? -7.807  -20.155 -4.687  1.00 51.18 ? 74  LYS A CE    1 
ATOM   566  N NZ    . LYS A 1 74  ? -6.363  -20.420 -4.420  1.00 52.11 ? 74  LYS A NZ    1 
ATOM   567  N N     . THR A 1 75  ? -12.881 -18.684 -0.583  1.00 31.45 ? 75  THR A N     1 
ATOM   568  C CA    . THR A 1 75  ? -13.340 -17.823 0.468   1.00 31.48 ? 75  THR A CA    1 
ATOM   569  C C     . THR A 1 75  ? -12.151 -16.904 0.836   1.00 27.59 ? 75  THR A C     1 
ATOM   570  O O     . THR A 1 75  ? -11.075 -17.375 1.032   1.00 31.28 ? 75  THR A O     1 
ATOM   571  C CB    . THR A 1 75  ? -13.767 -18.670 1.737   1.00 37.06 ? 75  THR A CB    1 
ATOM   572  O OG1   . THR A 1 75  ? -14.823 -19.537 1.359   1.00 39.82 ? 75  THR A OG1   1 
ATOM   573  C CG2   . THR A 1 75  ? -14.312 -17.767 2.835   1.00 34.18 ? 75  THR A CG2   1 
ATOM   574  N N     . ILE A 1 76  ? -12.346 -15.616 0.865   1.00 29.65 ? 76  ILE A N     1 
ATOM   575  C CA    . ILE A 1 76  ? -11.236 -14.700 1.186   1.00 30.65 ? 76  ILE A CA    1 
ATOM   576  C C     . ILE A 1 76  ? -11.158 -14.613 2.689   1.00 31.72 ? 76  ILE A C     1 
ATOM   577  O O     . ILE A 1 76  ? -12.156 -14.321 3.332   1.00 26.16 ? 76  ILE A O     1 
ATOM   578  C CB    . ILE A 1 76  ? -11.456 -13.303 0.627   1.00 33.03 ? 76  ILE A CB    1 
ATOM   579  C CG1   . ILE A 1 76  ? -11.551 -13.338 -0.898  1.00 36.05 ? 76  ILE A CG1   1 
ATOM   580  C CG2   . ILE A 1 76  ? -10.324 -12.320 1.065   1.00 34.75 ? 76  ILE A CG2   1 
ATOM   581  C CD1   . ILE A 1 76  ? -12.432 -12.223 -1.395  1.00 31.59 ? 76  ILE A CD1   1 
ATOM   582  N N     . ILE A 1 77  ? -9.990  -14.852 3.242   1.00 28.43 ? 77  ILE A N     1 
ATOM   583  C CA    . ILE A 1 77  ? -9.708  -14.560 4.651   1.00 34.38 ? 77  ILE A CA    1 
ATOM   584  C C     . ILE A 1 77  ? -9.166  -13.133 4.814   1.00 27.47 ? 77  ILE A C     1 
ATOM   585  O O     . ILE A 1 77  ? -8.042  -12.836 4.311   1.00 28.82 ? 77  ILE A O     1 
ATOM   586  C CB    . ILE A 1 77  ? -8.725  -15.637 5.255   1.00 33.63 ? 77  ILE A CB    1 
ATOM   587  C CG1   . ILE A 1 77  ? -9.300  -17.058 5.041   1.00 41.50 ? 77  ILE A CG1   1 
ATOM   588  C CG2   . ILE A 1 77  ? -8.461  -15.368 6.734   1.00 36.55 ? 77  ILE A CG2   1 
ATOM   589  C CD1   . ILE A 1 77  ? -10.681 -17.293 5.633   1.00 46.39 ? 77  ILE A CD1   1 
ATOM   590  N N     . PHE A 1 78  ? -9.933  -12.293 5.543   1.00 26.24 ? 78  PHE A N     1 
ATOM   591  C CA    . PHE A 1 78  ? -9.586  -10.919 5.751   1.00 25.31 ? 78  PHE A CA    1 
ATOM   592  C C     . PHE A 1 78  ? -9.048  -10.788 7.177   1.00 28.30 ? 78  PHE A C     1 
ATOM   593  O O     . PHE A 1 78  ? -9.636  -11.382 8.076   1.00 29.38 ? 78  PHE A O     1 
ATOM   594  C CB    . PHE A 1 78  ? -10.775 -10.019 5.631   1.00 28.97 ? 78  PHE A CB    1 
ATOM   595  C CG    . PHE A 1 78  ? -11.285 -9.813  4.234   1.00 25.73 ? 78  PHE A CG    1 
ATOM   596  C CD1   . PHE A 1 78  ? -12.310 -10.631 3.721   1.00 29.96 ? 78  PHE A CD1   1 
ATOM   597  C CD2   . PHE A 1 78  ? -10.770 -8.847  3.450   1.00 21.89 ? 78  PHE A CD2   1 
ATOM   598  C CE1   . PHE A 1 78  ? -12.840 -10.380 2.443   1.00 29.14 ? 78  PHE A CE1   1 
ATOM   599  C CE2   . PHE A 1 78  ? -11.263 -8.614  2.166   1.00 26.48 ? 78  PHE A CE2   1 
ATOM   600  C CZ    . PHE A 1 78  ? -12.286 -9.415  1.674   1.00 28.03 ? 78  PHE A CZ    1 
ATOM   601  N N     . PRO A 1 79  ? -7.987  -9.977  7.396   1.00 25.96 ? 79  PRO A N     1 
ATOM   602  C CA    . PRO A 1 79  ? -7.241  -9.277  6.369   1.00 25.07 ? 79  PRO A CA    1 
ATOM   603  C C     . PRO A 1 79  ? -6.327  -10.200 5.541   1.00 24.08 ? 79  PRO A C     1 
ATOM   604  O O     . PRO A 1 79  ? -6.066  -9.947  4.331   1.00 22.99 ? 79  PRO A O     1 
ATOM   605  C CB    . PRO A 1 79  ? -6.388  -8.241  7.151   1.00 24.99 ? 79  PRO A CB    1 
ATOM   606  C CG    . PRO A 1 79  ? -6.292  -8.829  8.500   1.00 23.55 ? 79  PRO A CG    1 
ATOM   607  C CD    . PRO A 1 79  ? -7.533  -9.624  8.776   1.00 25.23 ? 79  PRO A CD    1 
ATOM   608  N N     . GLU A 1 80  ? -5.857  -11.264 6.182   1.00 22.19 ? 80  GLU A N     1 
ATOM   609  C CA    . GLU A 1 80  ? -4.983  -12.233 5.565   1.00 26.23 ? 80  GLU A CA    1 
ATOM   610  C C     . GLU A 1 80  ? -5.038  -13.460 6.440   1.00 26.85 ? 80  GLU A C     1 
ATOM   611  O O     . GLU A 1 80  ? -5.287  -13.387 7.664   1.00 25.66 ? 80  GLU A O     1 
ATOM   612  C CB    . GLU A 1 80  ? -3.550  -11.650 5.371   1.00 26.76 ? 80  GLU A CB    1 
ATOM   613  C CG    . GLU A 1 80  ? -2.453  -12.598 4.930   1.00 23.74 ? 80  GLU A CG    1 
ATOM   614  C CD    . GLU A 1 80  ? -2.686  -13.254 3.549   1.00 30.22 ? 80  GLU A CD    1 
ATOM   615  O OE1   . GLU A 1 80  ? -3.771  -13.896 3.319   1.00 27.56 ? 80  GLU A OE1   1 
ATOM   616  O OE2   . GLU A 1 80  ? -1.784  -13.127 2.697   1.00 31.54 ? 80  GLU A OE2   1 
ATOM   617  N N     . GLU A 1 81  ? -4.891  -14.617 5.813   1.00 25.83 ? 81  GLU A N     1 
ATOM   618  C CA    . GLU A 1 81  ? -4.822  -15.866 6.554   1.00 26.20 ? 81  GLU A CA    1 
ATOM   619  C C     . GLU A 1 81  ? -3.742  -15.785 7.614   1.00 26.73 ? 81  GLU A C     1 
ATOM   620  O O     . GLU A 1 81  ? -2.603  -15.419 7.323   1.00 25.76 ? 81  GLU A O     1 
ATOM   621  C CB    . GLU A 1 81  ? -4.539  -17.050 5.618   1.00 32.14 ? 81  GLU A CB    1 
ATOM   622  C CG    . GLU A 1 81  ? -4.495  -18.379 6.350   1.00 44.22 ? 81  GLU A CG    1 
ATOM   623  C CD    . GLU A 1 81  ? -4.311  -19.497 5.352   1.00 56.33 ? 81  GLU A CD    1 
ATOM   624  O OE1   . GLU A 1 81  ? -5.330  -19.944 4.831   1.00 60.06 ? 81  GLU A OE1   1 
ATOM   625  O OE2   . GLU A 1 81  ? -3.171  -19.892 5.049   1.00 62.13 ? 81  GLU A OE2   1 
ATOM   626  N N     . GLY A 1 82  ? -4.151  -16.154 8.833   1.00 27.06 ? 82  GLY A N     1 
ATOM   627  C CA    . GLY A 1 82  ? -3.317  -16.067 10.027  1.00 29.75 ? 82  GLY A CA    1 
ATOM   628  C C     . GLY A 1 82  ? -3.220  -14.748 10.750  1.00 30.36 ? 82  GLY A C     1 
ATOM   629  O O     . GLY A 1 82  ? -2.354  -14.621 11.653  1.00 30.05 ? 82  GLY A O     1 
ATOM   630  N N     . PHE A 1 83  ? -4.058  -13.775 10.404  1.00 25.61 ? 83  PHE A N     1 
ATOM   631  C CA    . PHE A 1 83  ? -3.970  -12.402 11.017  1.00 25.86 ? 83  PHE A CA    1 
ATOM   632  C C     . PHE A 1 83  ? -5.336  -11.931 11.321  1.00 27.06 ? 83  PHE A C     1 
ATOM   633  O O     . PHE A 1 83  ? -6.238  -12.150 10.507  1.00 27.81 ? 83  PHE A O     1 
ATOM   634  C CB    . PHE A 1 83  ? -3.295  -11.340 10.064  1.00 25.30 ? 83  PHE A CB    1 
ATOM   635  C CG    . PHE A 1 83  ? -1.858  -11.652 9.750   1.00 25.83 ? 83  PHE A CG    1 
ATOM   636  C CD1   . PHE A 1 83  ? -0.817  -11.100 10.486  1.00 24.58 ? 83  PHE A CD1   1 
ATOM   637  C CD2   . PHE A 1 83  ? -1.528  -12.575 8.765   1.00 25.87 ? 83  PHE A CD2   1 
ATOM   638  C CE1   . PHE A 1 83  ? 0.503   -11.463 10.196  1.00 20.21 ? 83  PHE A CE1   1 
ATOM   639  C CE2   . PHE A 1 83  ? -0.222  -12.900 8.490   1.00 22.97 ? 83  PHE A CE2   1 
ATOM   640  C CZ    . PHE A 1 83  ? 0.788   -12.345 9.183   1.00 25.16 ? 83  PHE A CZ    1 
ATOM   641  N N     . LYS A 1 84  ? -5.548  -11.237 12.433  1.00 25.94 ? 84  LYS A N     1 
ATOM   642  C CA    . LYS A 1 84  ? -6.798  -10.561 12.666  1.00 28.73 ? 84  LYS A CA    1 
ATOM   643  C C     . LYS A 1 84  ? -6.656  -9.110  12.343  1.00 24.31 ? 84  LYS A C     1 
ATOM   644  O O     . LYS A 1 84  ? -5.508  -8.589  12.238  1.00 24.51 ? 84  LYS A O     1 
ATOM   645  C CB    . LYS A 1 84  ? -7.188  -10.701 14.144  1.00 32.50 ? 84  LYS A CB    1 
ATOM   646  C CG    . LYS A 1 84  ? -7.333  -12.107 14.653  1.00 35.25 ? 84  LYS A CG    1 
ATOM   647  C CD    . LYS A 1 84  ? -7.631  -11.996 16.162  1.00 47.51 ? 84  LYS A CD    1 
ATOM   648  C CE    . LYS A 1 84  ? -7.550  -13.319 16.917  1.00 57.41 ? 84  LYS A CE    1 
ATOM   649  N NZ    . LYS A 1 84  ? -6.176  -13.919 16.935  1.00 66.70 ? 84  LYS A NZ    1 
ATOM   650  N N     . TRP A 1 85  ? -7.785  -8.394  12.288  1.00 24.92 ? 85  TRP A N     1 
ATOM   651  C CA    . TRP A 1 85  ? -7.744  -6.964  11.992  1.00 25.54 ? 85  TRP A CA    1 
ATOM   652  C C     . TRP A 1 85  ? -6.996  -6.132  13.055  1.00 26.49 ? 85  TRP A C     1 
ATOM   653  O O     . TRP A 1 85  ? -6.476  -5.076  12.752  1.00 28.32 ? 85  TRP A O     1 
ATOM   654  C CB    . TRP A 1 85  ? -9.146  -6.394  11.807  1.00 24.85 ? 85  TRP A CB    1 
ATOM   655  C CG    . TRP A 1 85  ? -9.693  -6.752  10.412  1.00 26.74 ? 85  TRP A CG    1 
ATOM   656  C CD1   . TRP A 1 85  ? -10.690 -7.631  10.137  1.00 28.15 ? 85  TRP A CD1   1 
ATOM   657  C CD2   . TRP A 1 85  ? -9.247  -6.230  9.155   1.00 26.52 ? 85  TRP A CD2   1 
ATOM   658  N NE1   . TRP A 1 85  ? -10.942 -7.636  8.770   1.00 27.75 ? 85  TRP A NE1   1 
ATOM   659  C CE2   . TRP A 1 85  ? -10.049 -6.806  8.152   1.00 26.23 ? 85  TRP A CE2   1 
ATOM   660  C CE3   . TRP A 1 85  ? -8.304  -5.243  8.781   1.00 28.05 ? 85  TRP A CE3   1 
ATOM   661  C CZ2   . TRP A 1 85  ? -9.897  -6.473  6.798   1.00 27.33 ? 85  TRP A CZ2   1 
ATOM   662  C CZ3   . TRP A 1 85  ? -8.122  -4.940  7.453   1.00 27.11 ? 85  TRP A CZ3   1 
ATOM   663  C CH2   . TRP A 1 85  ? -8.930  -5.546  6.458   1.00 27.05 ? 85  TRP A CH2   1 
ATOM   664  N N     . ASN A 1 86  ? -6.943  -6.631  14.272  1.00 26.28 ? 86  ASN A N     1 
ATOM   665  C CA    . ASN A 1 86  ? -6.227  -5.899  15.315  1.00 28.59 ? 86  ASN A CA    1 
ATOM   666  C C     . ASN A 1 86  ? -4.756  -6.271  15.373  1.00 24.65 ? 86  ASN A C     1 
ATOM   667  O O     . ASN A 1 86  ? -4.052  -5.872  16.285  1.00 27.20 ? 86  ASN A O     1 
ATOM   668  C CB    . ASN A 1 86  ? -6.942  -6.072  16.680  1.00 29.96 ? 86  ASN A CB    1 
ATOM   669  C CG    . ASN A 1 86  ? -6.846  -7.476  17.238  1.00 35.05 ? 86  ASN A CG    1 
ATOM   670  O OD1   . ASN A 1 86  ? -6.437  -8.429  16.587  1.00 32.72 ? 86  ASN A OD1   1 
ATOM   671  N ND2   . ASN A 1 86  ? -7.195  -7.595  18.482  1.00 39.63 ? 86  ASN A ND2   1 
ATOM   672  N N     . GLU A 1 87  ? -4.322  -7.064  14.406  1.00 24.47 ? 87  GLU A N     1 
ATOM   673  C CA    . GLU A 1 87  ? -2.947  -7.498  14.242  1.00 25.64 ? 87  GLU A CA    1 
ATOM   674  C C     . GLU A 1 87  ? -2.251  -6.943  13.002  1.00 24.47 ? 87  GLU A C     1 
ATOM   675  O O     . GLU A 1 87  ? -1.241  -7.526  12.528  1.00 23.84 ? 87  GLU A O     1 
ATOM   676  C CB    . GLU A 1 87  ? -2.850  -9.011  14.238  1.00 25.61 ? 87  GLU A CB    1 
ATOM   677  C CG    . GLU A 1 87  ? -3.279  -9.634  15.555  1.00 26.86 ? 87  GLU A CG    1 
ATOM   678  C CD    . GLU A 1 87  ? -3.335  -11.151 15.560  1.00 32.17 ? 87  GLU A CD    1 
ATOM   679  O OE1   . GLU A 1 87  ? -3.362  -11.824 14.496  1.00 30.73 ? 87  GLU A OE1   1 
ATOM   680  O OE2   . GLU A 1 87  ? -3.483  -11.654 16.705  1.00 28.97 ? 87  GLU A OE2   1 
ATOM   681  N N     . LEU A 1 88  ? -2.709  -5.809  12.511  1.00 23.37 ? 88  LEU A N     1 
ATOM   682  C CA    . LEU A 1 88  ? -2.120  -5.239  11.330  1.00 24.85 ? 88  LEU A CA    1 
ATOM   683  C C     . LEU A 1 88  ? -0.671  -4.841  11.570  1.00 25.27 ? 88  LEU A C     1 
ATOM   684  O O     . LEU A 1 88  ? 0.105   -4.755  10.640  1.00 23.73 ? 88  LEU A O     1 
ATOM   685  C CB    . LEU A 1 88  ? -2.945  -4.049  10.835  1.00 26.70 ? 88  LEU A CB    1 
ATOM   686  C CG    . LEU A 1 88  ? -4.378  -4.340  10.414  1.00 29.12 ? 88  LEU A CG    1 
ATOM   687  C CD1   . LEU A 1 88  ? -4.938  -3.081  9.832   1.00 28.95 ? 88  LEU A CD1   1 
ATOM   688  C CD2   . LEU A 1 88  ? -4.398  -5.455  9.368   1.00 27.71 ? 88  LEU A CD2   1 
ATOM   689  N N     . GLY A 1 89  ? -0.289  -4.570  12.812  1.00 24.36 ? 89  GLY A N     1 
ATOM   690  C CA    . GLY A 1 89  ? 1.146   -4.309  13.075  1.00 22.80 ? 89  GLY A CA    1 
ATOM   691  C C     . GLY A 1 89  ? 2.070   -5.490  12.713  1.00 24.16 ? 89  GLY A C     1 
ATOM   692  O O     . GLY A 1 89  ? 3.264   -5.316  12.352  1.00 25.66 ? 89  GLY A O     1 
ATOM   693  N N     . ARG A 1 90  ? 1.562   -6.721  12.892  1.00 23.90 ? 90  ARG A N     1 
ATOM   694  C CA    . ARG A 1 90  ? 2.339   -7.919  12.669  1.00 20.50 ? 90  ARG A CA    1 
ATOM   695  C C     . ARG A 1 90  ? 2.319   -8.243  11.163  1.00 20.41 ? 90  ARG A C     1 
ATOM   696  O O     . ARG A 1 90  ? 3.228   -8.822  10.600  1.00 22.96 ? 90  ARG A O     1 
ATOM   697  C CB    . ARG A 1 90  ? 1.796   -9.083  13.503  1.00 21.14 ? 90  ARG A CB    1 
ATOM   698  C CG    . ARG A 1 90  ? 2.659   -10.373 13.413  1.00 24.52 ? 90  ARG A CG    1 
ATOM   699  C CD    . ARG A 1 90  ? 2.282   -11.422 14.445  1.00 24.82 ? 90  ARG A CD    1 
ATOM   700  N NE    . ARG A 1 90  ? 0.864   -11.835 14.341  1.00 26.55 ? 90  ARG A NE    1 
ATOM   701  C CZ    . ARG A 1 90  ? 0.386   -12.761 13.546  1.00 24.42 ? 90  ARG A CZ    1 
ATOM   702  N NH1   . ARG A 1 90  ? 1.162   -13.401 12.734  1.00 27.87 ? 90  ARG A NH1   1 
ATOM   703  N NH2   . ARG A 1 90  ? -0.921  -13.006 13.569  1.00 31.82 ? 90  ARG A NH2   1 
ATOM   704  N N     . LEU A 1 91  ? 1.195   -7.935  10.551  1.00 20.17 ? 91  LEU A N     1 
ATOM   705  C CA    . LEU A 1 91  ? 1.122   -8.054  9.097   1.00 20.47 ? 91  LEU A CA    1 
ATOM   706  C C     . LEU A 1 91  ? 2.159   -7.153  8.433   1.00 22.38 ? 91  LEU A C     1 
ATOM   707  O O     . LEU A 1 91  ? 2.794   -7.554  7.500   1.00 21.66 ? 91  LEU A O     1 
ATOM   708  C CB    . LEU A 1 91  ? -0.278  -7.734  8.615   1.00 20.71 ? 91  LEU A CB    1 
ATOM   709  C CG    . LEU A 1 91  ? -0.549  -7.984  7.100   1.00 20.84 ? 91  LEU A CG    1 
ATOM   710  C CD1   . LEU A 1 91  ? -0.222  -9.423  6.700   1.00 24.93 ? 91  LEU A CD1   1 
ATOM   711  C CD2   . LEU A 1 91  ? -1.943  -7.586  6.747   1.00 25.87 ? 91  LEU A CD2   1 
ATOM   712  N N     . ALA A 1 92  ? 2.353   -5.932  8.959   1.00 23.76 ? 92  ALA A N     1 
ATOM   713  C CA    . ALA A 1 92  ? 3.414   -5.054  8.462   1.00 25.70 ? 92  ALA A CA    1 
ATOM   714  C C     . ALA A 1 92  ? 4.770   -5.765  8.486   1.00 25.98 ? 92  ALA A C     1 
ATOM   715  O O     . ALA A 1 92  ? 5.499   -5.702  7.534   1.00 23.80 ? 92  ALA A O     1 
ATOM   716  C CB    . ALA A 1 92  ? 3.465   -3.730  9.271   1.00 25.69 ? 92  ALA A CB    1 
ATOM   717  N N     A GLN A 1 93  ? 5.090   -6.427  9.602   0.55 27.32 ? 93  GLN A N     1 
ATOM   718  N N     B GLN A 1 93  ? 5.094   -6.454  9.571   0.45 27.75 ? 93  GLN A N     1 
ATOM   719  C CA    A GLN A 1 93  ? 6.335   -7.189  9.739   0.55 27.45 ? 93  GLN A CA    1 
ATOM   720  C CA    B GLN A 1 93  ? 6.366   -7.153  9.662   0.45 28.19 ? 93  GLN A CA    1 
ATOM   721  C C     A GLN A 1 93  ? 6.497   -8.237  8.648   0.55 27.14 ? 93  GLN A C     1 
ATOM   722  C C     B GLN A 1 93  ? 6.515   -8.279  8.659   0.45 27.74 ? 93  GLN A C     1 
ATOM   723  O O     A GLN A 1 93  ? 7.595   -8.410  8.084   0.55 27.55 ? 93  GLN A O     1 
ATOM   724  O O     B GLN A 1 93  ? 7.623   -8.547  8.167   0.45 28.52 ? 93  GLN A O     1 
ATOM   725  C CB    A GLN A 1 93  ? 6.385   -7.913  11.099  0.55 27.75 ? 93  GLN A CB    1 
ATOM   726  C CB    B GLN A 1 93  ? 6.522   -7.703  11.063  0.45 29.63 ? 93  GLN A CB    1 
ATOM   727  C CG    A GLN A 1 93  ? 6.572   -7.036  12.322  0.55 28.52 ? 93  GLN A CG    1 
ATOM   728  C CG    B GLN A 1 93  ? 6.566   -6.601  12.077  0.45 31.28 ? 93  GLN A CG    1 
ATOM   729  C CD    A GLN A 1 93  ? 7.893   -6.275  12.320  0.55 28.61 ? 93  GLN A CD    1 
ATOM   730  C CD    B GLN A 1 93  ? 6.635   -7.120  13.491  0.45 30.22 ? 93  GLN A CD    1 
ATOM   731  O OE1   A GLN A 1 93  ? 8.922   -6.783  11.910  0.55 27.50 ? 93  GLN A OE1   1 
ATOM   732  O OE1   B GLN A 1 93  ? 6.040   -8.136  13.843  0.45 33.11 ? 93  GLN A OE1   1 
ATOM   733  N NE2   A GLN A 1 93  ? 7.855   -5.069  12.789  0.55 27.00 ? 93  GLN A NE2   1 
ATOM   734  N NE2   B GLN A 1 93  ? 7.393   -6.436  14.303  0.45 34.60 ? 93  GLN A NE2   1 
ATOM   735  N N     . LYS A 1 94  ? 5.413   -8.956  8.358   1.00 25.53 ? 94  LYS A N     1 
ATOM   736  C CA    . LYS A 1 94  ? 5.409   -9.911  7.274   1.00 27.15 ? 94  LYS A CA    1 
ATOM   737  C C     . LYS A 1 94  ? 5.809   -9.266  5.912   1.00 25.94 ? 94  LYS A C     1 
ATOM   738  O O     . LYS A 1 94  ? 6.677   -9.797  5.225   1.00 27.11 ? 94  LYS A O     1 
ATOM   739  C CB    . LYS A 1 94  ? 4.044   -10.607 7.166   1.00 25.04 ? 94  LYS A CB    1 
ATOM   740  C CG    . LYS A 1 94  ? 3.958   -11.570 5.995   1.00 28.34 ? 94  LYS A CG    1 
ATOM   741  C CD    . LYS A 1 94  ? 2.510   -12.028 5.731   1.00 31.13 ? 94  LYS A CD    1 
ATOM   742  C CE    . LYS A 1 94  ? 2.433   -13.069 4.607   1.00 38.78 ? 94  LYS A CE    1 
ATOM   743  N NZ    . LYS A 1 94  ? 2.655   -12.493 3.264   1.00 31.42 ? 94  LYS A NZ    1 
ATOM   744  N N     . PHE A 1 95  ? 5.211   -8.125  5.577   1.00 22.94 ? 95  PHE A N     1 
ATOM   745  C CA    . PHE A 1 95  ? 5.486   -7.402  4.370   1.00 24.31 ? 95  PHE A CA    1 
ATOM   746  C C     . PHE A 1 95  ? 6.957   -6.954  4.378   1.00 25.71 ? 95  PHE A C     1 
ATOM   747  O O     . PHE A 1 95  ? 7.596   -7.041  3.374   1.00 25.42 ? 95  PHE A O     1 
ATOM   748  C CB    . PHE A 1 95  ? 4.584   -6.181  4.216   1.00 23.87 ? 95  PHE A CB    1 
ATOM   749  C CG    . PHE A 1 95  ? 3.130   -6.511  4.071   1.00 22.68 ? 95  PHE A CG    1 
ATOM   750  C CD1   . PHE A 1 95  ? 2.710   -7.757  3.614   1.00 23.71 ? 95  PHE A CD1   1 
ATOM   751  C CD2   . PHE A 1 95  ? 2.148   -5.558  4.384   1.00 22.31 ? 95  PHE A CD2   1 
ATOM   752  C CE1   . PHE A 1 95  ? 1.330   -8.040  3.436   1.00 20.42 ? 95  PHE A CE1   1 
ATOM   753  C CE2   . PHE A 1 95  ? 0.779   -5.827  4.209   1.00 23.12 ? 95  PHE A CE2   1 
ATOM   754  C CZ    . PHE A 1 95  ? 0.374   -7.101  3.744   1.00 19.87 ? 95  PHE A CZ    1 
ATOM   755  N N     . TYR A 1 96  ? 7.496   -6.542  5.510   1.00 24.70 ? 96  TYR A N     1 
ATOM   756  C CA    . TYR A 1 96  ? 8.893   -6.138  5.443   1.00 24.84 ? 96  TYR A CA    1 
ATOM   757  C C     . TYR A 1 96  ? 9.748   -7.360  5.001   1.00 28.60 ? 96  TYR A C     1 
ATOM   758  O O     . TYR A 1 96  ? 10.695  -7.209  4.217   1.00 30.46 ? 96  TYR A O     1 
ATOM   759  C CB    . TYR A 1 96  ? 9.426   -5.640  6.762   1.00 23.71 ? 96  TYR A CB    1 
ATOM   760  C CG    . TYR A 1 96  ? 8.668   -4.565  7.495   1.00 25.09 ? 96  TYR A CG    1 
ATOM   761  C CD1   . TYR A 1 96  ? 7.986   -3.536  6.813   1.00 24.46 ? 96  TYR A CD1   1 
ATOM   762  C CD2   . TYR A 1 96  ? 8.724   -4.499  8.851   1.00 23.53 ? 96  TYR A CD2   1 
ATOM   763  C CE1   . TYR A 1 96  ? 7.284   -2.563  7.517   1.00 25.35 ? 96  TYR A CE1   1 
ATOM   764  C CE2   . TYR A 1 96  ? 8.009   -3.543  9.564   1.00 25.88 ? 96  TYR A CE2   1 
ATOM   765  C CZ    . TYR A 1 96  ? 7.294   -2.565  8.903   1.00 23.17 ? 96  TYR A CZ    1 
ATOM   766  O OH    . TYR A 1 96  ? 6.592   -1.556  9.615   1.00 22.19 ? 96  TYR A OH    1 
ATOM   767  N N     . ARG A 1 97  ? 9.443   -8.544  5.566   1.00 31.12 ? 97  ARG A N     1 
ATOM   768  C CA    . ARG A 1 97  ? 10.243  -9.761  5.292   1.00 35.62 ? 97  ARG A CA    1 
ATOM   769  C C     . ARG A 1 97  ? 9.966   -10.267 3.924   1.00 31.51 ? 97  ARG A C     1 
ATOM   770  O O     . ARG A 1 97  ? 10.881  -10.766 3.255   1.00 31.92 ? 97  ARG A O     1 
ATOM   771  C CB    . ARG A 1 97  ? 9.975   -10.866 6.327   1.00 40.66 ? 97  ARG A CB    1 
ATOM   772  C CG    . ARG A 1 97  ? 10.353  -10.463 7.754   1.00 46.19 ? 97  ARG A CG    1 
ATOM   773  C CD    . ARG A 1 97  ? 10.057  -11.608 8.722   1.00 57.67 ? 97  ARG A CD    1 
ATOM   774  N NE    . ARG A 1 97  ? 9.059   -12.525 8.107   1.00 61.02 ? 97  ARG A NE    1 
ATOM   775  C CZ    . ARG A 1 97  ? 7.792   -12.718 8.506   1.00 54.75 ? 97  ARG A CZ    1 
ATOM   776  N NH1   . ARG A 1 97  ? 7.284   -12.094 9.586   1.00 58.27 ? 97  ARG A NH1   1 
ATOM   777  N NH2   . ARG A 1 97  ? 7.013   -13.540 7.795   1.00 55.85 ? 97  ARG A NH2   1 
ATOM   778  N N     . ASP A 1 98  ? 8.750   -10.089 3.430   1.00 27.26 ? 98  ASP A N     1 
ATOM   779  C CA    . ASP A 1 98  ? 8.409   -10.597 2.130   1.00 27.87 ? 98  ASP A CA    1 
ATOM   780  C C     . ASP A 1 98  ? 9.283   -9.968  1.038   1.00 31.36 ? 98  ASP A C     1 
ATOM   781  O O     . ASP A 1 98  ? 9.444   -10.612 0.007   1.00 30.64 ? 98  ASP A O     1 
ATOM   782  C CB    . ASP A 1 98  ? 6.915   -10.383 1.700   1.00 26.52 ? 98  ASP A CB    1 
ATOM   783  C CG    . ASP A 1 98  ? 5.924   -11.237 2.462   1.00 30.08 ? 98  ASP A CG    1 
ATOM   784  O OD1   . ASP A 1 98  ? 6.321   -12.267 3.005   1.00 32.36 ? 98  ASP A OD1   1 
ATOM   785  O OD2   . ASP A 1 98  ? 4.713   -10.848 2.501   1.00 32.38 ? 98  ASP A OD2   1 
ATOM   786  N N     . TYR A 1 99  ? 9.750   -8.726  1.190   1.00 30.16 ? 99  TYR A N     1 
ATOM   787  C CA    . TYR A 1 99  ? 10.503  -8.060  0.117   1.00 30.15 ? 99  TYR A CA    1 
ATOM   788  C C     . TYR A 1 99  ? 11.923  -7.735  0.536   1.00 29.17 ? 99  TYR A C     1 
ATOM   789  O O     . TYR A 1 99  ? 12.609  -6.992  -0.161  1.00 32.67 ? 99  TYR A O     1 
ATOM   790  C CB    . TYR A 1 99  ? 9.752   -6.859  -0.464  1.00 29.21 ? 99  TYR A CB    1 
ATOM   791  C CG    . TYR A 1 99  ? 8.347   -7.246  -0.816  1.00 28.21 ? 99  TYR A CG    1 
ATOM   792  C CD1   . TYR A 1 99  ? 8.062   -7.881  -2.020  1.00 29.30 ? 99  TYR A CD1   1 
ATOM   793  C CD2   . TYR A 1 99  ? 7.296   -6.980  0.044   1.00 25.21 ? 99  TYR A CD2   1 
ATOM   794  C CE1   . TYR A 1 99  ? 6.770   -8.302  -2.306  1.00 31.70 ? 99  TYR A CE1   1 
ATOM   795  C CE2   . TYR A 1 99  ? 6.006   -7.384  -0.239  1.00 28.55 ? 99  TYR A CE2   1 
ATOM   796  C CZ    . TYR A 1 99  ? 5.760   -8.046  -1.411  1.00 29.02 ? 99  TYR A CZ    1 
ATOM   797  O OH    . TYR A 1 99  ? 4.488   -8.432  -1.671  1.00 28.55 ? 99  TYR A OH    1 
ATOM   798  N N     . GLU A 1 100 ? 12.376  -8.334  1.631   1.00 30.20 ? 100 GLU A N     1 
ATOM   799  C CA    . GLU A 1 100 ? 13.688  -7.967  2.194   1.00 34.20 ? 100 GLU A CA    1 
ATOM   800  C C     . GLU A 1 100 ? 14.821  -8.456  1.257   1.00 38.47 ? 100 GLU A C     1 
ATOM   801  O O     . GLU A 1 100 ? 15.934  -7.971  1.408   1.00 38.11 ? 100 GLU A O     1 
ATOM   802  C CB    . GLU A 1 100 ? 13.896  -8.500  3.621   1.00 37.41 ? 100 GLU A CB    1 
ATOM   803  C CG    . GLU A 1 100 ? 14.182  -9.988  3.694   1.00 39.75 ? 100 GLU A CG    1 
ATOM   804  C CD    . GLU A 1 100 ? 14.183  -10.569 5.102   1.00 42.22 ? 100 GLU A CD    1 
ATOM   805  O OE1   . GLU A 1 100 ? 13.959  -9.881  6.131   1.00 47.16 ? 100 GLU A OE1   1 
ATOM   806  O OE2   . GLU A 1 100 ? 14.328  -11.799 5.144   1.00 54.61 ? 100 GLU A OE2   1 
ATOM   807  N N     . ASP A 1 101 ? 14.518  -9.342  0.286   1.00 36.32 ? 101 ASP A N     1 
ATOM   808  C CA    . ASP A 1 101 ? 15.508  -9.733  -0.783  1.00 48.04 ? 101 ASP A CA    1 
ATOM   809  C C     . ASP A 1 101 ? 15.770  -8.740  -1.863  1.00 48.69 ? 101 ASP A C     1 
ATOM   810  O O     . ASP A 1 101 ? 16.799  -8.833  -2.527  1.00 53.49 ? 101 ASP A O     1 
ATOM   811  C CB    . ASP A 1 101 ? 15.043  -10.960 -1.535  1.00 50.29 ? 101 ASP A CB    1 
ATOM   812  C CG    . ASP A 1 101 ? 15.213  -12.153 -0.754  1.00 58.46 ? 101 ASP A CG    1 
ATOM   813  O OD1   . ASP A 1 101 ? 16.070  -12.079 0.131   1.00 68.43 ? 101 ASP A OD1   1 
ATOM   814  O OD2   . ASP A 1 101 ? 14.497  -13.154 -0.991  1.00 72.19 ? 101 ASP A OD2   1 
ATOM   815  N N     . ILE A 1 102 ? 14.829  -7.826  -2.107  1.00 42.19 ? 102 ILE A N     1 
ATOM   816  C CA    . ILE A 1 102 ? 15.013  -6.830  -3.149  1.00 38.09 ? 102 ILE A CA    1 
ATOM   817  C C     . ILE A 1 102 ? 15.930  -5.782  -2.571  1.00 43.94 ? 102 ILE A C     1 
ATOM   818  O O     . ILE A 1 102 ? 15.487  -4.820  -1.956  1.00 45.90 ? 102 ILE A O     1 
ATOM   819  C CB    . ILE A 1 102 ? 13.707  -6.200  -3.652  1.00 44.81 ? 102 ILE A CB    1 
ATOM   820  C CG1   . ILE A 1 102 ? 12.672  -7.282  -3.965  1.00 40.79 ? 102 ILE A CG1   1 
ATOM   821  C CG2   . ILE A 1 102 ? 14.028  -5.333  -4.860  1.00 45.03 ? 102 ILE A CG2   1 
ATOM   822  C CD1   . ILE A 1 102 ? 11.297  -6.776  -4.344  1.00 43.07 ? 102 ILE A CD1   1 
ATOM   823  N N     . THR A 1 103 ? 17.232  -5.937  -2.795  1.00 41.28 ? 103 THR A N     1 
ATOM   824  C CA    . THR A 1 103 ? 18.211  -5.058  -2.166  1.00 41.02 ? 103 THR A CA    1 
ATOM   825  C C     . THR A 1 103 ? 18.699  -3.889  -3.057  1.00 37.02 ? 103 THR A C     1 
ATOM   826  O O     . THR A 1 103 ? 19.450  -3.037  -2.597  1.00 39.60 ? 103 THR A O     1 
ATOM   827  C CB    . THR A 1 103 ? 19.419  -5.843  -1.758  1.00 47.61 ? 103 THR A CB    1 
ATOM   828  O OG1   . THR A 1 103 ? 19.828  -6.591  -2.886  1.00 40.49 ? 103 THR A OG1   1 
ATOM   829  C CG2   . THR A 1 103 ? 19.082  -6.787  -0.622  1.00 48.88 ? 103 THR A CG2   1 
ATOM   830  N N     . GLU A 1 104 ? 18.239  -3.812  -4.281  1.00 38.94 ? 104 GLU A N     1 
ATOM   831  C CA    . GLU A 1 104 ? 18.474  -2.625  -5.064  1.00 41.88 ? 104 GLU A CA    1 
ATOM   832  C C     . GLU A 1 104 ? 17.265  -1.723  -4.958  1.00 40.25 ? 104 GLU A C     1 
ATOM   833  O O     . GLU A 1 104 ? 16.165  -2.132  -5.306  1.00 37.21 ? 104 GLU A O     1 
ATOM   834  C CB    . GLU A 1 104 ? 18.769  -2.918  -6.521  1.00 45.89 ? 104 GLU A CB    1 
ATOM   835  C CG    . GLU A 1 104 ? 19.007  -1.602  -7.259  1.00 59.13 ? 104 GLU A CG    1 
ATOM   836  C CD    . GLU A 1 104 ? 19.261  -1.788  -8.727  1.00 70.65 ? 104 GLU A CD    1 
ATOM   837  O OE1   . GLU A 1 104 ? 18.630  -1.069  -9.531  1.00 77.84 ? 104 GLU A OE1   1 
ATOM   838  O OE2   . GLU A 1 104 ? 20.087  -2.662  -9.069  1.00 80.23 ? 104 GLU A OE2   1 
ATOM   839  N N     . TYR A 1 105 ? 17.503  -0.495  -4.502  1.00 39.51 ? 105 TYR A N     1 
ATOM   840  C CA    . TYR A 1 105 ? 16.435  0.517   -4.302  1.00 36.58 ? 105 TYR A CA    1 
ATOM   841  C C     . TYR A 1 105 ? 15.669  0.762   -5.556  1.00 40.36 ? 105 TYR A C     1 
ATOM   842  O O     . TYR A 1 105 ? 14.430  0.865   -5.506  1.00 37.32 ? 105 TYR A O     1 
ATOM   843  C CB    . TYR A 1 105 ? 16.988  1.862   -3.793  1.00 35.26 ? 105 TYR A CB    1 
ATOM   844  C CG    . TYR A 1 105 ? 15.974  2.840   -3.290  1.00 32.60 ? 105 TYR A CG    1 
ATOM   845  C CD1   . TYR A 1 105 ? 14.989  2.470   -2.357  1.00 33.19 ? 105 TYR A CD1   1 
ATOM   846  C CD2   . TYR A 1 105 ? 15.975  4.126   -3.712  1.00 35.17 ? 105 TYR A CD2   1 
ATOM   847  C CE1   . TYR A 1 105 ? 14.048  3.392   -1.917  1.00 31.26 ? 105 TYR A CE1   1 
ATOM   848  C CE2   . TYR A 1 105 ? 15.042  5.046   -3.267  1.00 32.53 ? 105 TYR A CE2   1 
ATOM   849  C CZ    . TYR A 1 105 ? 14.096  4.682   -2.371  1.00 30.91 ? 105 TYR A CZ    1 
ATOM   850  O OH    . TYR A 1 105 ? 13.196  5.599   -1.957  1.00 29.68 ? 105 TYR A OH    1 
ATOM   851  N N     . GLU A 1 106 ? 16.351  0.897   -6.695  1.00 34.53 ? 106 GLU A N     1 
ATOM   852  C CA    . GLU A 1 106 ? 15.620  1.124   -7.924  1.00 39.46 ? 106 GLU A CA    1 
ATOM   853  C C     . GLU A 1 106 ? 14.688  -0.032  -8.383  1.00 33.79 ? 106 GLU A C     1 
ATOM   854  O O     . GLU A 1 106 ? 13.651  0.243   -8.972  1.00 34.22 ? 106 GLU A O     1 
ATOM   855  C CB    . GLU A 1 106 ? 16.558  1.539   -9.096  1.00 43.50 ? 106 GLU A CB    1 
ATOM   856  C CG    . GLU A 1 106 ? 17.304  2.844   -8.851  1.00 49.24 ? 106 GLU A CG    1 
ATOM   857  C CD    . GLU A 1 106 ? 18.004  3.381   -10.120 1.00 63.54 ? 106 GLU A CD    1 
ATOM   858  O OE1   . GLU A 1 106 ? 18.978  4.158   -9.975  1.00 71.86 ? 106 GLU A OE1   1 
ATOM   859  O OE2   . GLU A 1 106 ? 17.605  3.029   -11.272 1.00 65.25 ? 106 GLU A OE2   1 
ATOM   860  N N     . VAL A 1 107 ? 15.049  -1.293  -8.159  1.00 34.45 ? 107 VAL A N     1 
ATOM   861  C CA    . VAL A 1 107 ? 14.173  -2.447  -8.489  1.00 37.57 ? 107 VAL A CA    1 
ATOM   862  C C     . VAL A 1 107 ? 12.959  -2.432  -7.509  1.00 37.80 ? 107 VAL A C     1 
ATOM   863  O O     . VAL A 1 107 ? 11.849  -2.728  -7.870  1.00 36.21 ? 107 VAL A O     1 
ATOM   864  C CB    . VAL A 1 107 ? 14.873  -3.816  -8.321  1.00 40.86 ? 107 VAL A CB    1 
ATOM   865  C CG1   . VAL A 1 107 ? 13.925  -4.990  -8.720  1.00 36.44 ? 107 VAL A CG1   1 
ATOM   866  C CG2   . VAL A 1 107 ? 16.148  -3.882  -9.186  1.00 40.94 ? 107 VAL A CG2   1 
ATOM   867  N N     . LEU A 1 108 ? 13.204  -2.052  -6.273  1.00 33.48 ? 108 LEU A N     1 
ATOM   868  C CA    . LEU A 1 108 ? 12.099  -1.880  -5.300  1.00 32.57 ? 108 LEU A CA    1 
ATOM   869  C C     . LEU A 1 108 ? 11.076  -0.837  -5.710  1.00 29.32 ? 108 LEU A C     1 
ATOM   870  O O     . LEU A 1 108 ? 9.842   -1.105  -5.697  1.00 30.86 ? 108 LEU A O     1 
ATOM   871  C CB    . LEU A 1 108 ? 12.681  -1.536  -3.956  1.00 36.10 ? 108 LEU A CB    1 
ATOM   872  C CG    . LEU A 1 108 ? 11.748  -1.732  -2.796  1.00 36.17 ? 108 LEU A CG    1 
ATOM   873  C CD1   . LEU A 1 108 ? 11.176  -3.160  -2.603  1.00 33.21 ? 108 LEU A CD1   1 
ATOM   874  C CD2   . LEU A 1 108 ? 12.491  -1.282  -1.544  1.00 36.14 ? 108 LEU A CD2   1 
ATOM   875  N N     . LEU A 1 109 ? 11.561  0.337   -6.138  1.00 31.20 ? 109 LEU A N     1 
ATOM   876  C CA    . LEU A 1 109 ? 10.652  1.335   -6.678  1.00 32.89 ? 109 LEU A CA    1 
ATOM   877  C C     . LEU A 1 109 ? 9.916   0.891   -7.928  1.00 31.82 ? 109 LEU A C     1 
ATOM   878  O O     . LEU A 1 109 ? 8.753   1.252   -8.136  1.00 28.52 ? 109 LEU A O     1 
ATOM   879  C CB    . LEU A 1 109 ? 11.374  2.643   -6.926  1.00 35.84 ? 109 LEU A CB    1 
ATOM   880  C CG    . LEU A 1 109 ? 12.125  3.237   -5.736  1.00 35.39 ? 109 LEU A CG    1 
ATOM   881  C CD1   . LEU A 1 109 ? 12.718  4.602   -6.135  1.00 34.53 ? 109 LEU A CD1   1 
ATOM   882  C CD2   . LEU A 1 109 ? 11.192  3.412   -4.536  1.00 34.60 ? 109 LEU A CD2   1 
ATOM   883  N N     . ALA A 1 110 ? 10.600  0.162   -8.797  1.00 31.74 ? 110 ALA A N     1 
ATOM   884  C CA    . ALA A 1 110 ? 9.944   -0.343  -10.033 1.00 34.68 ? 110 ALA A CA    1 
ATOM   885  C C     . ALA A 1 110 ? 8.821   -1.329  -9.705  1.00 32.43 ? 110 ALA A C     1 
ATOM   886  O O     . ALA A 1 110 ? 7.771   -1.351  -10.343 1.00 29.82 ? 110 ALA A O     1 
ATOM   887  C CB    . ALA A 1 110 ? 10.968  -1.003  -10.932 1.00 34.91 ? 110 ALA A CB    1 
ATOM   888  N N     . ARG A 1 111 ? 9.045   -2.137  -8.670  1.00 32.93 ? 111 ARG A N     1 
ATOM   889  C CA    . ARG A 1 111 ? 8.065   -3.124  -8.247  1.00 31.96 ? 111 ARG A CA    1 
ATOM   890  C C     . ARG A 1 111 ? 6.847   -2.393  -7.690  1.00 26.55 ? 111 ARG A C     1 
ATOM   891  O O     . ARG A 1 111 ? 5.718   -2.797  -7.927  1.00 27.87 ? 111 ARG A O     1 
ATOM   892  C CB    . ARG A 1 111 ? 8.703   -3.989  -7.185  1.00 33.50 ? 111 ARG A CB    1 
ATOM   893  C CG    . ARG A 1 111 ? 7.870   -5.113  -6.624  1.00 41.54 ? 111 ARG A CG    1 
ATOM   894  C CD    . ARG A 1 111 ? 7.466   -6.120  -7.657  1.00 46.17 ? 111 ARG A CD    1 
ATOM   895  N NE    . ARG A 1 111 ? 6.713   -7.184  -6.993  1.00 50.82 ? 111 ARG A NE    1 
ATOM   896  C CZ    . ARG A 1 111 ? 7.271   -8.227  -6.377  1.00 48.89 ? 111 ARG A CZ    1 
ATOM   897  N NH1   . ARG A 1 111 ? 8.595   -8.366  -6.345  1.00 50.62 ? 111 ARG A NH1   1 
ATOM   898  N NH2   . ARG A 1 111 ? 6.508   -9.163  -5.829  1.00 46.92 ? 111 ARG A NH2   1 
ATOM   899  N N     . LEU A 1 112 ? 7.081   -1.355  -6.889  1.00 27.24 ? 112 LEU A N     1 
ATOM   900  C CA    . LEU A 1 112 ? 5.984   -0.560  -6.324  1.00 27.49 ? 112 LEU A CA    1 
ATOM   901  C C     . LEU A 1 112 ? 5.129   0.083   -7.437  1.00 29.74 ? 112 LEU A C     1 
ATOM   902  O O     . LEU A 1 112 ? 3.898   -0.014  -7.412  1.00 27.83 ? 112 LEU A O     1 
ATOM   903  C CB    . LEU A 1 112 ? 6.537   0.501   -5.384  1.00 28.45 ? 112 LEU A CB    1 
ATOM   904  C CG    . LEU A 1 112 ? 5.488   1.508   -4.891  1.00 32.78 ? 112 LEU A CG    1 
ATOM   905  C CD1   . LEU A 1 112 ? 4.521   0.854   -3.931  1.00 33.99 ? 112 LEU A CD1   1 
ATOM   906  C CD2   . LEU A 1 112 ? 6.119   2.707   -4.224  1.00 34.61 ? 112 LEU A CD2   1 
ATOM   907  N N     . LYS A 1 113 ? 5.805   0.706   -8.415  1.00 27.82 ? 113 LYS A N     1 
ATOM   908  C CA    . LYS A 1 113 ? 5.140   1.255   -9.595  1.00 31.47 ? 113 LYS A CA    1 
ATOM   909  C C     . LYS A 1 113 ? 4.349   0.213   -10.364 1.00 28.75 ? 113 LYS A C     1 
ATOM   910  O O     . LYS A 1 113 ? 3.222   0.459   -10.696 1.00 29.89 ? 113 LYS A O     1 
ATOM   911  C CB    . LYS A 1 113 ? 6.154   1.907   -10.530 1.00 40.15 ? 113 LYS A CB    1 
ATOM   912  C CG    . LYS A 1 113 ? 5.468   2.541   -11.769 1.00 46.19 ? 113 LYS A CG    1 
ATOM   913  C CD    . LYS A 1 113 ? 6.465   3.258   -12.674 1.00 53.86 ? 113 LYS A CD    1 
ATOM   914  C CE    . LYS A 1 113 ? 5.826   4.530   -13.191 1.00 63.37 ? 113 LYS A CE    1 
ATOM   915  N NZ    . LYS A 1 113 ? 6.618   5.130   -14.294 1.00 66.92 ? 113 LYS A NZ    1 
ATOM   916  N N     . GLU A 1 114 ? 4.935   -0.913  -10.657 1.00 30.75 ? 114 GLU A N     1 
ATOM   917  C CA    . GLU A 1 114 ? 4.186   -1.977  -11.359 1.00 34.49 ? 114 GLU A CA    1 
ATOM   918  C C     . GLU A 1 114 ? 2.961   -2.491  -10.542 1.00 33.64 ? 114 GLU A C     1 
ATOM   919  O O     . GLU A 1 114 ? 1.881   -2.734  -11.081 1.00 32.11 ? 114 GLU A O     1 
ATOM   920  C CB    . GLU A 1 114 ? 5.130   -3.072  -11.710 1.00 38.81 ? 114 GLU A CB    1 
ATOM   921  C CG    . GLU A 1 114 ? 4.483   -4.333  -12.187 1.00 49.54 ? 114 GLU A CG    1 
ATOM   922  C CD    . GLU A 1 114 ? 5.441   -5.523  -12.068 1.00 68.11 ? 114 GLU A CD    1 
ATOM   923  O OE1   . GLU A 1 114 ? 5.948   -5.838  -10.924 1.00 66.95 ? 114 GLU A OE1   1 
ATOM   924  O OE2   . GLU A 1 114 ? 5.687   -6.136  -13.147 1.00 76.24 ? 114 GLU A OE2   1 
ATOM   925  N N     . ASN A 1 115 ? 3.106   -2.573  -9.213  1.00 28.74 ? 115 ASN A N     1 
ATOM   926  C CA    . ASN A 1 115 ? 2.000   -2.908  -8.375  1.00 27.97 ? 115 ASN A CA    1 
ATOM   927  C C     . ASN A 1 115 ? 0.846   -1.886  -8.475  1.00 25.65 ? 115 ASN A C     1 
ATOM   928  O O     . ASN A 1 115 ? -0.374  -2.255  -8.652  1.00 28.40 ? 115 ASN A O     1 
ATOM   929  C CB    . ASN A 1 115 ? 2.515   -3.087  -6.888  1.00 28.06 ? 115 ASN A CB    1 
ATOM   930  C CG    . ASN A 1 115 ? 1.395   -3.528  -5.956  1.00 30.63 ? 115 ASN A CG    1 
ATOM   931  O OD1   . ASN A 1 115 ? 0.968   -2.790  -5.066  1.00 31.20 ? 115 ASN A OD1   1 
ATOM   932  N ND2   . ASN A 1 115 ? 0.873   -4.723  -6.203  1.00 31.40 ? 115 ASN A ND2   1 
ATOM   933  N N     . LYS A 1 116 ? 1.188   -0.587  -8.389  1.00 27.07 ? 116 LYS A N     1 
ATOM   934  C CA    . LYS A 1 116 ? 0.220   0.479   -8.502  1.00 27.79 ? 116 LYS A CA    1 
ATOM   935  C C     . LYS A 1 116 ? -0.506  0.407   -9.822  1.00 26.35 ? 116 LYS A C     1 
ATOM   936  O O     . LYS A 1 116 ? -1.724  0.594   -9.866  1.00 27.42 ? 116 LYS A O     1 
ATOM   937  C CB    . LYS A 1 116 ? 0.950   1.832   -8.322  1.00 29.52 ? 116 LYS A CB    1 
ATOM   938  C CG    . LYS A 1 116 ? 0.043   3.047   -8.460  1.00 34.68 ? 116 LYS A CG    1 
ATOM   939  C CD    . LYS A 1 116 ? -0.015  3.546   -9.928  1.00 35.60 ? 116 LYS A CD    1 
ATOM   940  C CE    . LYS A 1 116 ? -0.762  4.846   -10.038 1.00 41.36 ? 116 LYS A CE    1 
ATOM   941  N NZ    . LYS A 1 116 ? -0.674  5.374   -11.443 1.00 40.23 ? 116 LYS A NZ    1 
ATOM   942  N N     . GLN A 1 117 ? 0.248   0.120   -10.891 1.00 29.85 ? 117 GLN A N     1 
ATOM   943  C CA    . GLN A 1 117 ? -0.379  0.042   -12.229 1.00 30.43 ? 117 GLN A CA    1 
ATOM   944  C C     . GLN A 1 117 ? -1.319  -1.170  -12.320 1.00 28.72 ? 117 GLN A C     1 
ATOM   945  O O     . GLN A 1 117 ? -2.384  -1.093  -12.974 1.00 31.00 ? 117 GLN A O     1 
ATOM   946  C CB    . GLN A 1 117 ? 0.710   -0.023  -13.335 1.00 36.14 ? 117 GLN A CB    1 
ATOM   947  C CG    . GLN A 1 117 ? 1.531   1.252   -13.487 1.00 45.10 ? 117 GLN A CG    1 
ATOM   948  C CD    . GLN A 1 117 ? 2.751   1.079   -14.418 1.00 54.05 ? 117 GLN A CD    1 
ATOM   949  O OE1   . GLN A 1 117 ? 3.153   -0.025  -14.786 1.00 68.59 ? 117 GLN A OE1   1 
ATOM   950  N NE2   . GLN A 1 117 ? 3.354   2.192   -14.761 1.00 63.54 ? 117 GLN A NE2   1 
ATOM   951  N N     . GLN A 1 118 ? -0.917  -2.295  -11.743 1.00 30.75 ? 118 GLN A N     1 
ATOM   952  C CA    . GLN A 1 118 ? -1.798  -3.474  -11.642 1.00 30.35 ? 118 GLN A CA    1 
ATOM   953  C C     . GLN A 1 118 ? -3.052  -3.205  -10.844 1.00 31.34 ? 118 GLN A C     1 
ATOM   954  O O     . GLN A 1 118 ? -4.106  -3.655  -11.224 1.00 29.41 ? 118 GLN A O     1 
ATOM   955  C CB    . GLN A 1 118 ? -1.089  -4.692  -11.111 1.00 34.75 ? 118 GLN A CB    1 
ATOM   956  C CG    . GLN A 1 118 ? -0.084  -5.208  -12.134 1.00 41.30 ? 118 GLN A CG    1 
ATOM   957  C CD    . GLN A 1 118 ? 0.731   -6.335  -11.622 1.00 45.75 ? 118 GLN A CD    1 
ATOM   958  O OE1   . GLN A 1 118 ? 0.494   -6.852  -10.519 1.00 51.01 ? 118 GLN A OE1   1 
ATOM   959  N NE2   . GLN A 1 118 ? 1.743   -6.720  -12.403 1.00 53.46 ? 118 GLN A NE2   1 
ATOM   960  N N     . LEU A 1 119 ? -2.969  -2.354  -9.840  1.00 29.32 ? 119 LEU A N     1 
ATOM   961  C CA    . LEU A 1 119 ? -4.148  -2.041  -9.049  1.00 27.75 ? 119 LEU A CA    1 
ATOM   962  C C     . LEU A 1 119 ? -5.111  -1.127  -9.795  1.00 26.29 ? 119 LEU A C     1 
ATOM   963  O O     . LEU A 1 119 ? -6.356  -1.310  -9.697  1.00 29.51 ? 119 LEU A O     1 
ATOM   964  C CB    . LEU A 1 119 ? -3.718  -1.446  -7.700  1.00 27.62 ? 119 LEU A CB    1 
ATOM   965  C CG    . LEU A 1 119 ? -3.106  -2.489  -6.731  1.00 32.18 ? 119 LEU A CG    1 
ATOM   966  C CD1   . LEU A 1 119 ? -2.119  -1.768  -5.830  1.00 33.12 ? 119 LEU A CD1   1 
ATOM   967  C CD2   . LEU A 1 119 ? -4.243  -3.141  -5.932  1.00 32.49 ? 119 LEU A CD2   1 
ATOM   968  N N     . VAL A 1 120 ? -4.550  -0.115  -10.502 1.00 28.87 ? 120 VAL A N     1 
ATOM   969  C CA    . VAL A 1 120 ? -5.340  0.775   -11.357 1.00 32.81 ? 120 VAL A CA    1 
ATOM   970  C C     . VAL A 1 120 ? -6.045  -0.084  -12.432 1.00 30.65 ? 120 VAL A C     1 
ATOM   971  O O     . VAL A 1 120 ? -7.247  0.104   -12.687 1.00 31.07 ? 120 VAL A O     1 
ATOM   972  C CB    . VAL A 1 120 ? -4.534  1.979   -11.927 1.00 35.69 ? 120 VAL A CB    1 
ATOM   973  C CG1   . VAL A 1 120 ? -5.398  2.758   -12.949 1.00 38.48 ? 120 VAL A CG1   1 
ATOM   974  C CG2   . VAL A 1 120 ? -4.097  2.886   -10.808 1.00 34.25 ? 120 VAL A CG2   1 
ATOM   975  N N     . ALA A 1 121 ? -5.318  -1.036  -13.033 1.00 31.65 ? 121 ALA A N     1 
ATOM   976  C CA    . ALA A 1 121 ? -5.946  -1.911  -14.046 1.00 32.62 ? 121 ALA A CA    1 
ATOM   977  C C     . ALA A 1 121 ? -7.060  -2.787  -13.455 1.00 32.83 ? 121 ALA A C     1 
ATOM   978  O O     . ALA A 1 121 ? -8.077  -2.986  -14.069 1.00 32.54 ? 121 ALA A O     1 
ATOM   979  C CB    . ALA A 1 121 ? -4.904  -2.797  -14.698 1.00 31.31 ? 121 ALA A CB    1 
ATOM   980  N N     . LEU A 1 122 ? -6.866  -3.301  -12.251 1.00 30.84 ? 122 LEU A N     1 
ATOM   981  C CA    . LEU A 1 122 ? -7.881  -3.964  -11.515 1.00 28.56 ? 122 LEU A CA    1 
ATOM   982  C C     . LEU A 1 122 ? -9.158  -3.146  -11.335 1.00 30.11 ? 122 LEU A C     1 
ATOM   983  O O     . LEU A 1 122 ? -10.242 -3.643  -11.614 1.00 32.27 ? 122 LEU A O     1 
ATOM   984  C CB    . LEU A 1 122 ? -7.373  -4.504  -10.124 1.00 29.31 ? 122 LEU A CB    1 
ATOM   985  C CG    . LEU A 1 122 ? -8.447  -5.141  -9.219  1.00 31.59 ? 122 LEU A CG    1 
ATOM   986  C CD1   . LEU A 1 122 ? -8.750  -6.540  -9.602  1.00 32.77 ? 122 LEU A CD1   1 
ATOM   987  C CD2   . LEU A 1 122 ? -8.061  -5.163  -7.733  1.00 34.87 ? 122 LEU A CD2   1 
ATOM   988  N N     . ILE A 1 123 ? -9.038  -1.907  -10.869 1.00 29.01 ? 123 ILE A N     1 
ATOM   989  C CA    . ILE A 1 123 ? -10.199 -1.077  -10.619 1.00 31.73 ? 123 ILE A CA    1 
ATOM   990  C C     . ILE A 1 123 ? -10.959 -0.859  -11.975 1.00 33.83 ? 123 ILE A C     1 
ATOM   991  O O     . ILE A 1 123 ? -12.213 -0.776  -12.037 1.00 33.00 ? 123 ILE A O     1 
ATOM   992  C CB    . ILE A 1 123 ? -9.726  0.286   -10.058 1.00 30.68 ? 123 ILE A CB    1 
ATOM   993  C CG1   . ILE A 1 123 ? -9.113  0.069   -8.644  1.00 33.05 ? 123 ILE A CG1   1 
ATOM   994  C CG2   . ILE A 1 123 ? -10.885 1.279   -9.976  1.00 32.60 ? 123 ILE A CG2   1 
ATOM   995  C CD1   . ILE A 1 123 ? -8.166  1.138   -8.139  1.00 32.20 ? 123 ILE A CD1   1 
ATOM   996  N N     . GLU A 1 124 ? -10.156 -0.749  -13.026 1.00 33.84 ? 124 GLU A N     1 
ATOM   997  C CA    . GLU A 1 124 ? -10.681 -0.394  -14.366 1.00 36.74 ? 124 GLU A CA    1 
ATOM   998  C C     . GLU A 1 124 ? -11.596 -1.469  -14.874 1.00 34.68 ? 124 GLU A C     1 
ATOM   999  O O     . GLU A 1 124 ? -12.496 -1.142  -15.563 1.00 42.20 ? 124 GLU A O     1 
ATOM   1000 C CB    . GLU A 1 124 ? -9.570  -0.085  -15.376 1.00 39.27 ? 124 GLU A CB    1 
ATOM   1001 C CG    . GLU A 1 124 ? -8.931  1.257   -15.196 1.00 42.26 ? 124 GLU A CG    1 
ATOM   1002 C CD    . GLU A 1 124 ? -9.779  2.439   -15.696 1.00 47.64 ? 124 GLU A CD    1 
ATOM   1003 O OE1   . GLU A 1 124 ? -10.979 2.285   -16.072 1.00 50.36 ? 124 GLU A OE1   1 
ATOM   1004 O OE2   . GLU A 1 124 ? -9.239  3.564   -15.675 1.00 53.59 ? 124 GLU A OE2   1 
ATOM   1005 N N     . ARG A 1 125 ? -11.429 -2.715  -14.457 1.00 38.41 ? 125 ARG A N     1 
ATOM   1006 C CA    . ARG A 1 125 ? -12.294 -3.810  -14.843 1.00 37.56 ? 125 ARG A CA    1 
ATOM   1007 C C     . ARG A 1 125 ? -13.670 -3.773  -14.171 1.00 39.44 ? 125 ARG A C     1 
ATOM   1008 O O     . ARG A 1 125 ? -14.552 -4.435  -14.580 1.00 36.11 ? 125 ARG A O     1 
ATOM   1009 C CB    . ARG A 1 125 ? -11.599 -5.131  -14.563 1.00 43.06 ? 125 ARG A CB    1 
ATOM   1010 C CG    . ARG A 1 125 ? -10.236 -5.137  -15.223 1.00 50.49 ? 125 ARG A CG    1 
ATOM   1011 C CD    . ARG A 1 125 ? -9.733  -6.541  -15.514 1.00 57.93 ? 125 ARG A CD    1 
ATOM   1012 N NE    . ARG A 1 125 ? -9.837  -7.372  -14.327 1.00 63.53 ? 125 ARG A NE    1 
ATOM   1013 C CZ    . ARG A 1 125 ? -8.845  -7.590  -13.459 1.00 71.30 ? 125 ARG A CZ    1 
ATOM   1014 N NH1   . ARG A 1 125 ? -7.628  -7.039  -13.637 1.00 60.15 ? 125 ARG A NH1   1 
ATOM   1015 N NH2   . ARG A 1 125 ? -9.077  -8.373  -12.394 1.00 72.33 ? 125 ARG A NH2   1 
ATOM   1016 N N     . PHE A 1 126 ? -13.892 -2.938  -13.177 1.00 33.73 ? 126 PHE A N     1 
ATOM   1017 C CA    . PHE A 1 126 ? -15.166 -2.974  -12.481 1.00 34.29 ? 126 PHE A CA    1 
ATOM   1018 C C     . PHE A 1 126 ? -15.942 -1.731  -12.826 1.00 34.49 ? 126 PHE A C     1 
ATOM   1019 O O     . PHE A 1 126 ? -15.332 -0.660  -13.068 1.00 35.65 ? 126 PHE A O     1 
ATOM   1020 C CB    . PHE A 1 126 ? -14.859 -3.020  -10.955 1.00 31.94 ? 126 PHE A CB    1 
ATOM   1021 C CG    . PHE A 1 126 ? -14.429 -4.378  -10.444 1.00 32.46 ? 126 PHE A CG    1 
ATOM   1022 C CD1   . PHE A 1 126 ? -15.364 -5.392  -10.208 1.00 34.06 ? 126 PHE A CD1   1 
ATOM   1023 C CD2   . PHE A 1 126 ? -13.110 -4.656  -10.217 1.00 33.70 ? 126 PHE A CD2   1 
ATOM   1024 C CE1   . PHE A 1 126 ? -15.013 -6.616  -9.702  1.00 34.89 ? 126 PHE A CE1   1 
ATOM   1025 C CE2   . PHE A 1 126 ? -12.731 -5.912  -9.772  1.00 32.11 ? 126 PHE A CE2   1 
ATOM   1026 C CZ    . PHE A 1 126 ? -13.669 -6.910  -9.518  1.00 34.40 ? 126 PHE A CZ    1 
ATOM   1027 N N     . SER A 1 127 ? -17.282 -1.819  -12.827 1.00 34.98 ? 127 SER A N     1 
ATOM   1028 C CA    . SER A 1 127 ? -18.077 -0.596  -13.015 1.00 35.14 ? 127 SER A CA    1 
ATOM   1029 C C     . SER A 1 127 ? -18.103 0.204   -11.723 1.00 39.28 ? 127 SER A C     1 
ATOM   1030 O O     . SER A 1 127 ? -17.838 -0.348  -10.625 1.00 35.78 ? 127 SER A O     1 
ATOM   1031 C CB    . SER A 1 127 ? -19.530 -0.952  -13.344 1.00 34.48 ? 127 SER A CB    1 
ATOM   1032 O OG    . SER A 1 127 ? -20.194 -1.633  -12.260 1.00 35.17 ? 127 SER A OG    1 
ATOM   1033 N N     . ASN A 1 128 ? -18.502 1.473   -11.838 1.00 37.18 ? 128 ASN A N     1 
ATOM   1034 C CA    . ASN A 1 128 ? -18.709 2.313   -10.667 1.00 42.48 ? 128 ASN A CA    1 
ATOM   1035 C C     . ASN A 1 128 ? -19.730 1.697   -9.744  1.00 40.83 ? 128 ASN A C     1 
ATOM   1036 O O     . ASN A 1 128 ? -19.560 1.733   -8.520  1.00 40.01 ? 128 ASN A O     1 
ATOM   1037 C CB    . ASN A 1 128 ? -19.109 3.720   -11.051 1.00 42.05 ? 128 ASN A CB    1 
ATOM   1038 C CG    . ASN A 1 128 ? -19.318 4.605   -9.857  1.00 45.12 ? 128 ASN A CG    1 
ATOM   1039 O OD1   . ASN A 1 128 ? -18.388 4.963   -9.114  1.00 42.73 ? 128 ASN A OD1   1 
ATOM   1040 N ND2   . ASN A 1 128 ? -20.538 4.927   -9.625  1.00 39.68 ? 128 ASN A ND2   1 
ATOM   1041 N N     . ASP A 1 129 ? -20.775 1.073   -10.311 1.00 40.14 ? 129 ASP A N     1 
ATOM   1042 C CA    . ASP A 1 129 ? -21.729 0.358   -9.457  1.00 39.09 ? 129 ASP A CA    1 
ATOM   1043 C C     . ASP A 1 129 ? -21.166 -0.875  -8.684  1.00 34.20 ? 129 ASP A C     1 
ATOM   1044 O O     . ASP A 1 129 ? -21.591 -1.176  -7.536  1.00 37.69 ? 129 ASP A O     1 
ATOM   1045 C CB    . ASP A 1 129 ? -22.992 -0.093  -10.228 1.00 43.11 ? 129 ASP A CB    1 
ATOM   1046 C CG    . ASP A 1 129 ? -24.133 -0.310  -9.265  1.00 50.70 ? 129 ASP A CG    1 
ATOM   1047 O OD1   . ASP A 1 129 ? -24.509 -1.464  -9.005  1.00 54.94 ? 129 ASP A OD1   1 
ATOM   1048 O OD2   . ASP A 1 129 ? -24.513 0.699   -8.604  1.00 63.18 ? 129 ASP A OD2   1 
ATOM   1049 N N     . GLU A 1 130 ? -20.301 -1.671  -9.326  1.00 33.22 ? 130 GLU A N     1 
ATOM   1050 C CA    . GLU A 1 130 ? -19.676 -2.796  -8.636  1.00 33.91 ? 130 GLU A CA    1 
ATOM   1051 C C     . GLU A 1 130 ? -18.782 -2.305  -7.471  1.00 35.01 ? 130 GLU A C     1 
ATOM   1052 O O     . GLU A 1 130 ? -18.688 -2.936  -6.432  1.00 36.24 ? 130 GLU A O     1 
ATOM   1053 C CB    . GLU A 1 130 ? -18.859 -3.572  -9.643  1.00 40.60 ? 130 GLU A CB    1 
ATOM   1054 C CG    . GLU A 1 130 ? -19.746 -4.452  -10.569 1.00 45.59 ? 130 GLU A CG    1 
ATOM   1055 C CD    . GLU A 1 130 ? -18.981 -5.079  -11.733 1.00 41.71 ? 130 GLU A CD    1 
ATOM   1056 O OE1   . GLU A 1 130 ? -18.159 -4.399  -12.377 1.00 44.73 ? 130 GLU A OE1   1 
ATOM   1057 O OE2   . GLU A 1 130 ? -19.213 -6.252  -12.032 1.00 50.32 ? 130 GLU A OE2   1 
ATOM   1058 N N     . LEU A 1 131 ? -18.116 -1.180  -7.709  1.00 32.86 ? 131 LEU A N     1 
ATOM   1059 C CA    . LEU A 1 131 ? -17.184 -0.638  -6.765  1.00 31.63 ? 131 LEU A CA    1 
ATOM   1060 C C     . LEU A 1 131 ? -17.838 0.111   -5.620  1.00 36.34 ? 131 LEU A C     1 
ATOM   1061 O O     . LEU A 1 131 ? -17.379 0.030   -4.474  1.00 30.17 ? 131 LEU A O     1 
ATOM   1062 C CB    . LEU A 1 131 ? -16.254 0.281   -7.481  1.00 28.84 ? 131 LEU A CB    1 
ATOM   1063 C CG    . LEU A 1 131 ? -15.247 -0.412  -8.387  1.00 29.58 ? 131 LEU A CG    1 
ATOM   1064 C CD1   . LEU A 1 131 ? -14.796 0.593   -9.392  1.00 33.50 ? 131 LEU A CD1   1 
ATOM   1065 C CD2   . LEU A 1 131 ? -14.015 -0.871  -7.601  1.00 29.65 ? 131 LEU A CD2   1 
ATOM   1066 N N     . TYR A 1 132 ? -18.910 0.855   -5.911  1.00 34.69 ? 132 TYR A N     1 
ATOM   1067 C CA    . TYR A 1 132 ? -19.464 1.796   -4.944  1.00 35.09 ? 132 TYR A CA    1 
ATOM   1068 C C     . TYR A 1 132 ? -20.991 1.666   -4.692  1.00 38.68 ? 132 TYR A C     1 
ATOM   1069 O O     . TYR A 1 132 ? -21.469 2.279   -3.793  1.00 35.18 ? 132 TYR A O     1 
ATOM   1070 C CB    . TYR A 1 132 ? -19.095 3.233   -5.368  1.00 34.25 ? 132 TYR A CB    1 
ATOM   1071 C CG    . TYR A 1 132 ? -17.642 3.548   -4.993  1.00 30.13 ? 132 TYR A CG    1 
ATOM   1072 C CD1   . TYR A 1 132 ? -17.310 3.790   -3.660  1.00 31.55 ? 132 TYR A CD1   1 
ATOM   1073 C CD2   . TYR A 1 132 ? -16.636 3.572   -5.936  1.00 29.45 ? 132 TYR A CD2   1 
ATOM   1074 C CE1   . TYR A 1 132 ? -15.993 4.055   -3.257  1.00 28.97 ? 132 TYR A CE1   1 
ATOM   1075 C CE2   . TYR A 1 132 ? -15.307 3.873   -5.561  1.00 31.82 ? 132 TYR A CE2   1 
ATOM   1076 C CZ    . TYR A 1 132 ? -14.995 4.054   -4.214  1.00 29.85 ? 132 TYR A CZ    1 
ATOM   1077 O OH    . TYR A 1 132 ? -13.680 4.326   -3.884  1.00 28.75 ? 132 TYR A OH    1 
ATOM   1078 N N     . GLY A 1 133 ? -21.696 0.812   -5.426  1.00 40.73 ? 133 GLY A N     1 
ATOM   1079 C CA    . GLY A 1 133 ? -23.143 0.706   -5.304  1.00 41.62 ? 133 GLY A CA    1 
ATOM   1080 C C     . GLY A 1 133 ? -23.709 -0.391  -4.491  1.00 47.85 ? 133 GLY A C     1 
ATOM   1081 O O     . GLY A 1 133 ? -24.897 -0.553  -4.498  1.00 52.00 ? 133 GLY A O     1 
ATOM   1082 N N     . LYS A 1 134 ? -22.879 -1.143  -3.791  1.00 42.60 ? 134 LYS A N     1 
ATOM   1083 C CA    . LYS A 1 134 ? -23.296 -2.282  -3.014  1.00 42.61 ? 134 LYS A CA    1 
ATOM   1084 C C     . LYS A 1 134 ? -22.115 -2.722  -2.106  1.00 46.42 ? 134 LYS A C     1 
ATOM   1085 O O     . LYS A 1 134 ? -20.948 -2.475  -2.468  1.00 39.21 ? 134 LYS A O     1 
ATOM   1086 C CB    . LYS A 1 134 ? -23.655 -3.449  -3.924  1.00 49.28 ? 134 LYS A CB    1 
ATOM   1087 C CG    . LYS A 1 134 ? -22.538 -3.861  -4.846  1.00 56.47 ? 134 LYS A CG    1 
ATOM   1088 C CD    . LYS A 1 134 ? -22.971 -4.946  -5.818  1.00 57.64 ? 134 LYS A CD    1 
ATOM   1089 C CE    . LYS A 1 134 ? -22.219 -4.717  -7.103  1.00 64.22 ? 134 LYS A CE    1 
ATOM   1090 N NZ    . LYS A 1 134 ? -22.796 -5.405  -8.282  1.00 71.26 ? 134 LYS A NZ    1 
ATOM   1091 N N     . PRO A 1 135 ? -22.420 -3.419  -0.987  1.00 49.33 ? 135 PRO A N     1 
ATOM   1092 C CA    . PRO A 1 135 ? -21.385 -3.872  -0.030  1.00 45.81 ? 135 PRO A CA    1 
ATOM   1093 C C     . PRO A 1 135 ? -20.527 -4.979  -0.645  1.00 44.58 ? 135 PRO A C     1 
ATOM   1094 O O     . PRO A 1 135 ? -20.954 -5.631  -1.567  1.00 36.76 ? 135 PRO A O     1 
ATOM   1095 C CB    . PRO A 1 135 ? -22.212 -4.425  1.181   1.00 50.02 ? 135 PRO A CB    1 
ATOM   1096 C CG    . PRO A 1 135 ? -23.645 -4.028  0.921   1.00 56.19 ? 135 PRO A CG    1 
ATOM   1097 C CD    . PRO A 1 135 ? -23.760 -3.912  -0.586  1.00 51.30 ? 135 PRO A CD    1 
ATOM   1098 N N     . TRP A 1 136 ? -19.304 -5.159  -0.158  1.00 35.73 ? 136 TRP A N     1 
ATOM   1099 C CA    . TRP A 1 136 ? -18.419 -6.252  -0.631  1.00 33.28 ? 136 TRP A CA    1 
ATOM   1100 C C     . TRP A 1 136 ? -17.852 -7.030  0.576   1.00 32.42 ? 136 TRP A C     1 
ATOM   1101 O O     . TRP A 1 136 ? -17.942 -8.221  0.637   1.00 30.74 ? 136 TRP A O     1 
ATOM   1102 C CB    . TRP A 1 136 ? -17.318 -5.671  -1.524  1.00 30.65 ? 136 TRP A CB    1 
ATOM   1103 C CG    . TRP A 1 136 ? -16.402 -6.662  -2.093  1.00 30.24 ? 136 TRP A CG    1 
ATOM   1104 C CD1   . TRP A 1 136 ? -16.722 -7.689  -2.931  1.00 31.02 ? 136 TRP A CD1   1 
ATOM   1105 C CD2   . TRP A 1 136 ? -15.003 -6.826  -1.763  1.00 28.49 ? 136 TRP A CD2   1 
ATOM   1106 N NE1   . TRP A 1 136 ? -15.612 -8.420  -3.250  1.00 26.87 ? 136 TRP A NE1   1 
ATOM   1107 C CE2   . TRP A 1 136 ? -14.528 -7.923  -2.535  1.00 27.15 ? 136 TRP A CE2   1 
ATOM   1108 C CE3   . TRP A 1 136 ? -14.118 -6.122  -0.925  1.00 26.95 ? 136 TRP A CE3   1 
ATOM   1109 C CZ2   . TRP A 1 136 ? -13.216 -8.360  -2.499  1.00 25.04 ? 136 TRP A CZ2   1 
ATOM   1110 C CZ3   . TRP A 1 136 ? -12.749 -6.545  -0.885  1.00 26.90 ? 136 TRP A CZ3   1 
ATOM   1111 C CH2   . TRP A 1 136 ? -12.315 -7.652  -1.678  1.00 25.90 ? 136 TRP A CH2   1 
ATOM   1112 N N     . TYR A 1 137 ? -17.270 -6.320  1.539   1.00 34.09 ? 137 TYR A N     1 
ATOM   1113 C CA    . TYR A 1 137 ? -16.823 -6.914  2.776   1.00 32.52 ? 137 TYR A CA    1 
ATOM   1114 C C     . TYR A 1 137 ? -17.639 -6.288  3.926   1.00 30.41 ? 137 TYR A C     1 
ATOM   1115 O O     . TYR A 1 137 ? -17.475 -5.096  4.226   1.00 29.96 ? 137 TYR A O     1 
ATOM   1116 C CB    . TYR A 1 137 ? -15.335 -6.592  2.953   1.00 30.86 ? 137 TYR A CB    1 
ATOM   1117 C CG    . TYR A 1 137 ? -14.801 -7.134  4.242   1.00 30.93 ? 137 TYR A CG    1 
ATOM   1118 C CD1   . TYR A 1 137 ? -14.821 -8.516  4.491   1.00 32.83 ? 137 TYR A CD1   1 
ATOM   1119 C CD2   . TYR A 1 137 ? -14.318 -6.286  5.231   1.00 30.80 ? 137 TYR A CD2   1 
ATOM   1120 C CE1   . TYR A 1 137 ? -14.356 -9.029  5.662   1.00 31.23 ? 137 TYR A CE1   1 
ATOM   1121 C CE2   . TYR A 1 137 ? -13.842 -6.807  6.424   1.00 30.77 ? 137 TYR A CE2   1 
ATOM   1122 C CZ    . TYR A 1 137 ? -13.884 -8.150  6.625   1.00 29.54 ? 137 TYR A CZ    1 
ATOM   1123 O OH    . TYR A 1 137 ? -13.436 -8.653  7.756   1.00 30.89 ? 137 TYR A OH    1 
ATOM   1124 N N     . ASN A 1 138 ? -18.511 -7.079  4.544   1.00 41.77 ? 138 ASN A N     1 
ATOM   1125 C CA    . ASN A 1 138 ? -19.511 -6.559  5.490   1.00 42.44 ? 138 ASN A CA    1 
ATOM   1126 C C     . ASN A 1 138 ? -20.208 -5.317  4.903   1.00 40.29 ? 138 ASN A C     1 
ATOM   1127 O O     . ASN A 1 138 ? -20.711 -5.385  3.803   1.00 42.81 ? 138 ASN A O     1 
ATOM   1128 C CB    . ASN A 1 138 ? -18.858 -6.275  6.843   1.00 49.30 ? 138 ASN A CB    1 
ATOM   1129 C CG    . ASN A 1 138 ? -18.214 -7.510  7.430   1.00 48.95 ? 138 ASN A CG    1 
ATOM   1130 O OD1   . ASN A 1 138 ? -18.701 -8.622  7.253   1.00 51.41 ? 138 ASN A OD1   1 
ATOM   1131 N ND2   . ASN A 1 138 ? -17.106 -7.321  8.114   1.00 52.32 ? 138 ASN A ND2   1 
ATOM   1132 N N     . LYS A 1 139 ? -20.179 -4.176  5.575   1.00 40.17 ? 139 LYS A N     1 
ATOM   1133 C CA    . LYS A 1 139 ? -20.832 -2.980  4.997   1.00 48.73 ? 139 LYS A CA    1 
ATOM   1134 C C     . LYS A 1 139 ? -19.948 -2.204  3.982   1.00 49.02 ? 139 LYS A C     1 
ATOM   1135 O O     . LYS A 1 139 ? -20.413 -1.299  3.292   1.00 41.86 ? 139 LYS A O     1 
ATOM   1136 C CB    . LYS A 1 139 ? -21.364 -2.061  6.103   1.00 57.61 ? 139 LYS A CB    1 
ATOM   1137 C CG    . LYS A 1 139 ? -20.352 -1.656  7.174   1.00 69.03 ? 139 LYS A CG    1 
ATOM   1138 C CD    . LYS A 1 139 ? -20.714 -0.307  7.767   1.00 72.96 ? 139 LYS A CD    1 
ATOM   1139 C CE    . LYS A 1 139 ? -19.472 0.517   8.023   1.00 76.45 ? 139 LYS A CE    1 
ATOM   1140 N NZ    . LYS A 1 139 ? -19.791 1.821   8.669   1.00 80.77 ? 139 LYS A NZ    1 
ATOM   1141 N N     . TRP A 1 140 ? -18.668 -2.582  3.871   1.00 38.64 ? 140 TRP A N     1 
ATOM   1142 C CA    . TRP A 1 140 ? -17.715 -1.833  3.096   1.00 35.87 ? 140 TRP A CA    1 
ATOM   1143 C C     . TRP A 1 140 ? -17.809 -2.244  1.624   1.00 28.25 ? 140 TRP A C     1 
ATOM   1144 O O     . TRP A 1 140 ? -17.876 -3.435  1.294   1.00 33.66 ? 140 TRP A O     1 
ATOM   1145 C CB    . TRP A 1 140 ? -16.289 -2.117  3.646   1.00 35.67 ? 140 TRP A CB    1 
ATOM   1146 C CG    . TRP A 1 140 ? -16.158 -1.883  5.143   1.00 32.44 ? 140 TRP A CG    1 
ATOM   1147 C CD1   . TRP A 1 140 ? -16.174 -2.824  6.162   1.00 32.81 ? 140 TRP A CD1   1 
ATOM   1148 C CD2   . TRP A 1 140 ? -15.996 -0.632  5.737   1.00 33.13 ? 140 TRP A CD2   1 
ATOM   1149 N NE1   . TRP A 1 140 ? -16.035 -2.173  7.374   1.00 38.35 ? 140 TRP A NE1   1 
ATOM   1150 C CE2   . TRP A 1 140 ? -15.917 -0.830  7.129   1.00 36.70 ? 140 TRP A CE2   1 
ATOM   1151 C CE3   . TRP A 1 140 ? -15.932 0.677   5.224   1.00 35.94 ? 140 TRP A CE3   1 
ATOM   1152 C CZ2   . TRP A 1 140 ? -15.751 0.220   8.009   1.00 41.22 ? 140 TRP A CZ2   1 
ATOM   1153 C CZ3   . TRP A 1 140 ? -15.769 1.713   6.095   1.00 39.91 ? 140 TRP A CZ3   1 
ATOM   1154 C CH2   . TRP A 1 140 ? -15.678 1.481   7.478   1.00 41.22 ? 140 TRP A CH2   1 
ATOM   1155 N N     . THR A 1 141 ? -17.787 -1.247  0.781   1.00 30.94 ? 141 THR A N     1 
ATOM   1156 C CA    . THR A 1 141 ? -17.790 -1.420  -0.653  1.00 29.58 ? 141 THR A CA    1 
ATOM   1157 C C     . THR A 1 141 ? -16.417 -1.878  -1.093  1.00 28.65 ? 141 THR A C     1 
ATOM   1158 O O     . THR A 1 141 ? -15.430 -1.777  -0.357  1.00 27.34 ? 141 THR A O     1 
ATOM   1159 C CB    . THR A 1 141 ? -18.185 -0.175  -1.356  1.00 29.83 ? 141 THR A CB    1 
ATOM   1160 O OG1   . THR A 1 141 ? -17.182 0.839   -1.228  1.00 32.97 ? 141 THR A OG1   1 
ATOM   1161 C CG2   . THR A 1 141 ? -19.613 0.372   -0.797  1.00 33.50 ? 141 THR A CG2   1 
ATOM   1162 N N     . ARG A 1 142 ? -16.390 -2.459  -2.283  1.00 30.93 ? 142 ARG A N     1 
ATOM   1163 C CA    . ARG A 1 142 ? -15.147 -2.899  -2.868  1.00 26.49 ? 142 ARG A CA    1 
ATOM   1164 C C     . ARG A 1 142 ? -14.227 -1.707  -3.052  1.00 27.04 ? 142 ARG A C     1 
ATOM   1165 O O     . ARG A 1 142 ? -13.028 -1.772  -2.752  1.00 28.13 ? 142 ARG A O     1 
ATOM   1166 C CB    . ARG A 1 142 ? -15.485 -3.606  -4.200  1.00 28.13 ? 142 ARG A CB    1 
ATOM   1167 C CG    . ARG A 1 142 ? -14.295 -4.226  -4.914  1.00 27.98 ? 142 ARG A CG    1 
ATOM   1168 C CD    . ARG A 1 142 ? -14.661 -4.532  -6.339  1.00 29.70 ? 142 ARG A CD    1 
ATOM   1169 N NE    . ARG A 1 142 ? -15.670 -5.599  -6.415  1.00 28.43 ? 142 ARG A NE    1 
ATOM   1170 C CZ    . ARG A 1 142 ? -15.408 -6.893  -6.307  1.00 28.09 ? 142 ARG A CZ    1 
ATOM   1171 N NH1   . ARG A 1 142 ? -14.150 -7.374  -6.120  1.00 28.77 ? 142 ARG A NH1   1 
ATOM   1172 N NH2   . ARG A 1 142 ? -16.388 -7.758  -6.434  1.00 29.53 ? 142 ARG A NH2   1 
ATOM   1173 N N     . GLY A 1 143 ? -14.753 -0.609  -3.586  1.00 24.62 ? 143 GLY A N     1 
ATOM   1174 C CA    . GLY A 1 143 ? -13.979 0.631   -3.747  1.00 25.57 ? 143 GLY A CA    1 
ATOM   1175 C C     . GLY A 1 143 ? -13.317 1.163   -2.493  1.00 26.22 ? 143 GLY A C     1 
ATOM   1176 O O     . GLY A 1 143 ? -12.163 1.555   -2.524  1.00 25.15 ? 143 GLY A O     1 
ATOM   1177 N N     . ARG A 1 144 ? -14.083 1.186   -1.422  1.00 28.97 ? 144 ARG A N     1 
ATOM   1178 C CA    . ARG A 1 144 ? -13.567 1.616   -0.140  1.00 29.33 ? 144 ARG A CA    1 
ATOM   1179 C C     . ARG A 1 144 ? -12.488 0.682   0.336   1.00 26.52 ? 144 ARG A C     1 
ATOM   1180 O O     . ARG A 1 144 ? -11.462 1.159   0.811   1.00 26.35 ? 144 ARG A O     1 
ATOM   1181 C CB    . ARG A 1 144 ? -14.692 1.718   0.868   1.00 28.95 ? 144 ARG A CB    1 
ATOM   1182 C CG    . ARG A 1 144 ? -14.294 2.551   2.078   1.00 29.46 ? 144 ARG A CG    1 
ATOM   1183 C CD    . ARG A 1 144 ? -14.371 4.073   1.869   1.00 35.84 ? 144 ARG A CD    1 
ATOM   1184 N NE    . ARG A 1 144 ? -14.439 4.764   3.161   1.00 40.01 ? 144 ARG A NE    1 
ATOM   1185 C CZ    . ARG A 1 144 ? -13.436 5.357   3.755   1.00 42.68 ? 144 ARG A CZ    1 
ATOM   1186 N NH1   . ARG A 1 144 ? -12.269 5.412   3.144   1.00 58.27 ? 144 ARG A NH1   1 
ATOM   1187 N NH2   . ARG A 1 144 ? -13.585 5.942   4.962   1.00 37.35 ? 144 ARG A NH2   1 
ATOM   1188 N N     . MET A 1 145 ? -12.675 -0.629  0.202   1.00 24.01 ? 145 MET A N     1 
ATOM   1189 C CA    . MET A 1 145 ? -11.659 -1.582  0.637   1.00 24.74 ? 145 MET A CA    1 
ATOM   1190 C C     . MET A 1 145 ? -10.358 -1.457  -0.185  1.00 27.66 ? 145 MET A C     1 
ATOM   1191 O O     . MET A 1 145 ? -9.250  -1.628  0.356   1.00 26.55 ? 145 MET A O     1 
ATOM   1192 C CB    . MET A 1 145 ? -12.191 -3.006  0.634   1.00 26.15 ? 145 MET A CB    1 
ATOM   1193 C CG    . MET A 1 145 ? -13.260 -3.295  1.639   1.00 28.64 ? 145 MET A CG    1 
ATOM   1194 S SD    . MET A 1 145 ? -12.615 -3.256  3.359   1.00 30.30 ? 145 MET A SD    1 
ATOM   1195 C CE    . MET A 1 145 ? -11.670 -4.754  3.377   1.00 35.38 ? 145 MET A CE    1 
ATOM   1196 N N     . ILE A 1 146 ? -10.484 -1.157  -1.467  1.00 26.65 ? 146 ILE A N     1 
ATOM   1197 C CA    . ILE A 1 146 ? -9.310  -0.857  -2.303  1.00 25.37 ? 146 ILE A CA    1 
ATOM   1198 C C     . ILE A 1 146 ? -8.620  0.439   -1.876  1.00 25.49 ? 146 ILE A C     1 
ATOM   1199 O O     . ILE A 1 146 ? -7.383  0.532   -1.677  1.00 25.19 ? 146 ILE A O     1 
ATOM   1200 C CB    . ILE A 1 146 ? -9.615  -0.868  -3.829  1.00 23.43 ? 146 ILE A CB    1 
ATOM   1201 C CG1   . ILE A 1 146 ? -10.096 -2.253  -4.233  1.00 25.98 ? 146 ILE A CG1   1 
ATOM   1202 C CG2   . ILE A 1 146 ? -8.371  -0.431  -4.562  1.00 26.56 ? 146 ILE A CG2   1 
ATOM   1203 C CD1   . ILE A 1 146 ? -10.699 -2.287  -5.645  1.00 26.07 ? 146 ILE A CD1   1 
ATOM   1204 N N     . GLN A 1 147 ? -9.441  1.427   -1.584  1.00 25.04 ? 147 GLN A N     1 
ATOM   1205 C CA    . GLN A 1 147 ? -8.909  2.703   -1.209  1.00 26.15 ? 147 GLN A CA    1 
ATOM   1206 C C     . GLN A 1 147 ? -8.095  2.651   0.061   1.00 20.98 ? 147 GLN A C     1 
ATOM   1207 O O     . GLN A 1 147 ? -7.010  3.285   0.157   1.00 26.34 ? 147 GLN A O     1 
ATOM   1208 C CB    . GLN A 1 147 ? -10.081 3.666   -0.953  1.00 26.43 ? 147 GLN A CB    1 
ATOM   1209 C CG    . GLN A 1 147 ? -9.601  5.041   -0.716  1.00 30.74 ? 147 GLN A CG    1 
ATOM   1210 C CD    . GLN A 1 147 ? -10.324 5.652   0.398   1.00 38.45 ? 147 GLN A CD    1 
ATOM   1211 O OE1   . GLN A 1 147 ? -11.549 5.532   0.525   1.00 35.68 ? 147 GLN A OE1   1 
ATOM   1212 N NE2   . GLN A 1 147 ? -9.555  6.312   1.274   1.00 48.69 ? 147 GLN A NE2   1 
ATOM   1213 N N     . PHE A 1 148 ? -8.654  1.995   1.030   1.00 24.05 ? 148 PHE A N     1 
ATOM   1214 C CA    . PHE A 1 148 ? -8.032  1.855   2.352   1.00 23.56 ? 148 PHE A CA    1 
ATOM   1215 C C     . PHE A 1 148 ? -6.587  1.301   2.254   1.00 25.67 ? 148 PHE A C     1 
ATOM   1216 O O     . PHE A 1 148 ? -5.722  1.570   3.139   1.00 27.91 ? 148 PHE A O     1 
ATOM   1217 C CB    . PHE A 1 148 ? -8.796  0.860   3.167   1.00 24.97 ? 148 PHE A CB    1 
ATOM   1218 C CG    . PHE A 1 148 ? -10.017 1.376   3.831   1.00 28.86 ? 148 PHE A CG    1 
ATOM   1219 C CD1   . PHE A 1 148 ? -10.074 2.671   4.284   1.00 32.24 ? 148 PHE A CD1   1 
ATOM   1220 C CD2   . PHE A 1 148 ? -11.052 0.511   4.128   1.00 27.50 ? 148 PHE A CD2   1 
ATOM   1221 C CE1   . PHE A 1 148 ? -11.213 3.116   4.968   1.00 34.07 ? 148 PHE A CE1   1 
ATOM   1222 C CE2   . PHE A 1 148 ? -12.205 0.935   4.803   1.00 29.76 ? 148 PHE A CE2   1 
ATOM   1223 C CZ    . PHE A 1 148 ? -12.265 2.256   5.243   1.00 29.63 ? 148 PHE A CZ    1 
ATOM   1224 N N     . ASN A 1 149 ? -6.322  0.534   1.205   1.00 25.49 ? 149 ASN A N     1 
ATOM   1225 C CA    . ASN A 1 149 ? -5.021  -0.157  1.043   1.00 25.39 ? 149 ASN A CA    1 
ATOM   1226 C C     . ASN A 1 149 ? -4.165  0.223   -0.129  1.00 28.94 ? 149 ASN A C     1 
ATOM   1227 O O     . ASN A 1 149 ? -3.182  -0.448  -0.401  1.00 29.88 ? 149 ASN A O     1 
ATOM   1228 C CB    . ASN A 1 149 ? -5.350  -1.608  1.080   1.00 26.42 ? 149 ASN A CB    1 
ATOM   1229 C CG    . ASN A 1 149 ? -5.961  -1.998  2.386   1.00 32.81 ? 149 ASN A CG    1 
ATOM   1230 O OD1   . ASN A 1 149 ? -5.366  -1.751  3.486   1.00 30.34 ? 149 ASN A OD1   1 
ATOM   1231 N ND2   . ASN A 1 149 ? -7.207  -2.511  2.335   1.00 30.28 ? 149 ASN A ND2   1 
ATOM   1232 N N     . THR A 1 150 ? -4.519  1.326   -0.795  1.00 28.65 ? 150 THR A N     1 
ATOM   1233 C CA    . THR A 1 150 ? -3.790  1.945   -1.864  1.00 29.47 ? 150 THR A CA    1 
ATOM   1234 C C     . THR A 1 150 ? -3.593  3.442   -1.621  1.00 30.90 ? 150 THR A C     1 
ATOM   1235 O O     . THR A 1 150 ? -2.573  3.911   -1.099  1.00 30.03 ? 150 THR A O     1 
ATOM   1236 C CB    . THR A 1 150 ? -4.517  1.670   -3.247  1.00 32.55 ? 150 THR A CB    1 
ATOM   1237 O OG1   . THR A 1 150 ? -5.895  2.112   -3.234  1.00 29.69 ? 150 THR A OG1   1 
ATOM   1238 C CG2   . THR A 1 150 ? -4.467  0.171   -3.488  1.00 32.58 ? 150 THR A CG2   1 
ATOM   1239 N N     . ALA A 1 151 ? -4.585  4.241   -2.006  1.00 30.07 ? 151 ALA A N     1 
ATOM   1240 C CA    . ALA A 1 151 ? -4.505  5.634   -1.858  1.00 29.35 ? 151 ALA A CA    1 
ATOM   1241 C C     . ALA A 1 151 ? -4.186  6.018   -0.390  1.00 28.75 ? 151 ALA A C     1 
ATOM   1242 O O     . ALA A 1 151 ? -3.367  6.984   -0.189  1.00 27.25 ? 151 ALA A O     1 
ATOM   1243 C CB    . ALA A 1 151 ? -5.835  6.264   -2.295  1.00 30.79 ? 151 ALA A CB    1 
ATOM   1244 N N     . SER A 1 152 ? -4.800  5.361   0.599   1.00 26.29 ? 152 SER A N     1 
ATOM   1245 C CA    . SER A 1 152 ? -4.567  5.830   1.996   1.00 28.22 ? 152 SER A CA    1 
ATOM   1246 C C     . SER A 1 152 ? -3.126  5.555   2.445   1.00 28.15 ? 152 SER A C     1 
ATOM   1247 O O     . SER A 1 152 ? -2.466  6.431   2.994   1.00 28.81 ? 152 SER A O     1 
ATOM   1248 C CB    . SER A 1 152 ? -5.463  5.181   3.019   1.00 32.02 ? 152 SER A CB    1 
ATOM   1249 O OG    . SER A 1 152 ? -6.829  5.454   2.822   1.00 32.34 ? 152 SER A OG    1 
ATOM   1250 N N     . PRO A 1 153 ? -2.629  4.311   2.228   1.00 26.45 ? 153 PRO A N     1 
ATOM   1251 C CA    . PRO A 1 153 ? -1.214  4.121   2.646   1.00 24.54 ? 153 PRO A CA    1 
ATOM   1252 C C     . PRO A 1 153 ? -0.221  4.929   1.823   1.00 26.58 ? 153 PRO A C     1 
ATOM   1253 O O     . PRO A 1 153 ? 0.828   5.288   2.368   1.00 27.52 ? 153 PRO A O     1 
ATOM   1254 C CB    . PRO A 1 153 ? -1.006  2.591   2.560   1.00 24.82 ? 153 PRO A CB    1 
ATOM   1255 C CG    . PRO A 1 153 ? -2.084  2.110   1.679   1.00 26.64 ? 153 PRO A CG    1 
ATOM   1256 C CD    . PRO A 1 153 ? -3.288  3.008   2.082   1.00 23.51 ? 153 PRO A CD    1 
ATOM   1257 N N     . TYR A 1 154 ? -0.497  5.247   0.555   1.00 26.56 ? 154 TYR A N     1 
ATOM   1258 C CA    . TYR A 1 154 ? 0.386   6.126   -0.225  1.00 27.04 ? 154 TYR A CA    1 
ATOM   1259 C C     . TYR A 1 154 ? 0.539   7.509   0.394   1.00 29.81 ? 154 TYR A C     1 
ATOM   1260 O O     . TYR A 1 154 ? 1.635   8.036   0.539   1.00 29.19 ? 154 TYR A O     1 
ATOM   1261 C CB    . TYR A 1 154 ? -0.150  6.327   -1.631  1.00 26.49 ? 154 TYR A CB    1 
ATOM   1262 C CG    . TYR A 1 154 ? -0.188  5.092   -2.543  1.00 28.73 ? 154 TYR A CG    1 
ATOM   1263 C CD1   . TYR A 1 154 ? 0.503   3.893   -2.237  1.00 26.90 ? 154 TYR A CD1   1 
ATOM   1264 C CD2   . TYR A 1 154 ? -0.876  5.140   -3.724  1.00 28.00 ? 154 TYR A CD2   1 
ATOM   1265 C CE1   . TYR A 1 154 ? 0.419   2.785   -3.066  1.00 28.29 ? 154 TYR A CE1   1 
ATOM   1266 C CE2   . TYR A 1 154 ? -0.945  4.039   -4.557  1.00 29.35 ? 154 TYR A CE2   1 
ATOM   1267 C CZ    . TYR A 1 154 ? -0.244  2.873   -4.247  1.00 30.01 ? 154 TYR A CZ    1 
ATOM   1268 O OH    . TYR A 1 154 ? -0.317  1.763   -5.060  1.00 32.68 ? 154 TYR A OH    1 
ATOM   1269 N N     . LYS A 1 155 ? -0.584  8.085   0.789   1.00 30.69 ? 155 LYS A N     1 
ATOM   1270 C CA    . LYS A 1 155 ? -0.563  9.353   1.476   1.00 28.40 ? 155 LYS A CA    1 
ATOM   1271 C C     . LYS A 1 155 ? 0.126   9.247   2.851   1.00 31.23 ? 155 LYS A C     1 
ATOM   1272 O O     . LYS A 1 155 ? 0.896   10.136  3.224   1.00 35.23 ? 155 LYS A O     1 
ATOM   1273 C CB    . LYS A 1 155 ? -1.992  9.915   1.587   1.00 32.45 ? 155 LYS A CB    1 
ATOM   1274 C CG    . LYS A 1 155 ? -2.029  11.299  2.238   1.00 37.46 ? 155 LYS A CG    1 
ATOM   1275 C CD    . LYS A 1 155 ? -3.455  11.748  2.444   1.00 44.34 ? 155 LYS A CD    1 
ATOM   1276 C CE    . LYS A 1 155 ? -3.446  13.011  3.284   1.00 48.72 ? 155 LYS A CE    1 
ATOM   1277 N NZ    . LYS A 1 155 ? -4.602  13.829  2.867   1.00 56.51 ? 155 LYS A NZ    1 
ATOM   1278 N N     . ASN A 1 156 ? -0.197  8.232   3.647   1.00 28.47 ? 156 ASN A N     1 
ATOM   1279 C CA    . ASN A 1 156 ? 0.453   8.045   4.929   1.00 28.37 ? 156 ASN A CA    1 
ATOM   1280 C C     . ASN A 1 156 ? 1.951   7.926   4.767   1.00 28.16 ? 156 ASN A C     1 
ATOM   1281 O O     . ASN A 1 156 ? 2.684   8.471   5.592   1.00 28.84 ? 156 ASN A O     1 
ATOM   1282 C CB    . ASN A 1 156 ? -0.093  6.802   5.600   1.00 30.85 ? 156 ASN A CB    1 
ATOM   1283 C CG    . ASN A 1 156 ? 0.541   6.540   6.938   1.00 35.98 ? 156 ASN A CG    1 
ATOM   1284 O OD1   . ASN A 1 156 ? 1.593   5.924   7.022   1.00 42.37 ? 156 ASN A OD1   1 
ATOM   1285 N ND2   . ASN A 1 156 ? -0.112  6.986   7.990   1.00 34.87 ? 156 ASN A ND2   1 
ATOM   1286 N N     . ALA A 1 157 ? 2.408   7.152   3.777   1.00 26.85 ? 157 ALA A N     1 
ATOM   1287 C CA    . ALA A 1 157 ? 3.846   6.956   3.526   1.00 27.28 ? 157 ALA A CA    1 
ATOM   1288 C C     . ALA A 1 157 ? 4.501   8.306   3.122   1.00 32.58 ? 157 ALA A C     1 
ATOM   1289 O O     . ALA A 1 157 ? 5.607   8.666   3.572   1.00 29.75 ? 157 ALA A O     1 
ATOM   1290 C CB    . ALA A 1 157 ? 4.053   5.915   2.404   1.00 27.75 ? 157 ALA A CB    1 
ATOM   1291 N N     . SER A 1 158 ? 3.819   9.079   2.266   1.00 30.73 ? 158 SER A N     1 
ATOM   1292 C CA    . SER A 1 158 ? 4.331   10.438  1.906   1.00 33.43 ? 158 SER A CA    1 
ATOM   1293 C C     . SER A 1 158 ? 4.565   11.327  3.131   1.00 34.09 ? 158 SER A C     1 
ATOM   1294 O O     . SER A 1 158 ? 5.606   12.004  3.213   1.00 37.79 ? 158 SER A O     1 
ATOM   1295 C CB    . SER A 1 158 ? 3.340   11.195  0.949   1.00 36.99 ? 158 SER A CB    1 
ATOM   1296 O OG    . SER A 1 158 ? 3.537   10.742  -0.344  1.00 43.10 ? 158 SER A OG    1 
ATOM   1297 N N     . GLY A 1 159 ? 3.610   11.337  4.054   1.00 36.28 ? 159 GLY A N     1 
ATOM   1298 C CA    . GLY A 1 159 ? 3.755   12.030  5.324   1.00 38.82 ? 159 GLY A CA    1 
ATOM   1299 C C     . GLY A 1 159 ? 4.934   11.573  6.136   1.00 43.85 ? 159 GLY A C     1 
ATOM   1300 O O     . GLY A 1 159 ? 5.679   12.390  6.682   1.00 38.01 ? 159 GLY A O     1 
ATOM   1301 N N     . ARG A 1 160 ? 5.143   10.250  6.217   1.00 35.26 ? 160 ARG A N     1 
ATOM   1302 C CA    . ARG A 1 160 ? 6.319   9.724   6.889   1.00 33.07 ? 160 ARG A CA    1 
ATOM   1303 C C     . ARG A 1 160 ? 7.589   10.110  6.256   1.00 32.02 ? 160 ARG A C     1 
ATOM   1304 O O     . ARG A 1 160 ? 8.579   10.366  6.988   1.00 39.43 ? 160 ARG A O     1 
ATOM   1305 C CB    . ARG A 1 160 ? 6.248   8.193   7.008   1.00 36.96 ? 160 ARG A CB    1 
ATOM   1306 C CG    . ARG A 1 160 ? 5.083   7.729   7.844   1.00 36.42 ? 160 ARG A CG    1 
ATOM   1307 C CD    . ARG A 1 160 ? 4.950   6.203   7.759   1.00 42.16 ? 160 ARG A CD    1 
ATOM   1308 N NE    . ARG A 1 160 ? 3.929   5.615   8.612   1.00 41.93 ? 160 ARG A NE    1 
ATOM   1309 C CZ    . ARG A 1 160 ? 4.131   5.048   9.817   1.00 42.97 ? 160 ARG A CZ    1 
ATOM   1310 N NH1   . ARG A 1 160 ? 5.321   5.046   10.372  1.00 43.87 ? 160 ARG A NH1   1 
ATOM   1311 N NH2   . ARG A 1 160 ? 3.109   4.529   10.504  1.00 39.64 ? 160 ARG A NH2   1 
ATOM   1312 N N     . LEU A 1 161 ? 7.634   10.163  4.916   1.00 31.48 ? 161 LEU A N     1 
ATOM   1313 C CA    . LEU A 1 161 ? 8.823   10.563  4.183   1.00 32.86 ? 161 LEU A CA    1 
ATOM   1314 C C     . LEU A 1 161 ? 9.137   12.077  4.342   1.00 43.74 ? 161 LEU A C     1 
ATOM   1315 O O     . LEU A 1 161 ? 10.325  12.494  4.379   1.00 40.51 ? 161 LEU A O     1 
ATOM   1316 C CB    . LEU A 1 161 ? 8.716   10.222  2.710   1.00 39.46 ? 161 LEU A CB    1 
ATOM   1317 C CG    . LEU A 1 161 ? 8.786   8.711   2.405   1.00 37.79 ? 161 LEU A CG    1 
ATOM   1318 C CD1   . LEU A 1 161 ? 8.417   8.471   0.939   1.00 38.35 ? 161 LEU A CD1   1 
ATOM   1319 C CD2   . LEU A 1 161 ? 10.120  8.028   2.734   1.00 36.71 ? 161 LEU A CD2   1 
ATOM   1320 N N     . ASN A 1 162 ? 8.071   12.878  4.377   1.00 42.07 ? 162 ASN A N     1 
ATOM   1321 C CA    . ASN A 1 162 ? 8.150   14.291  4.695   1.00 47.15 ? 162 ASN A CA    1 
ATOM   1322 C C     . ASN A 1 162 ? 8.848   14.578  6.015   1.00 49.43 ? 162 ASN A C     1 
ATOM   1323 O O     . ASN A 1 162 ? 9.754   15.406  6.087   1.00 47.57 ? 162 ASN A O     1 
ATOM   1324 C CB    . ASN A 1 162 ? 6.747   14.845  4.798   1.00 49.89 ? 162 ASN A CB    1 
ATOM   1325 C CG    . ASN A 1 162 ? 6.648   16.135  4.154   1.00 58.38 ? 162 ASN A CG    1 
ATOM   1326 O OD1   . ASN A 1 162 ? 7.071   16.294  3.008   1.00 65.35 ? 162 ASN A OD1   1 
ATOM   1327 N ND2   . ASN A 1 162 ? 6.127   17.092  4.869   1.00 60.01 ? 162 ASN A ND2   1 
ATOM   1328 N N     . LYS A 1 163 ? 8.428   13.899  7.060   1.00 45.54 ? 163 LYS A N     1 
ATOM   1329 C CA    . LYS A 1 163 ? 9.141   14.023  8.307   1.00 51.05 ? 163 LYS A CA    1 
ATOM   1330 C C     . LYS A 1 163 ? 10.632  13.646  8.198   1.00 56.59 ? 163 LYS A C     1 
ATOM   1331 O O     . LYS A 1 163 ? 11.521  14.321  8.725   1.00 57.76 ? 163 LYS A O     1 
ATOM   1332 C CB    . LYS A 1 163 ? 8.460   13.172  9.319   1.00 57.61 ? 163 LYS A CB    1 
ATOM   1333 C CG    . LYS A 1 163 ? 9.085   13.270  10.691  1.00 64.05 ? 163 LYS A CG    1 
ATOM   1334 C CD    . LYS A 1 163 ? 8.331   12.354  11.638  1.00 64.92 ? 163 LYS A CD    1 
ATOM   1335 C CE    . LYS A 1 163 ? 6.830   12.599  11.560  1.00 66.37 ? 163 LYS A CE    1 
ATOM   1336 N NZ    . LYS A 1 163 ? 6.200   12.341  12.884  1.00 72.44 ? 163 LYS A NZ    1 
ATOM   1337 N N     . LEU A 1 164 ? 10.922  12.566  7.494   1.00 54.64 ? 164 LEU A N     1 
ATOM   1338 C CA    . LEU A 1 164 ? 12.308  12.160  7.333   1.00 49.28 ? 164 LEU A CA    1 
ATOM   1339 C C     . LEU A 1 164 ? 13.151  13.232  6.615   1.00 51.81 ? 164 LEU A C     1 
ATOM   1340 O O     . LEU A 1 164 ? 14.269  13.507  7.036   1.00 50.90 ? 164 LEU A O     1 
ATOM   1341 C CB    . LEU A 1 164 ? 12.402  10.837  6.569   1.00 48.89 ? 164 LEU A CB    1 
ATOM   1342 C CG    . LEU A 1 164 ? 13.824  10.365  6.187   1.00 47.03 ? 164 LEU A CG    1 
ATOM   1343 C CD1   . LEU A 1 164 ? 14.589  10.006  7.454   1.00 51.63 ? 164 LEU A CD1   1 
ATOM   1344 C CD2   . LEU A 1 164 ? 13.741  9.166   5.235   1.00 52.65 ? 164 LEU A CD2   1 
ATOM   1345 N N     . GLN A 1 165 ? 12.621  13.767  5.513   1.00 47.62 ? 165 GLN A N     1 
ATOM   1346 C CA    . GLN A 1 165 ? 13.283  14.766  4.662   1.00 58.52 ? 165 GLN A CA    1 
ATOM   1347 C C     . GLN A 1 165 ? 13.578  16.099  5.387   1.00 60.97 ? 165 GLN A C     1 
ATOM   1348 O O     . GLN A 1 165 ? 14.556  16.787  5.028   1.00 55.87 ? 165 GLN A O     1 
ATOM   1349 C CB    . GLN A 1 165 ? 12.473  14.983  3.374   1.00 58.97 ? 165 GLN A CB    1 
ATOM   1350 C CG    . GLN A 1 165 ? 12.676  13.878  2.326   1.00 63.25 ? 165 GLN A CG    1 
ATOM   1351 C CD    . GLN A 1 165 ? 11.611  13.856  1.224   1.00 67.83 ? 165 GLN A CD    1 
ATOM   1352 O OE1   . GLN A 1 165 ? 10.498  14.409  1.367   1.00 61.51 ? 165 GLN A OE1   1 
ATOM   1353 N NE2   . GLN A 1 165 ? 11.940  13.195  0.124   1.00 69.62 ? 165 GLN A NE2   1 
ATOM   1354 N N     . LYS A 1 166 ? 12.771  16.421  6.414   1.00 62.80 ? 166 LYS A N     1 
ATOM   1355 C CA    . LYS A 1 166 ? 13.076  17.499  7.376   1.00 64.21 ? 166 LYS A CA    1 
ATOM   1356 C C     . LYS A 1 166 ? 14.376  17.275  8.091   1.00 68.12 ? 166 LYS A C     1 
ATOM   1357 O O     . LYS A 1 166 ? 15.248  18.148  8.068   1.00 71.83 ? 166 LYS A O     1 
ATOM   1358 C CB    . LYS A 1 166 ? 12.033  17.582  8.471   1.00 67.23 ? 166 LYS A CB    1 
ATOM   1359 C CG    . LYS A 1 166 ? 10.725  18.156  8.034   1.00 68.49 ? 166 LYS A CG    1 
ATOM   1360 C CD    . LYS A 1 166 ? 9.815   18.236  9.264   1.00 77.51 ? 166 LYS A CD    1 
ATOM   1361 C CE    . LYS A 1 166 ? 8.354   18.071  8.890   1.00 75.71 ? 166 LYS A CE    1 
ATOM   1362 N NZ    . LYS A 1 166 ? 8.053   18.848  7.662   1.00 69.59 ? 166 LYS A NZ    1 
ATOM   1363 N N     . CYS A 1 167 ? 14.492  16.113  8.744   1.00 68.70 ? 167 CYS A N     1 
ATOM   1364 C CA    . CYS A 1 167 ? 15.720  15.711  9.424   1.00 68.15 ? 167 CYS A CA    1 
ATOM   1365 C C     . CYS A 1 167 ? 16.933  15.741  8.543   1.00 72.44 ? 167 CYS A C     1 
ATOM   1366 O O     . CYS A 1 167 ? 17.931  16.356  8.902   1.00 79.04 ? 167 CYS A O     1 
ATOM   1367 C CB    . CYS A 1 167 ? 15.606  14.304  9.957   1.00 73.36 ? 167 CYS A CB    1 
ATOM   1368 S SG    . CYS A 1 167 ? 14.482  14.258  11.344  1.00 88.20 ? 167 CYS A SG    1 
ATOM   1369 N N     . LEU A 1 168 ? 16.852  15.075  7.395   1.00 65.91 ? 168 LEU A N     1 
ATOM   1370 C CA    . LEU A 1 168 ? 17.964  15.082  6.434   1.00 71.24 ? 168 LEU A CA    1 
ATOM   1371 C C     . LEU A 1 168 ? 18.335  16.505  5.892   1.00 78.07 ? 168 LEU A C     1 
ATOM   1372 O O     . LEU A 1 168 ? 19.319  16.627  5.167   1.00 77.72 ? 168 LEU A O     1 
ATOM   1373 C CB    . LEU A 1 168 ? 17.712  14.100  5.269   1.00 63.31 ? 168 LEU A CB    1 
ATOM   1374 C CG    . LEU A 1 168 ? 17.337  12.636  5.615   1.00 66.27 ? 168 LEU A CG    1 
ATOM   1375 C CD1   . LEU A 1 168 ? 17.118  11.818  4.355   1.00 62.05 ? 168 LEU A CD1   1 
ATOM   1376 C CD2   . LEU A 1 168 ? 18.319  11.896  6.529   1.00 62.47 ? 168 LEU A CD2   1 
ATOM   1377 N N     . ALA A 1 169 ? 17.549  17.548  6.208   1.00 81.11 ? 169 ALA A N     1 
ATOM   1378 C CA    . ALA A 1 169 ? 18.010  18.962  6.145   1.00 83.70 ? 169 ALA A CA    1 
ATOM   1379 C C     . ALA A 1 169 ? 17.909  19.660  7.538   1.00 87.49 ? 169 ALA A C     1 
ATOM   1380 O O     . ALA A 1 169 ? 16.956  20.399  7.818   1.00 86.36 ? 169 ALA A O     1 
ATOM   1381 C CB    . ALA A 1 169 ? 17.230  19.736  5.092   1.00 79.43 ? 169 ALA A CB    1 
ATOM   1382 N N     . GLU A 1 170 ? 18.893  19.390  8.402   1.00 93.59 ? 170 GLU A N     1 
ATOM   1383 C CA    . GLU A 1 170 ? 18.993  19.969  9.760   1.00 88.82 ? 170 GLU A CA    1 
ATOM   1384 C C     . GLU A 1 170 ? 20.466  20.144  10.123  1.00 83.38 ? 170 GLU A C     1 
ATOM   1385 O O     . GLU A 1 170 ? 20.794  20.875  11.053  1.00 72.43 ? 170 GLU A O     1 
ATOM   1386 C CB    . GLU A 1 170 ? 18.302  19.085  10.823  1.00 81.02 ? 170 GLU A CB    1 
ATOM   1387 C CG    . GLU A 1 170 ? 16.801  19.331  11.014  1.00 79.36 ? 170 GLU A CG    1 
ATOM   1388 C CD    . GLU A 1 170 ? 16.256  18.733  12.322  1.00 81.11 ? 170 GLU A CD    1 
ATOM   1389 O OE1   . GLU A 1 170 ? 15.350  17.856  12.295  1.00 66.50 ? 170 GLU A OE1   1 
ATOM   1390 O OE2   . GLU A 1 170 ? 16.744  19.137  13.403  1.00 80.10 ? 170 GLU A OE2   1 
HETATM 1391 C "C3'" . NHE B 2 .   ? -8.133  0.893   7.200   1.00 48.76 ? 201 NHE A "C3'" 1 
HETATM 1392 C "C2'" . NHE B 2 .   ? -6.717  1.491   7.268   1.00 48.55 ? 201 NHE A "C2'" 1 
HETATM 1393 C "C1'" . NHE B 2 .   ? -5.569  0.689   6.613   1.00 44.44 ? 201 NHE A "C1'" 1 
HETATM 1394 C "C6'" . NHE B 2 .   ? -5.761  -0.821  6.394   1.00 50.03 ? 201 NHE A "C6'" 1 
HETATM 1395 N N     . NHE B 2 .   ? -4.363  1.376   6.051   1.00 47.02 ? 201 NHE A N     1 
HETATM 1396 C C1    . NHE B 2 .   ? -4.280  2.842   6.024   1.00 45.12 ? 201 NHE A C1    1 
HETATM 1397 C C2    . NHE B 2 .   ? -2.996  3.627   5.642   1.00 43.95 ? 201 NHE A C2    1 
HETATM 1398 S S     . NHE B 2 .   ? -1.630  3.087   6.444   1.00 50.99 ? 201 NHE A S     1 
HETATM 1399 O O1    . NHE B 2 .   ? -0.343  3.316   5.845   1.00 40.33 ? 201 NHE A O1    1 
HETATM 1400 O O2    . NHE B 2 .   ? -1.780  3.710   7.920   1.00 59.48 ? 201 NHE A O2    1 
HETATM 1401 O O3    . NHE B 2 .   ? -1.733  1.600   6.541   1.00 55.77 ? 201 NHE A O3    1 
HETATM 1402 C "C5'" . NHE B 2 .   ? -7.182  -1.335  6.286   1.00 46.71 ? 201 NHE A "C5'" 1 
HETATM 1403 C "C4'" . NHE B 2 .   ? -8.149  -0.634  7.251   1.00 47.03 ? 201 NHE A "C4'" 1 
HETATM 1404 C "C3'" . NHE C 2 .   ? -11.768 -1.001  8.407   1.00 52.38 ? 202 NHE A "C3'" 1 
HETATM 1405 C "C2'" . NHE C 2 .   ? -12.145 -1.759  9.695   1.00 53.39 ? 202 NHE A "C2'" 1 
HETATM 1406 C "C1'" . NHE C 2 .   ? -12.356 -3.253  9.624   1.00 50.10 ? 202 NHE A "C1'" 1 
HETATM 1407 C "C6'" . NHE C 2 .   ? -12.517 -3.886  8.277   1.00 50.94 ? 202 NHE A "C6'" 1 
HETATM 1408 N N     . NHE C 2 .   ? -12.583 -4.196  10.650  1.00 54.95 ? 202 NHE A N     1 
HETATM 1409 C C1    . NHE C 2 .   ? -12.161 -3.753  11.985  1.00 60.37 ? 202 NHE A C1    1 
HETATM 1410 C C2    . NHE C 2 .   ? -11.942 -4.846  13.046  1.00 66.61 ? 202 NHE A C2    1 
HETATM 1411 S S     . NHE C 2 .   ? -11.209 -4.277  14.470  1.00 80.69 ? 202 NHE A S     1 
HETATM 1412 O O1    . NHE C 2 .   ? -9.640  -3.776  14.366  1.00 58.72 ? 202 NHE A O1    1 
HETATM 1413 O O2    . NHE C 2 .   ? -11.914 -3.072  14.842  1.00 89.43 ? 202 NHE A O2    1 
HETATM 1414 O O3    . NHE C 2 .   ? -11.298 -5.345  15.472  1.00 68.29 ? 202 NHE A O3    1 
HETATM 1415 C "C5'" . NHE C 2 .   ? -11.714 -3.170  7.203   1.00 49.81 ? 202 NHE A "C5'" 1 
HETATM 1416 C "C4'" . NHE C 2 .   ? -12.074 -1.717  7.118   1.00 48.22 ? 202 NHE A "C4'" 1 
HETATM 1417 O O     . HOH D 3 .   ? -16.856 6.133   -0.426  1.00 39.80 ? 301 HOH A O     1 
HETATM 1418 O O     . HOH D 3 .   ? 5.502   -9.598  15.811  1.00 32.24 ? 302 HOH A O     1 
HETATM 1419 O O     . HOH D 3 .   ? -18.687 -3.155  -3.886  1.00 28.78 ? 303 HOH A O     1 
HETATM 1420 O O     . HOH D 3 .   ? 0.611   -0.378  -3.973  1.00 32.84 ? 304 HOH A O     1 
HETATM 1421 O O     . HOH D 3 .   ? 3.457   -9.937  0.423   1.00 31.05 ? 305 HOH A O     1 
HETATM 1422 O O     . HOH D 3 .   ? -3.264  -0.374  4.143   1.00 34.29 ? 306 HOH A O     1 
HETATM 1423 O O     . HOH D 3 .   ? 16.017  4.097   5.379   1.00 27.17 ? 307 HOH A O     1 
HETATM 1424 O O     . HOH D 3 .   ? -13.284 4.968   -1.352  1.00 32.75 ? 308 HOH A O     1 
HETATM 1425 O O     . HOH D 3 .   ? -2.706  0.623   -14.929 1.00 34.38 ? 309 HOH A O     1 
HETATM 1426 O O     . HOH D 3 .   ? 11.680  -4.832  3.593   1.00 23.70 ? 310 HOH A O     1 
HETATM 1427 O O     . HOH D 3 .   ? 5.166   -3.965  13.607  1.00 31.74 ? 311 HOH A O     1 
HETATM 1428 O O     . HOH D 3 .   ? 15.561  -2.305  4.584   1.00 30.46 ? 312 HOH A O     1 
HETATM 1429 O O     . HOH D 3 .   ? 2.399   3.692   5.823   1.00 31.42 ? 313 HOH A O     1 
HETATM 1430 O O     . HOH D 3 .   ? -3.827  -16.056 1.764   1.00 33.53 ? 314 HOH A O     1 
HETATM 1431 O O     . HOH D 3 .   ? -0.775  -13.788 0.316   1.00 33.41 ? 315 HOH A O     1 
HETATM 1432 O O     . HOH D 3 .   ? -0.846  -0.316  9.416   1.00 39.64 ? 316 HOH A O     1 
HETATM 1433 O O     . HOH D 3 .   ? -0.466  -0.439  -1.463  1.00 29.69 ? 317 HOH A O     1 
HETATM 1434 O O     . HOH D 3 .   ? -12.227 -10.873 -8.423  1.00 32.42 ? 318 HOH A O     1 
HETATM 1435 O O     . HOH D 3 .   ? -0.999  -10.778 -5.255  1.00 29.46 ? 319 HOH A O     1 
HETATM 1436 O O     . HOH D 3 .   ? 6.561   -1.822  12.333  1.00 29.79 ? 320 HOH A O     1 
HETATM 1437 O O     . HOH D 3 .   ? -4.342  -14.394 14.536  1.00 37.18 ? 321 HOH A O     1 
HETATM 1438 O O     . HOH D 3 .   ? 21.020  1.973   3.685   1.00 37.01 ? 322 HOH A O     1 
HETATM 1439 O O     . HOH D 3 .   ? -7.244  -13.665 -10.961 1.00 36.81 ? 323 HOH A O     1 
HETATM 1440 O O     . HOH D 3 .   ? -4.325  -3.614  17.854  1.00 33.86 ? 324 HOH A O     1 
HETATM 1441 O O     . HOH D 3 .   ? -13.881 -11.367 8.134   1.00 40.04 ? 325 HOH A O     1 
HETATM 1442 O O     . HOH D 3 .   ? 9.502   3.793   17.288  1.00 45.66 ? 326 HOH A O     1 
HETATM 1443 O O     . HOH D 3 .   ? -6.373  -13.152 2.080   1.00 25.57 ? 327 HOH A O     1 
HETATM 1444 O O     . HOH D 3 .   ? -1.626  -4.445  15.276  1.00 28.63 ? 328 HOH A O     1 
HETATM 1445 O O     . HOH D 3 .   ? 0.208   -11.133 2.634   1.00 27.13 ? 329 HOH A O     1 
HETATM 1446 O O     . HOH D 3 .   ? -6.066  -9.929  -8.845  1.00 29.13 ? 330 HOH A O     1 
HETATM 1447 O O     . HOH D 3 .   ? -10.195 -9.822  12.725  1.00 35.19 ? 331 HOH A O     1 
HETATM 1448 O O     . HOH D 3 .   ? 13.727  -4.407  0.301   1.00 34.37 ? 332 HOH A O     1 
HETATM 1449 O O     . HOH D 3 .   ? -18.060 3.363   -0.212  1.00 31.69 ? 333 HOH A O     1 
HETATM 1450 O O     . HOH D 3 .   ? -6.861  -16.632 9.624   1.00 39.62 ? 334 HOH A O     1 
HETATM 1451 O O     . HOH D 3 .   ? 0.798   -9.490  0.263   1.00 24.61 ? 335 HOH A O     1 
HETATM 1452 O O     . HOH D 3 .   ? 0.261   -15.784 11.283  1.00 37.14 ? 336 HOH A O     1 
HETATM 1453 O O     . HOH D 3 .   ? 24.174  5.261   -6.322  1.00 34.69 ? 337 HOH A O     1 
HETATM 1454 O O     . HOH D 3 .   ? 0.472   8.140   -10.631 1.00 41.46 ? 338 HOH A O     1 
HETATM 1455 O O     . HOH D 3 .   ? 20.171  0.115   -3.478  1.00 40.09 ? 339 HOH A O     1 
HETATM 1456 O O     . HOH D 3 .   ? -16.933 7.206   -11.622 1.00 39.97 ? 340 HOH A O     1 
HETATM 1457 O O     . HOH D 3 .   ? 4.085   -13.280 12.320  1.00 35.87 ? 341 HOH A O     1 
HETATM 1458 O O     . HOH D 3 .   ? -0.460  -3.038  8.290   1.00 34.79 ? 342 HOH A O     1 
HETATM 1459 O O     . HOH D 3 .   ? 1.123   -0.209  18.132  1.00 31.04 ? 343 HOH A O     1 
HETATM 1460 O O     . HOH D 3 .   ? -17.868 1.775   2.031   1.00 37.85 ? 344 HOH A O     1 
HETATM 1461 O O     . HOH D 3 .   ? -8.092  -10.824 -10.024 1.00 41.51 ? 345 HOH A O     1 
HETATM 1462 O O     . HOH D 3 .   ? -0.577  -11.409 -1.105  1.00 30.88 ? 346 HOH A O     1 
HETATM 1463 O O     . HOH D 3 .   ? 1.637   2.501   16.809  1.00 44.85 ? 347 HOH A O     1 
HETATM 1464 O O     . HOH D 3 .   ? -2.645  -12.189 -6.705  1.00 33.04 ? 348 HOH A O     1 
HETATM 1465 O O     . HOH D 3 .   ? -7.870  -22.141 -7.361  1.00 28.51 ? 349 HOH A O     1 
HETATM 1466 O O     . HOH D 3 .   ? 14.281  -4.174  2.728   1.00 33.69 ? 350 HOH A O     1 
# 
loop_
_pdbx_poly_seq_scheme.asym_id 
_pdbx_poly_seq_scheme.entity_id 
_pdbx_poly_seq_scheme.seq_id 
_pdbx_poly_seq_scheme.mon_id 
_pdbx_poly_seq_scheme.ndb_seq_num 
_pdbx_poly_seq_scheme.pdb_seq_num 
_pdbx_poly_seq_scheme.auth_seq_num 
_pdbx_poly_seq_scheme.pdb_mon_id 
_pdbx_poly_seq_scheme.auth_mon_id 
_pdbx_poly_seq_scheme.pdb_strand_id 
_pdbx_poly_seq_scheme.pdb_ins_code 
_pdbx_poly_seq_scheme.hetero 
A 1 1   MET 1   1   ?   ?   ?   A . n 
A 1 2   ALA 2   2   2   ALA ALA A . n 
A 1 3   VAL 3   3   3   VAL VAL A . n 
A 1 4   PRO 4   4   4   PRO PRO A . n 
A 1 5   SER 5   5   5   SER SER A . n 
A 1 6   SER 6   6   6   SER SER A . n 
A 1 7   LYS 7   7   7   LYS LYS A . n 
A 1 8   GLU 8   8   8   GLU GLU A . n 
A 1 9   GLU 9   9   9   GLU GLU A . n 
A 1 10  LEU 10  10  10  LEU LEU A . n 
A 1 11  ILE 11  11  11  ILE ILE A . n 
A 1 12  LYS 12  12  12  LYS LYS A . n 
A 1 13  ALA 13  13  13  ALA ALA A . n 
A 1 14  ILE 14  14  14  ILE ILE A . n 
A 1 15  ASN 15  15  15  ASN ASN A . n 
A 1 16  SER 16  16  16  SER SER A . n 
A 1 17  ASN 17  17  17  ASN ASN A . n 
A 1 18  PHE 18  18  18  PHE PHE A . n 
A 1 19  SER 19  19  19  SER SER A . n 
A 1 20  LEU 20  20  20  LEU LEU A . n 
A 1 21  LEU 21  21  21  LEU LEU A . n 
A 1 22  ASN 22  22  22  ASN ASN A . n 
A 1 23  LYS 23  23  23  LYS LYS A . n 
A 1 24  LYS 24  24  24  LYS LYS A . n 
A 1 25  LEU 25  25  25  LEU LEU A . n 
A 1 26  GLU 26  26  26  GLU GLU A . n 
A 1 27  SER 27  27  27  SER SER A . n 
A 1 28  ILE 28  28  28  ILE ILE A . n 
A 1 29  THR 29  29  29  THR THR A . n 
A 1 30  PRO 30  30  30  PRO PRO A . n 
A 1 31  GLN 31  31  31  GLN GLN A . n 
A 1 32  LEU 32  32  32  LEU LEU A . n 
A 1 33  ALA 33  33  33  ALA ALA A . n 
A 1 34  PHE 34  34  34  PHE PHE A . n 
A 1 35  GLU 35  35  35  GLU GLU A . n 
A 1 36  PRO 36  36  36  PRO PRO A . n 
A 1 37  LEU 37  37  37  LEU LEU A . n 
A 1 38  LEU 38  38  38  LEU LEU A . n 
A 1 39  GLU 39  39  39  GLU GLU A . n 
A 1 40  GLY 40  40  40  GLY GLY A . n 
A 1 41  HIS 41  41  41  HIS HIS A . n 
A 1 42  ALA 42  42  42  ALA ALA A . n 
A 1 43  LYS 43  43  43  LYS LYS A . n 
A 1 44  GLY 44  44  44  GLY GLY A . n 
A 1 45  THR 45  45  45  THR THR A . n 
A 1 46  THR 46  46  46  THR THR A . n 
A 1 47  ILE 47  47  47  ILE ILE A . n 
A 1 48  SER 48  48  48  SER SER A . n 
A 1 49  VAL 49  49  49  VAL VAL A . n 
A 1 50  ALA 50  50  50  ALA ALA A . n 
A 1 51  ASN 51  51  51  ASN ASN A . n 
A 1 52  LEU 52  52  52  LEU LEU A . n 
A 1 53  VAL 53  53  53  VAL VAL A . n 
A 1 54  SER 54  54  54  SER SER A . n 
A 1 55  TYR 55  55  55  TYR TYR A . n 
A 1 56  LEU 56  56  56  LEU LEU A . n 
A 1 57  ILE 57  57  57  ILE ILE A . n 
A 1 58  GLY 58  58  58  GLY GLY A . n 
A 1 59  TRP 59  59  59  TRP TRP A . n 
A 1 60  GLY 60  60  60  GLY GLY A . n 
A 1 61  GLU 61  61  61  GLU GLU A . n 
A 1 62  LEU 62  62  62  LEU LEU A . n 
A 1 63  VAL 63  63  63  VAL VAL A . n 
A 1 64  LEU 64  64  64  LEU LEU A . n 
A 1 65  HIS 65  65  65  HIS HIS A . n 
A 1 66  TRP 66  66  66  TRP TRP A . n 
A 1 67  HIS 67  67  67  HIS HIS A . n 
A 1 68  ASP 68  68  68  ASP ASP A . n 
A 1 69  GLN 69  69  69  GLN GLN A . n 
A 1 70  GLU 70  70  70  GLU GLU A . n 
A 1 71  ALA 71  71  71  ALA ALA A . n 
A 1 72  LYS 72  72  72  LYS LYS A . n 
A 1 73  GLY 73  73  73  GLY GLY A . n 
A 1 74  LYS 74  74  74  LYS LYS A . n 
A 1 75  THR 75  75  75  THR THR A . n 
A 1 76  ILE 76  76  76  ILE ILE A . n 
A 1 77  ILE 77  77  77  ILE ILE A . n 
A 1 78  PHE 78  78  78  PHE PHE A . n 
A 1 79  PRO 79  79  79  PRO PRO A . n 
A 1 80  GLU 80  80  80  GLU GLU A . n 
A 1 81  GLU 81  81  81  GLU GLU A . n 
A 1 82  GLY 82  82  82  GLY GLY A . n 
A 1 83  PHE 83  83  83  PHE PHE A . n 
A 1 84  LYS 84  84  84  LYS LYS A . n 
A 1 85  TRP 85  85  85  TRP TRP A . n 
A 1 86  ASN 86  86  86  ASN ASN A . n 
A 1 87  GLU 87  87  87  GLU GLU A . n 
A 1 88  LEU 88  88  88  LEU LEU A . n 
A 1 89  GLY 89  89  89  GLY GLY A . n 
A 1 90  ARG 90  90  90  ARG ARG A . n 
A 1 91  LEU 91  91  91  LEU LEU A . n 
A 1 92  ALA 92  92  92  ALA ALA A . n 
A 1 93  GLN 93  93  93  GLN GLN A . n 
A 1 94  LYS 94  94  94  LYS LYS A . n 
A 1 95  PHE 95  95  95  PHE PHE A . n 
A 1 96  TYR 96  96  96  TYR TYR A . n 
A 1 97  ARG 97  97  97  ARG ARG A . n 
A 1 98  ASP 98  98  98  ASP ASP A . n 
A 1 99  TYR 99  99  99  TYR TYR A . n 
A 1 100 GLU 100 100 100 GLU GLU A . n 
A 1 101 ASP 101 101 101 ASP ASP A . n 
A 1 102 ILE 102 102 102 ILE ILE A . n 
A 1 103 THR 103 103 103 THR THR A . n 
A 1 104 GLU 104 104 104 GLU GLU A . n 
A 1 105 TYR 105 105 105 TYR TYR A . n 
A 1 106 GLU 106 106 106 GLU GLU A . n 
A 1 107 VAL 107 107 107 VAL VAL A . n 
A 1 108 LEU 108 108 108 LEU LEU A . n 
A 1 109 LEU 109 109 109 LEU LEU A . n 
A 1 110 ALA 110 110 110 ALA ALA A . n 
A 1 111 ARG 111 111 111 ARG ARG A . n 
A 1 112 LEU 112 112 112 LEU LEU A . n 
A 1 113 LYS 113 113 113 LYS LYS A . n 
A 1 114 GLU 114 114 114 GLU GLU A . n 
A 1 115 ASN 115 115 115 ASN ASN A . n 
A 1 116 LYS 116 116 116 LYS LYS A . n 
A 1 117 GLN 117 117 117 GLN GLN A . n 
A 1 118 GLN 118 118 118 GLN GLN A . n 
A 1 119 LEU 119 119 119 LEU LEU A . n 
A 1 120 VAL 120 120 120 VAL VAL A . n 
A 1 121 ALA 121 121 121 ALA ALA A . n 
A 1 122 LEU 122 122 122 LEU LEU A . n 
A 1 123 ILE 123 123 123 ILE ILE A . n 
A 1 124 GLU 124 124 124 GLU GLU A . n 
A 1 125 ARG 125 125 125 ARG ARG A . n 
A 1 126 PHE 126 126 126 PHE PHE A . n 
A 1 127 SER 127 127 127 SER SER A . n 
A 1 128 ASN 128 128 128 ASN ASN A . n 
A 1 129 ASP 129 129 129 ASP ASP A . n 
A 1 130 GLU 130 130 130 GLU GLU A . n 
A 1 131 LEU 131 131 131 LEU LEU A . n 
A 1 132 TYR 132 132 132 TYR TYR A . n 
A 1 133 GLY 133 133 133 GLY GLY A . n 
A 1 134 LYS 134 134 134 LYS LYS A . n 
A 1 135 PRO 135 135 135 PRO PRO A . n 
A 1 136 TRP 136 136 136 TRP TRP A . n 
A 1 137 TYR 137 137 137 TYR TYR A . n 
A 1 138 ASN 138 138 138 ASN ASN A . n 
A 1 139 LYS 139 139 139 LYS LYS A . n 
A 1 140 TRP 140 140 140 TRP TRP A . n 
A 1 141 THR 141 141 141 THR THR A . n 
A 1 142 ARG 142 142 142 ARG ARG A . n 
A 1 143 GLY 143 143 143 GLY GLY A . n 
A 1 144 ARG 144 144 144 ARG ARG A . n 
A 1 145 MET 145 145 145 MET MET A . n 
A 1 146 ILE 146 146 146 ILE ILE A . n 
A 1 147 GLN 147 147 147 GLN GLN A . n 
A 1 148 PHE 148 148 148 PHE PHE A . n 
A 1 149 ASN 149 149 149 ASN ASN A . n 
A 1 150 THR 150 150 150 THR THR A . n 
A 1 151 ALA 151 151 151 ALA ALA A . n 
A 1 152 SER 152 152 152 SER SER A . n 
A 1 153 PRO 153 153 153 PRO PRO A . n 
A 1 154 TYR 154 154 154 TYR TYR A . n 
A 1 155 LYS 155 155 155 LYS LYS A . n 
A 1 156 ASN 156 156 156 ASN ASN A . n 
A 1 157 ALA 157 157 157 ALA ALA A . n 
A 1 158 SER 158 158 158 SER SER A . n 
A 1 159 GLY 159 159 159 GLY GLY A . n 
A 1 160 ARG 160 160 160 ARG ARG A . n 
A 1 161 LEU 161 161 161 LEU LEU A . n 
A 1 162 ASN 162 162 162 ASN ASN A . n 
A 1 163 LYS 163 163 163 LYS LYS A . n 
A 1 164 LEU 164 164 164 LEU LEU A . n 
A 1 165 GLN 165 165 165 GLN GLN A . n 
A 1 166 LYS 166 166 166 LYS LYS A . n 
A 1 167 CYS 167 167 167 CYS CYS A . n 
A 1 168 LEU 168 168 168 LEU LEU A . n 
A 1 169 ALA 169 169 169 ALA ALA A . n 
A 1 170 GLU 170 170 170 GLU GLU A . n 
A 1 171 LEU 171 171 ?   ?   ?   A . n 
A 1 172 GLU 172 172 ?   ?   ?   A . n 
A 1 173 HIS 173 173 ?   ?   ?   A . n 
A 1 174 HIS 174 174 ?   ?   ?   A . n 
A 1 175 HIS 175 175 ?   ?   ?   A . n 
A 1 176 HIS 176 176 ?   ?   ?   A . n 
A 1 177 HIS 177 177 ?   ?   ?   A . n 
A 1 178 HIS 178 178 ?   ?   ?   A . n 
# 
loop_
_pdbx_nonpoly_scheme.asym_id 
_pdbx_nonpoly_scheme.entity_id 
_pdbx_nonpoly_scheme.mon_id 
_pdbx_nonpoly_scheme.ndb_seq_num 
_pdbx_nonpoly_scheme.pdb_seq_num 
_pdbx_nonpoly_scheme.auth_seq_num 
_pdbx_nonpoly_scheme.pdb_mon_id 
_pdbx_nonpoly_scheme.auth_mon_id 
_pdbx_nonpoly_scheme.pdb_strand_id 
_pdbx_nonpoly_scheme.pdb_ins_code 
B 2 NHE 1  201 217 NHE NHE A . 
C 2 NHE 1  202 218 NHE NHE A . 
D 3 HOH 1  301 26  HOH HOH A . 
D 3 HOH 2  302 13  HOH HOH A . 
D 3 HOH 3  303 8   HOH HOH A . 
D 3 HOH 4  304 18  HOH HOH A . 
D 3 HOH 5  305 89  HOH HOH A . 
D 3 HOH 6  306 24  HOH HOH A . 
D 3 HOH 7  307 4   HOH HOH A . 
D 3 HOH 8  308 10  HOH HOH A . 
D 3 HOH 9  309 42  HOH HOH A . 
D 3 HOH 10 310 1   HOH HOH A . 
D 3 HOH 11 311 39  HOH HOH A . 
D 3 HOH 12 312 22  HOH HOH A . 
D 3 HOH 13 313 3   HOH HOH A . 
D 3 HOH 14 314 93  HOH HOH A . 
D 3 HOH 15 315 92  HOH HOH A . 
D 3 HOH 16 316 49  HOH HOH A . 
D 3 HOH 17 317 27  HOH HOH A . 
D 3 HOH 18 318 98  HOH HOH A . 
D 3 HOH 19 319 90  HOH HOH A . 
D 3 HOH 20 320 19  HOH HOH A . 
D 3 HOH 21 321 57  HOH HOH A . 
D 3 HOH 22 322 85  HOH HOH A . 
D 3 HOH 23 323 100 HOH HOH A . 
D 3 HOH 24 324 12  HOH HOH A . 
D 3 HOH 25 325 97  HOH HOH A . 
D 3 HOH 26 326 35  HOH HOH A . 
D 3 HOH 27 327 7   HOH HOH A . 
D 3 HOH 28 328 5   HOH HOH A . 
D 3 HOH 29 329 88  HOH HOH A . 
D 3 HOH 30 330 86  HOH HOH A . 
D 3 HOH 31 331 96  HOH HOH A . 
D 3 HOH 32 332 14  HOH HOH A . 
D 3 HOH 33 333 31  HOH HOH A . 
D 3 HOH 34 334 95  HOH HOH A . 
D 3 HOH 35 335 87  HOH HOH A . 
D 3 HOH 36 336 17  HOH HOH A . 
D 3 HOH 37 337 29  HOH HOH A . 
D 3 HOH 38 338 55  HOH HOH A . 
D 3 HOH 39 339 46  HOH HOH A . 
D 3 HOH 40 340 52  HOH HOH A . 
D 3 HOH 41 341 54  HOH HOH A . 
D 3 HOH 42 342 74  HOH HOH A . 
D 3 HOH 43 343 15  HOH HOH A . 
D 3 HOH 44 344 34  HOH HOH A . 
D 3 HOH 45 345 99  HOH HOH A . 
D 3 HOH 46 346 91  HOH HOH A . 
D 3 HOH 47 347 47  HOH HOH A . 
D 3 HOH 48 348 94  HOH HOH A . 
D 3 HOH 49 349 28  HOH HOH A . 
D 3 HOH 50 350 59  HOH HOH A . 
# 
_pdbx_struct_assembly.id                   1 
_pdbx_struct_assembly.details              author_and_software_defined_assembly 
_pdbx_struct_assembly.method_details       PISA 
_pdbx_struct_assembly.oligomeric_details   monomeric 
_pdbx_struct_assembly.oligomeric_count     1 
# 
_pdbx_struct_assembly_gen.assembly_id       1 
_pdbx_struct_assembly_gen.oper_expression   1 
_pdbx_struct_assembly_gen.asym_id_list      A,B,C,D 
# 
_pdbx_struct_oper_list.id                   1 
_pdbx_struct_oper_list.type                 'identity operation' 
_pdbx_struct_oper_list.name                 1_555 
_pdbx_struct_oper_list.symmetry_operation   x,y,z 
_pdbx_struct_oper_list.matrix[1][1]         1.0000000000 
_pdbx_struct_oper_list.matrix[1][2]         0.0000000000 
_pdbx_struct_oper_list.matrix[1][3]         0.0000000000 
_pdbx_struct_oper_list.vector[1]            0.0000000000 
_pdbx_struct_oper_list.matrix[2][1]         0.0000000000 
_pdbx_struct_oper_list.matrix[2][2]         1.0000000000 
_pdbx_struct_oper_list.matrix[2][3]         0.0000000000 
_pdbx_struct_oper_list.vector[2]            0.0000000000 
_pdbx_struct_oper_list.matrix[3][1]         0.0000000000 
_pdbx_struct_oper_list.matrix[3][2]         0.0000000000 
_pdbx_struct_oper_list.matrix[3][3]         1.0000000000 
_pdbx_struct_oper_list.vector[3]            0.0000000000 
# 
loop_
_pdbx_audit_revision_history.ordinal 
_pdbx_audit_revision_history.data_content_type 
_pdbx_audit_revision_history.major_revision 
_pdbx_audit_revision_history.minor_revision 
_pdbx_audit_revision_history.revision_date 
1 'Structure model' 1 0 2021-05-26 
2 'Structure model' 1 1 2021-06-09 
3 'Structure model' 1 2 2023-10-18 
# 
_pdbx_audit_revision_details.ordinal             1 
_pdbx_audit_revision_details.revision_ordinal    1 
_pdbx_audit_revision_details.data_content_type   'Structure model' 
_pdbx_audit_revision_details.provider            repository 
_pdbx_audit_revision_details.type                'Initial release' 
_pdbx_audit_revision_details.description         ? 
_pdbx_audit_revision_details.details             ? 
# 
loop_
_pdbx_audit_revision_group.ordinal 
_pdbx_audit_revision_group.revision_ordinal 
_pdbx_audit_revision_group.data_content_type 
_pdbx_audit_revision_group.group 
1 2 'Structure model' 'Database references'    
2 3 'Structure model' 'Data collection'        
3 3 'Structure model' 'Database references'    
4 3 'Structure model' 'Refinement description' 
# 
loop_
_pdbx_audit_revision_category.ordinal 
_pdbx_audit_revision_category.revision_ordinal 
_pdbx_audit_revision_category.data_content_type 
_pdbx_audit_revision_category.category 
1 2 'Structure model' citation                      
2 2 'Structure model' citation_author               
3 3 'Structure model' chem_comp_atom                
4 3 'Structure model' chem_comp_bond                
5 3 'Structure model' database_2                    
6 3 'Structure model' pdbx_initial_refinement_model 
# 
loop_
_pdbx_audit_revision_item.ordinal 
_pdbx_audit_revision_item.revision_ordinal 
_pdbx_audit_revision_item.data_content_type 
_pdbx_audit_revision_item.item 
1 2 'Structure model' '_citation.journal_volume'            
2 2 'Structure model' '_citation.page_first'                
3 2 'Structure model' '_citation.page_last'                 
4 2 'Structure model' '_citation_author.identifier_ORCID'   
5 3 'Structure model' '_database_2.pdbx_DOI'                
6 3 'Structure model' '_database_2.pdbx_database_accession' 
# 
loop_
_software.citation_id 
_software.classification 
_software.compiler_name 
_software.compiler_version 
_software.contact_author 
_software.contact_author_email 
_software.date 
_software.description 
_software.dependencies 
_software.hardware 
_software.language 
_software.location 
_software.mods 
_software.name 
_software.os 
_software.os_version 
_software.type 
_software.version 
_software.pdbx_ordinal 
? refinement        ? ? ? ? ? ? ? ? ? ? ? PHENIX      ? ? ? 1.18.2-3874 1 
? 'data extraction' ? ? ? ? ? ? ? ? ? ? ? PDB_EXTRACT ? ? ? 3.27        2 
? 'data reduction'  ? ? ? ? ? ? ? ? ? ? ? XDS         ? ? ? .           3 
? 'data scaling'    ? ? ? ? ? ? ? ? ? ? ? Aimless     ? ? ? .           4 
? phasing           ? ? ? ? ? ? ? ? ? ? ? PHASER      ? ? ? .           5 
# 
_pdbx_entry_details.entry_id                 7MTT 
_pdbx_entry_details.has_ligand_of_interest   Y 
_pdbx_entry_details.compound_details         ? 
_pdbx_entry_details.source_details           ? 
_pdbx_entry_details.nonpolymer_details       ? 
_pdbx_entry_details.sequence_details         ? 
# 
loop_
_pdbx_validate_torsion.id 
_pdbx_validate_torsion.PDB_model_num 
_pdbx_validate_torsion.auth_comp_id 
_pdbx_validate_torsion.auth_asym_id 
_pdbx_validate_torsion.auth_seq_id 
_pdbx_validate_torsion.PDB_ins_code 
_pdbx_validate_torsion.label_alt_id 
_pdbx_validate_torsion.phi 
_pdbx_validate_torsion.psi 
1 1 TRP A 136 ? ? -129.98 -51.61  
2 1 ASN A 138 ? ? 46.51   -123.05 
3 1 THR A 150 ? ? -129.50 -85.27  
# 
loop_
_pdbx_unobs_or_zero_occ_residues.id 
_pdbx_unobs_or_zero_occ_residues.PDB_model_num 
_pdbx_unobs_or_zero_occ_residues.polymer_flag 
_pdbx_unobs_or_zero_occ_residues.occupancy_flag 
_pdbx_unobs_or_zero_occ_residues.auth_asym_id 
_pdbx_unobs_or_zero_occ_residues.auth_comp_id 
_pdbx_unobs_or_zero_occ_residues.auth_seq_id 
_pdbx_unobs_or_zero_occ_residues.PDB_ins_code 
_pdbx_unobs_or_zero_occ_residues.label_asym_id 
_pdbx_unobs_or_zero_occ_residues.label_comp_id 
_pdbx_unobs_or_zero_occ_residues.label_seq_id 
1 1 Y 1 A MET 1   ? A MET 1   
2 1 Y 1 A LEU 171 ? A LEU 171 
3 1 Y 1 A GLU 172 ? A GLU 172 
4 1 Y 1 A HIS 173 ? A HIS 173 
5 1 Y 1 A HIS 174 ? A HIS 174 
6 1 Y 1 A HIS 175 ? A HIS 175 
7 1 Y 1 A HIS 176 ? A HIS 176 
8 1 Y 1 A HIS 177 ? A HIS 177 
9 1 Y 1 A HIS 178 ? A HIS 178 
# 
loop_
_chem_comp_atom.comp_id 
_chem_comp_atom.atom_id 
_chem_comp_atom.type_symbol 
_chem_comp_atom.pdbx_aromatic_flag 
_chem_comp_atom.pdbx_stereo_config 
_chem_comp_atom.pdbx_ordinal 
ALA N      N N N 1   
ALA CA     C N S 2   
ALA C      C N N 3   
ALA O      O N N 4   
ALA CB     C N N 5   
ALA OXT    O N N 6   
ALA H      H N N 7   
ALA H2     H N N 8   
ALA HA     H N N 9   
ALA HB1    H N N 10  
ALA HB2    H N N 11  
ALA HB3    H N N 12  
ALA HXT    H N N 13  
ARG N      N N N 14  
ARG CA     C N S 15  
ARG C      C N N 16  
ARG O      O N N 17  
ARG CB     C N N 18  
ARG CG     C N N 19  
ARG CD     C N N 20  
ARG NE     N N N 21  
ARG CZ     C N N 22  
ARG NH1    N N N 23  
ARG NH2    N N N 24  
ARG OXT    O N N 25  
ARG H      H N N 26  
ARG H2     H N N 27  
ARG HA     H N N 28  
ARG HB2    H N N 29  
ARG HB3    H N N 30  
ARG HG2    H N N 31  
ARG HG3    H N N 32  
ARG HD2    H N N 33  
ARG HD3    H N N 34  
ARG HE     H N N 35  
ARG HH11   H N N 36  
ARG HH12   H N N 37  
ARG HH21   H N N 38  
ARG HH22   H N N 39  
ARG HXT    H N N 40  
ASN N      N N N 41  
ASN CA     C N S 42  
ASN C      C N N 43  
ASN O      O N N 44  
ASN CB     C N N 45  
ASN CG     C N N 46  
ASN OD1    O N N 47  
ASN ND2    N N N 48  
ASN OXT    O N N 49  
ASN H      H N N 50  
ASN H2     H N N 51  
ASN HA     H N N 52  
ASN HB2    H N N 53  
ASN HB3    H N N 54  
ASN HD21   H N N 55  
ASN HD22   H N N 56  
ASN HXT    H N N 57  
ASP N      N N N 58  
ASP CA     C N S 59  
ASP C      C N N 60  
ASP O      O N N 61  
ASP CB     C N N 62  
ASP CG     C N N 63  
ASP OD1    O N N 64  
ASP OD2    O N N 65  
ASP OXT    O N N 66  
ASP H      H N N 67  
ASP H2     H N N 68  
ASP HA     H N N 69  
ASP HB2    H N N 70  
ASP HB3    H N N 71  
ASP HD2    H N N 72  
ASP HXT    H N N 73  
CYS N      N N N 74  
CYS CA     C N R 75  
CYS C      C N N 76  
CYS O      O N N 77  
CYS CB     C N N 78  
CYS SG     S N N 79  
CYS OXT    O N N 80  
CYS H      H N N 81  
CYS H2     H N N 82  
CYS HA     H N N 83  
CYS HB2    H N N 84  
CYS HB3    H N N 85  
CYS HG     H N N 86  
CYS HXT    H N N 87  
GLN N      N N N 88  
GLN CA     C N S 89  
GLN C      C N N 90  
GLN O      O N N 91  
GLN CB     C N N 92  
GLN CG     C N N 93  
GLN CD     C N N 94  
GLN OE1    O N N 95  
GLN NE2    N N N 96  
GLN OXT    O N N 97  
GLN H      H N N 98  
GLN H2     H N N 99  
GLN HA     H N N 100 
GLN HB2    H N N 101 
GLN HB3    H N N 102 
GLN HG2    H N N 103 
GLN HG3    H N N 104 
GLN HE21   H N N 105 
GLN HE22   H N N 106 
GLN HXT    H N N 107 
GLU N      N N N 108 
GLU CA     C N S 109 
GLU C      C N N 110 
GLU O      O N N 111 
GLU CB     C N N 112 
GLU CG     C N N 113 
GLU CD     C N N 114 
GLU OE1    O N N 115 
GLU OE2    O N N 116 
GLU OXT    O N N 117 
GLU H      H N N 118 
GLU H2     H N N 119 
GLU HA     H N N 120 
GLU HB2    H N N 121 
GLU HB3    H N N 122 
GLU HG2    H N N 123 
GLU HG3    H N N 124 
GLU HE2    H N N 125 
GLU HXT    H N N 126 
GLY N      N N N 127 
GLY CA     C N N 128 
GLY C      C N N 129 
GLY O      O N N 130 
GLY OXT    O N N 131 
GLY H      H N N 132 
GLY H2     H N N 133 
GLY HA2    H N N 134 
GLY HA3    H N N 135 
GLY HXT    H N N 136 
HIS N      N N N 137 
HIS CA     C N S 138 
HIS C      C N N 139 
HIS O      O N N 140 
HIS CB     C N N 141 
HIS CG     C Y N 142 
HIS ND1    N Y N 143 
HIS CD2    C Y N 144 
HIS CE1    C Y N 145 
HIS NE2    N Y N 146 
HIS OXT    O N N 147 
HIS H      H N N 148 
HIS H2     H N N 149 
HIS HA     H N N 150 
HIS HB2    H N N 151 
HIS HB3    H N N 152 
HIS HD1    H N N 153 
HIS HD2    H N N 154 
HIS HE1    H N N 155 
HIS HE2    H N N 156 
HIS HXT    H N N 157 
HOH O      O N N 158 
HOH H1     H N N 159 
HOH H2     H N N 160 
ILE N      N N N 161 
ILE CA     C N S 162 
ILE C      C N N 163 
ILE O      O N N 164 
ILE CB     C N S 165 
ILE CG1    C N N 166 
ILE CG2    C N N 167 
ILE CD1    C N N 168 
ILE OXT    O N N 169 
ILE H      H N N 170 
ILE H2     H N N 171 
ILE HA     H N N 172 
ILE HB     H N N 173 
ILE HG12   H N N 174 
ILE HG13   H N N 175 
ILE HG21   H N N 176 
ILE HG22   H N N 177 
ILE HG23   H N N 178 
ILE HD11   H N N 179 
ILE HD12   H N N 180 
ILE HD13   H N N 181 
ILE HXT    H N N 182 
LEU N      N N N 183 
LEU CA     C N S 184 
LEU C      C N N 185 
LEU O      O N N 186 
LEU CB     C N N 187 
LEU CG     C N N 188 
LEU CD1    C N N 189 
LEU CD2    C N N 190 
LEU OXT    O N N 191 
LEU H      H N N 192 
LEU H2     H N N 193 
LEU HA     H N N 194 
LEU HB2    H N N 195 
LEU HB3    H N N 196 
LEU HG     H N N 197 
LEU HD11   H N N 198 
LEU HD12   H N N 199 
LEU HD13   H N N 200 
LEU HD21   H N N 201 
LEU HD22   H N N 202 
LEU HD23   H N N 203 
LEU HXT    H N N 204 
LYS N      N N N 205 
LYS CA     C N S 206 
LYS C      C N N 207 
LYS O      O N N 208 
LYS CB     C N N 209 
LYS CG     C N N 210 
LYS CD     C N N 211 
LYS CE     C N N 212 
LYS NZ     N N N 213 
LYS OXT    O N N 214 
LYS H      H N N 215 
LYS H2     H N N 216 
LYS HA     H N N 217 
LYS HB2    H N N 218 
LYS HB3    H N N 219 
LYS HG2    H N N 220 
LYS HG3    H N N 221 
LYS HD2    H N N 222 
LYS HD3    H N N 223 
LYS HE2    H N N 224 
LYS HE3    H N N 225 
LYS HZ1    H N N 226 
LYS HZ2    H N N 227 
LYS HZ3    H N N 228 
LYS HXT    H N N 229 
MET N      N N N 230 
MET CA     C N S 231 
MET C      C N N 232 
MET O      O N N 233 
MET CB     C N N 234 
MET CG     C N N 235 
MET SD     S N N 236 
MET CE     C N N 237 
MET OXT    O N N 238 
MET H      H N N 239 
MET H2     H N N 240 
MET HA     H N N 241 
MET HB2    H N N 242 
MET HB3    H N N 243 
MET HG2    H N N 244 
MET HG3    H N N 245 
MET HE1    H N N 246 
MET HE2    H N N 247 
MET HE3    H N N 248 
MET HXT    H N N 249 
NHE "C3'"  C N N 250 
NHE "C2'"  C N N 251 
NHE "C1'"  C N N 252 
NHE "C6'"  C N N 253 
NHE N      N N N 254 
NHE C1     C N N 255 
NHE C2     C N N 256 
NHE S      S N N 257 
NHE O1     O N N 258 
NHE O2     O N N 259 
NHE O3     O N N 260 
NHE "C5'"  C N N 261 
NHE "C4'"  C N N 262 
NHE "H3'1" H N N 263 
NHE "H3'2" H N N 264 
NHE "H2'1" H N N 265 
NHE "H2'2" H N N 266 
NHE "HC'1" H N N 267 
NHE "H6'1" H N N 268 
NHE "H6'2" H N N 269 
NHE HN     H N N 270 
NHE HC11   H N N 271 
NHE HC12   H N N 272 
NHE HC21   H N N 273 
NHE HC22   H N N 274 
NHE HO3    H N N 275 
NHE "H5'1" H N N 276 
NHE "H5'2" H N N 277 
NHE "H4'1" H N N 278 
NHE "H4'2" H N N 279 
PHE N      N N N 280 
PHE CA     C N S 281 
PHE C      C N N 282 
PHE O      O N N 283 
PHE CB     C N N 284 
PHE CG     C Y N 285 
PHE CD1    C Y N 286 
PHE CD2    C Y N 287 
PHE CE1    C Y N 288 
PHE CE2    C Y N 289 
PHE CZ     C Y N 290 
PHE OXT    O N N 291 
PHE H      H N N 292 
PHE H2     H N N 293 
PHE HA     H N N 294 
PHE HB2    H N N 295 
PHE HB3    H N N 296 
PHE HD1    H N N 297 
PHE HD2    H N N 298 
PHE HE1    H N N 299 
PHE HE2    H N N 300 
PHE HZ     H N N 301 
PHE HXT    H N N 302 
PRO N      N N N 303 
PRO CA     C N S 304 
PRO C      C N N 305 
PRO O      O N N 306 
PRO CB     C N N 307 
PRO CG     C N N 308 
PRO CD     C N N 309 
PRO OXT    O N N 310 
PRO H      H N N 311 
PRO HA     H N N 312 
PRO HB2    H N N 313 
PRO HB3    H N N 314 
PRO HG2    H N N 315 
PRO HG3    H N N 316 
PRO HD2    H N N 317 
PRO HD3    H N N 318 
PRO HXT    H N N 319 
SER N      N N N 320 
SER CA     C N S 321 
SER C      C N N 322 
SER O      O N N 323 
SER CB     C N N 324 
SER OG     O N N 325 
SER OXT    O N N 326 
SER H      H N N 327 
SER H2     H N N 328 
SER HA     H N N 329 
SER HB2    H N N 330 
SER HB3    H N N 331 
SER HG     H N N 332 
SER HXT    H N N 333 
THR N      N N N 334 
THR CA     C N S 335 
THR C      C N N 336 
THR O      O N N 337 
THR CB     C N R 338 
THR OG1    O N N 339 
THR CG2    C N N 340 
THR OXT    O N N 341 
THR H      H N N 342 
THR H2     H N N 343 
THR HA     H N N 344 
THR HB     H N N 345 
THR HG1    H N N 346 
THR HG21   H N N 347 
THR HG22   H N N 348 
THR HG23   H N N 349 
THR HXT    H N N 350 
TRP N      N N N 351 
TRP CA     C N S 352 
TRP C      C N N 353 
TRP O      O N N 354 
TRP CB     C N N 355 
TRP CG     C Y N 356 
TRP CD1    C Y N 357 
TRP CD2    C Y N 358 
TRP NE1    N Y N 359 
TRP CE2    C Y N 360 
TRP CE3    C Y N 361 
TRP CZ2    C Y N 362 
TRP CZ3    C Y N 363 
TRP CH2    C Y N 364 
TRP OXT    O N N 365 
TRP H      H N N 366 
TRP H2     H N N 367 
TRP HA     H N N 368 
TRP HB2    H N N 369 
TRP HB3    H N N 370 
TRP HD1    H N N 371 
TRP HE1    H N N 372 
TRP HE3    H N N 373 
TRP HZ2    H N N 374 
TRP HZ3    H N N 375 
TRP HH2    H N N 376 
TRP HXT    H N N 377 
TYR N      N N N 378 
TYR CA     C N S 379 
TYR C      C N N 380 
TYR O      O N N 381 
TYR CB     C N N 382 
TYR CG     C Y N 383 
TYR CD1    C Y N 384 
TYR CD2    C Y N 385 
TYR CE1    C Y N 386 
TYR CE2    C Y N 387 
TYR CZ     C Y N 388 
TYR OH     O N N 389 
TYR OXT    O N N 390 
TYR H      H N N 391 
TYR H2     H N N 392 
TYR HA     H N N 393 
TYR HB2    H N N 394 
TYR HB3    H N N 395 
TYR HD1    H N N 396 
TYR HD2    H N N 397 
TYR HE1    H N N 398 
TYR HE2    H N N 399 
TYR HH     H N N 400 
TYR HXT    H N N 401 
VAL N      N N N 402 
VAL CA     C N S 403 
VAL C      C N N 404 
VAL O      O N N 405 
VAL CB     C N N 406 
VAL CG1    C N N 407 
VAL CG2    C N N 408 
VAL OXT    O N N 409 
VAL H      H N N 410 
VAL H2     H N N 411 
VAL HA     H N N 412 
VAL HB     H N N 413 
VAL HG11   H N N 414 
VAL HG12   H N N 415 
VAL HG13   H N N 416 
VAL HG21   H N N 417 
VAL HG22   H N N 418 
VAL HG23   H N N 419 
VAL HXT    H N N 420 
# 
loop_
_chem_comp_bond.comp_id 
_chem_comp_bond.atom_id_1 
_chem_comp_bond.atom_id_2 
_chem_comp_bond.value_order 
_chem_comp_bond.pdbx_aromatic_flag 
_chem_comp_bond.pdbx_stereo_config 
_chem_comp_bond.pdbx_ordinal 
ALA N     CA     sing N N 1   
ALA N     H      sing N N 2   
ALA N     H2     sing N N 3   
ALA CA    C      sing N N 4   
ALA CA    CB     sing N N 5   
ALA CA    HA     sing N N 6   
ALA C     O      doub N N 7   
ALA C     OXT    sing N N 8   
ALA CB    HB1    sing N N 9   
ALA CB    HB2    sing N N 10  
ALA CB    HB3    sing N N 11  
ALA OXT   HXT    sing N N 12  
ARG N     CA     sing N N 13  
ARG N     H      sing N N 14  
ARG N     H2     sing N N 15  
ARG CA    C      sing N N 16  
ARG CA    CB     sing N N 17  
ARG CA    HA     sing N N 18  
ARG C     O      doub N N 19  
ARG C     OXT    sing N N 20  
ARG CB    CG     sing N N 21  
ARG CB    HB2    sing N N 22  
ARG CB    HB3    sing N N 23  
ARG CG    CD     sing N N 24  
ARG CG    HG2    sing N N 25  
ARG CG    HG3    sing N N 26  
ARG CD    NE     sing N N 27  
ARG CD    HD2    sing N N 28  
ARG CD    HD3    sing N N 29  
ARG NE    CZ     sing N N 30  
ARG NE    HE     sing N N 31  
ARG CZ    NH1    sing N N 32  
ARG CZ    NH2    doub N N 33  
ARG NH1   HH11   sing N N 34  
ARG NH1   HH12   sing N N 35  
ARG NH2   HH21   sing N N 36  
ARG NH2   HH22   sing N N 37  
ARG OXT   HXT    sing N N 38  
ASN N     CA     sing N N 39  
ASN N     H      sing N N 40  
ASN N     H2     sing N N 41  
ASN CA    C      sing N N 42  
ASN CA    CB     sing N N 43  
ASN CA    HA     sing N N 44  
ASN C     O      doub N N 45  
ASN C     OXT    sing N N 46  
ASN CB    CG     sing N N 47  
ASN CB    HB2    sing N N 48  
ASN CB    HB3    sing N N 49  
ASN CG    OD1    doub N N 50  
ASN CG    ND2    sing N N 51  
ASN ND2   HD21   sing N N 52  
ASN ND2   HD22   sing N N 53  
ASN OXT   HXT    sing N N 54  
ASP N     CA     sing N N 55  
ASP N     H      sing N N 56  
ASP N     H2     sing N N 57  
ASP CA    C      sing N N 58  
ASP CA    CB     sing N N 59  
ASP CA    HA     sing N N 60  
ASP C     O      doub N N 61  
ASP C     OXT    sing N N 62  
ASP CB    CG     sing N N 63  
ASP CB    HB2    sing N N 64  
ASP CB    HB3    sing N N 65  
ASP CG    OD1    doub N N 66  
ASP CG    OD2    sing N N 67  
ASP OD2   HD2    sing N N 68  
ASP OXT   HXT    sing N N 69  
CYS N     CA     sing N N 70  
CYS N     H      sing N N 71  
CYS N     H2     sing N N 72  
CYS CA    C      sing N N 73  
CYS CA    CB     sing N N 74  
CYS CA    HA     sing N N 75  
CYS C     O      doub N N 76  
CYS C     OXT    sing N N 77  
CYS CB    SG     sing N N 78  
CYS CB    HB2    sing N N 79  
CYS CB    HB3    sing N N 80  
CYS SG    HG     sing N N 81  
CYS OXT   HXT    sing N N 82  
GLN N     CA     sing N N 83  
GLN N     H      sing N N 84  
GLN N     H2     sing N N 85  
GLN CA    C      sing N N 86  
GLN CA    CB     sing N N 87  
GLN CA    HA     sing N N 88  
GLN C     O      doub N N 89  
GLN C     OXT    sing N N 90  
GLN CB    CG     sing N N 91  
GLN CB    HB2    sing N N 92  
GLN CB    HB3    sing N N 93  
GLN CG    CD     sing N N 94  
GLN CG    HG2    sing N N 95  
GLN CG    HG3    sing N N 96  
GLN CD    OE1    doub N N 97  
GLN CD    NE2    sing N N 98  
GLN NE2   HE21   sing N N 99  
GLN NE2   HE22   sing N N 100 
GLN OXT   HXT    sing N N 101 
GLU N     CA     sing N N 102 
GLU N     H      sing N N 103 
GLU N     H2     sing N N 104 
GLU CA    C      sing N N 105 
GLU CA    CB     sing N N 106 
GLU CA    HA     sing N N 107 
GLU C     O      doub N N 108 
GLU C     OXT    sing N N 109 
GLU CB    CG     sing N N 110 
GLU CB    HB2    sing N N 111 
GLU CB    HB3    sing N N 112 
GLU CG    CD     sing N N 113 
GLU CG    HG2    sing N N 114 
GLU CG    HG3    sing N N 115 
GLU CD    OE1    doub N N 116 
GLU CD    OE2    sing N N 117 
GLU OE2   HE2    sing N N 118 
GLU OXT   HXT    sing N N 119 
GLY N     CA     sing N N 120 
GLY N     H      sing N N 121 
GLY N     H2     sing N N 122 
GLY CA    C      sing N N 123 
GLY CA    HA2    sing N N 124 
GLY CA    HA3    sing N N 125 
GLY C     O      doub N N 126 
GLY C     OXT    sing N N 127 
GLY OXT   HXT    sing N N 128 
HIS N     CA     sing N N 129 
HIS N     H      sing N N 130 
HIS N     H2     sing N N 131 
HIS CA    C      sing N N 132 
HIS CA    CB     sing N N 133 
HIS CA    HA     sing N N 134 
HIS C     O      doub N N 135 
HIS C     OXT    sing N N 136 
HIS CB    CG     sing N N 137 
HIS CB    HB2    sing N N 138 
HIS CB    HB3    sing N N 139 
HIS CG    ND1    sing Y N 140 
HIS CG    CD2    doub Y N 141 
HIS ND1   CE1    doub Y N 142 
HIS ND1   HD1    sing N N 143 
HIS CD2   NE2    sing Y N 144 
HIS CD2   HD2    sing N N 145 
HIS CE1   NE2    sing Y N 146 
HIS CE1   HE1    sing N N 147 
HIS NE2   HE2    sing N N 148 
HIS OXT   HXT    sing N N 149 
HOH O     H1     sing N N 150 
HOH O     H2     sing N N 151 
ILE N     CA     sing N N 152 
ILE N     H      sing N N 153 
ILE N     H2     sing N N 154 
ILE CA    C      sing N N 155 
ILE CA    CB     sing N N 156 
ILE CA    HA     sing N N 157 
ILE C     O      doub N N 158 
ILE C     OXT    sing N N 159 
ILE CB    CG1    sing N N 160 
ILE CB    CG2    sing N N 161 
ILE CB    HB     sing N N 162 
ILE CG1   CD1    sing N N 163 
ILE CG1   HG12   sing N N 164 
ILE CG1   HG13   sing N N 165 
ILE CG2   HG21   sing N N 166 
ILE CG2   HG22   sing N N 167 
ILE CG2   HG23   sing N N 168 
ILE CD1   HD11   sing N N 169 
ILE CD1   HD12   sing N N 170 
ILE CD1   HD13   sing N N 171 
ILE OXT   HXT    sing N N 172 
LEU N     CA     sing N N 173 
LEU N     H      sing N N 174 
LEU N     H2     sing N N 175 
LEU CA    C      sing N N 176 
LEU CA    CB     sing N N 177 
LEU CA    HA     sing N N 178 
LEU C     O      doub N N 179 
LEU C     OXT    sing N N 180 
LEU CB    CG     sing N N 181 
LEU CB    HB2    sing N N 182 
LEU CB    HB3    sing N N 183 
LEU CG    CD1    sing N N 184 
LEU CG    CD2    sing N N 185 
LEU CG    HG     sing N N 186 
LEU CD1   HD11   sing N N 187 
LEU CD1   HD12   sing N N 188 
LEU CD1   HD13   sing N N 189 
LEU CD2   HD21   sing N N 190 
LEU CD2   HD22   sing N N 191 
LEU CD2   HD23   sing N N 192 
LEU OXT   HXT    sing N N 193 
LYS N     CA     sing N N 194 
LYS N     H      sing N N 195 
LYS N     H2     sing N N 196 
LYS CA    C      sing N N 197 
LYS CA    CB     sing N N 198 
LYS CA    HA     sing N N 199 
LYS C     O      doub N N 200 
LYS C     OXT    sing N N 201 
LYS CB    CG     sing N N 202 
LYS CB    HB2    sing N N 203 
LYS CB    HB3    sing N N 204 
LYS CG    CD     sing N N 205 
LYS CG    HG2    sing N N 206 
LYS CG    HG3    sing N N 207 
LYS CD    CE     sing N N 208 
LYS CD    HD2    sing N N 209 
LYS CD    HD3    sing N N 210 
LYS CE    NZ     sing N N 211 
LYS CE    HE2    sing N N 212 
LYS CE    HE3    sing N N 213 
LYS NZ    HZ1    sing N N 214 
LYS NZ    HZ2    sing N N 215 
LYS NZ    HZ3    sing N N 216 
LYS OXT   HXT    sing N N 217 
MET N     CA     sing N N 218 
MET N     H      sing N N 219 
MET N     H2     sing N N 220 
MET CA    C      sing N N 221 
MET CA    CB     sing N N 222 
MET CA    HA     sing N N 223 
MET C     O      doub N N 224 
MET C     OXT    sing N N 225 
MET CB    CG     sing N N 226 
MET CB    HB2    sing N N 227 
MET CB    HB3    sing N N 228 
MET CG    SD     sing N N 229 
MET CG    HG2    sing N N 230 
MET CG    HG3    sing N N 231 
MET SD    CE     sing N N 232 
MET CE    HE1    sing N N 233 
MET CE    HE2    sing N N 234 
MET CE    HE3    sing N N 235 
MET OXT   HXT    sing N N 236 
NHE "C3'" "C2'"  sing N N 237 
NHE "C3'" "C4'"  sing N N 238 
NHE "C3'" "H3'1" sing N N 239 
NHE "C3'" "H3'2" sing N N 240 
NHE "C2'" "C1'"  sing N N 241 
NHE "C2'" "H2'1" sing N N 242 
NHE "C2'" "H2'2" sing N N 243 
NHE "C1'" "C6'"  sing N N 244 
NHE "C1'" N      sing N N 245 
NHE "C1'" "HC'1" sing N N 246 
NHE "C6'" "C5'"  sing N N 247 
NHE "C6'" "H6'1" sing N N 248 
NHE "C6'" "H6'2" sing N N 249 
NHE N     C1     sing N N 250 
NHE N     HN     sing N N 251 
NHE C1    C2     sing N N 252 
NHE C1    HC11   sing N N 253 
NHE C1    HC12   sing N N 254 
NHE C2    S      sing N N 255 
NHE C2    HC21   sing N N 256 
NHE C2    HC22   sing N N 257 
NHE S     O1     doub N N 258 
NHE S     O2     doub N N 259 
NHE S     O3     sing N N 260 
NHE O3    HO3    sing N N 261 
NHE "C5'" "C4'"  sing N N 262 
NHE "C5'" "H5'1" sing N N 263 
NHE "C5'" "H5'2" sing N N 264 
NHE "C4'" "H4'1" sing N N 265 
NHE "C4'" "H4'2" sing N N 266 
PHE N     CA     sing N N 267 
PHE N     H      sing N N 268 
PHE N     H2     sing N N 269 
PHE CA    C      sing N N 270 
PHE CA    CB     sing N N 271 
PHE CA    HA     sing N N 272 
PHE C     O      doub N N 273 
PHE C     OXT    sing N N 274 
PHE CB    CG     sing N N 275 
PHE CB    HB2    sing N N 276 
PHE CB    HB3    sing N N 277 
PHE CG    CD1    doub Y N 278 
PHE CG    CD2    sing Y N 279 
PHE CD1   CE1    sing Y N 280 
PHE CD1   HD1    sing N N 281 
PHE CD2   CE2    doub Y N 282 
PHE CD2   HD2    sing N N 283 
PHE CE1   CZ     doub Y N 284 
PHE CE1   HE1    sing N N 285 
PHE CE2   CZ     sing Y N 286 
PHE CE2   HE2    sing N N 287 
PHE CZ    HZ     sing N N 288 
PHE OXT   HXT    sing N N 289 
PRO N     CA     sing N N 290 
PRO N     CD     sing N N 291 
PRO N     H      sing N N 292 
PRO CA    C      sing N N 293 
PRO CA    CB     sing N N 294 
PRO CA    HA     sing N N 295 
PRO C     O      doub N N 296 
PRO C     OXT    sing N N 297 
PRO CB    CG     sing N N 298 
PRO CB    HB2    sing N N 299 
PRO CB    HB3    sing N N 300 
PRO CG    CD     sing N N 301 
PRO CG    HG2    sing N N 302 
PRO CG    HG3    sing N N 303 
PRO CD    HD2    sing N N 304 
PRO CD    HD3    sing N N 305 
PRO OXT   HXT    sing N N 306 
SER N     CA     sing N N 307 
SER N     H      sing N N 308 
SER N     H2     sing N N 309 
SER CA    C      sing N N 310 
SER CA    CB     sing N N 311 
SER CA    HA     sing N N 312 
SER C     O      doub N N 313 
SER C     OXT    sing N N 314 
SER CB    OG     sing N N 315 
SER CB    HB2    sing N N 316 
SER CB    HB3    sing N N 317 
SER OG    HG     sing N N 318 
SER OXT   HXT    sing N N 319 
THR N     CA     sing N N 320 
THR N     H      sing N N 321 
THR N     H2     sing N N 322 
THR CA    C      sing N N 323 
THR CA    CB     sing N N 324 
THR CA    HA     sing N N 325 
THR C     O      doub N N 326 
THR C     OXT    sing N N 327 
THR CB    OG1    sing N N 328 
THR CB    CG2    sing N N 329 
THR CB    HB     sing N N 330 
THR OG1   HG1    sing N N 331 
THR CG2   HG21   sing N N 332 
THR CG2   HG22   sing N N 333 
THR CG2   HG23   sing N N 334 
THR OXT   HXT    sing N N 335 
TRP N     CA     sing N N 336 
TRP N     H      sing N N 337 
TRP N     H2     sing N N 338 
TRP CA    C      sing N N 339 
TRP CA    CB     sing N N 340 
TRP CA    HA     sing N N 341 
TRP C     O      doub N N 342 
TRP C     OXT    sing N N 343 
TRP CB    CG     sing N N 344 
TRP CB    HB2    sing N N 345 
TRP CB    HB3    sing N N 346 
TRP CG    CD1    doub Y N 347 
TRP CG    CD2    sing Y N 348 
TRP CD1   NE1    sing Y N 349 
TRP CD1   HD1    sing N N 350 
TRP CD2   CE2    doub Y N 351 
TRP CD2   CE3    sing Y N 352 
TRP NE1   CE2    sing Y N 353 
TRP NE1   HE1    sing N N 354 
TRP CE2   CZ2    sing Y N 355 
TRP CE3   CZ3    doub Y N 356 
TRP CE3   HE3    sing N N 357 
TRP CZ2   CH2    doub Y N 358 
TRP CZ2   HZ2    sing N N 359 
TRP CZ3   CH2    sing Y N 360 
TRP CZ3   HZ3    sing N N 361 
TRP CH2   HH2    sing N N 362 
TRP OXT   HXT    sing N N 363 
TYR N     CA     sing N N 364 
TYR N     H      sing N N 365 
TYR N     H2     sing N N 366 
TYR CA    C      sing N N 367 
TYR CA    CB     sing N N 368 
TYR CA    HA     sing N N 369 
TYR C     O      doub N N 370 
TYR C     OXT    sing N N 371 
TYR CB    CG     sing N N 372 
TYR CB    HB2    sing N N 373 
TYR CB    HB3    sing N N 374 
TYR CG    CD1    doub Y N 375 
TYR CG    CD2    sing Y N 376 
TYR CD1   CE1    sing Y N 377 
TYR CD1   HD1    sing N N 378 
TYR CD2   CE2    doub Y N 379 
TYR CD2   HD2    sing N N 380 
TYR CE1   CZ     doub Y N 381 
TYR CE1   HE1    sing N N 382 
TYR CE2   CZ     sing Y N 383 
TYR CE2   HE2    sing N N 384 
TYR CZ    OH     sing N N 385 
TYR OH    HH     sing N N 386 
TYR OXT   HXT    sing N N 387 
VAL N     CA     sing N N 388 
VAL N     H      sing N N 389 
VAL N     H2     sing N N 390 
VAL CA    C      sing N N 391 
VAL CA    CB     sing N N 392 
VAL CA    HA     sing N N 393 
VAL C     O      doub N N 394 
VAL C     OXT    sing N N 395 
VAL CB    CG1    sing N N 396 
VAL CB    CG2    sing N N 397 
VAL CB    HB     sing N N 398 
VAL CG1   HG11   sing N N 399 
VAL CG1   HG12   sing N N 400 
VAL CG1   HG13   sing N N 401 
VAL CG2   HG21   sing N N 402 
VAL CG2   HG22   sing N N 403 
VAL CG2   HG23   sing N N 404 
VAL OXT   HXT    sing N N 405 
# 
_pdbx_entity_instance_feature.ordinal        1 
_pdbx_entity_instance_feature.comp_id        NHE 
_pdbx_entity_instance_feature.asym_id        ? 
_pdbx_entity_instance_feature.seq_num        ? 
_pdbx_entity_instance_feature.auth_comp_id   NHE 
_pdbx_entity_instance_feature.auth_asym_id   ? 
_pdbx_entity_instance_feature.auth_seq_num   ? 
_pdbx_entity_instance_feature.feature_type   'SUBJECT OF INVESTIGATION' 
_pdbx_entity_instance_feature.details        ? 
# 
loop_
_pdbx_entity_nonpoly.entity_id 
_pdbx_entity_nonpoly.name 
_pdbx_entity_nonpoly.comp_id 
2 '2-[N-CYCLOHEXYLAMINO]ETHANE SULFONIC ACID' NHE 
3 water                                       HOH 
# 
_pdbx_initial_refinement_model.id               1 
_pdbx_initial_refinement_model.entity_id_list   ? 
_pdbx_initial_refinement_model.type             'experimental model' 
_pdbx_initial_refinement_model.source_name      PDB 
_pdbx_initial_refinement_model.accession_code   6ANR 
_pdbx_initial_refinement_model.details          ? 
# 
_pdbx_struct_assembly_auth_evidence.id                     1 
_pdbx_struct_assembly_auth_evidence.assembly_id            1 
_pdbx_struct_assembly_auth_evidence.experimental_support   'gel filtration' 
_pdbx_struct_assembly_auth_evidence.details                ? 
# 
